data_2A4F
# 
_entry.id   2A4F 
# 
_audit_conform.dict_name       mmcif_pdbx.dic 
_audit_conform.dict_version    5.387 
_audit_conform.dict_location   http://mmcif.pdb.org/dictionaries/ascii/mmcif_pdbx.dic 
# 
loop_
_database_2.database_id 
_database_2.database_code 
_database_2.pdbx_database_accession 
_database_2.pdbx_DOI 
PDB   2A4F         pdb_00002a4f 10.2210/pdb2a4f/pdb 
RCSB  RCSB033474   ?            ?                   
WWPDB D_1000033474 ?            ?                   
# 
loop_
_pdbx_audit_revision_history.ordinal 
_pdbx_audit_revision_history.data_content_type 
_pdbx_audit_revision_history.major_revision 
_pdbx_audit_revision_history.minor_revision 
_pdbx_audit_revision_history.revision_date 
1 'Structure model' 1 0 2005-09-20 
2 'Structure model' 1 1 2008-04-30 
3 'Structure model' 1 2 2011-07-13 
4 'Structure model' 1 3 2024-02-14 
# 
_pdbx_audit_revision_details.ordinal             1 
_pdbx_audit_revision_details.revision_ordinal    1 
_pdbx_audit_revision_details.data_content_type   'Structure model' 
_pdbx_audit_revision_details.provider            repository 
_pdbx_audit_revision_details.type                'Initial release' 
_pdbx_audit_revision_details.description         ? 
_pdbx_audit_revision_details.details             ? 
# 
loop_
_pdbx_audit_revision_group.ordinal 
_pdbx_audit_revision_group.revision_ordinal 
_pdbx_audit_revision_group.data_content_type 
_pdbx_audit_revision_group.group 
1 2 'Structure model' 'Version format compliance' 
2 3 'Structure model' 'Version format compliance' 
3 4 'Structure model' 'Data collection'           
4 4 'Structure model' 'Database references'       
5 4 'Structure model' 'Derived calculations'      
# 
loop_
_pdbx_audit_revision_category.ordinal 
_pdbx_audit_revision_category.revision_ordinal 
_pdbx_audit_revision_category.data_content_type 
_pdbx_audit_revision_category.category 
1 4 'Structure model' chem_comp_atom 
2 4 'Structure model' chem_comp_bond 
3 4 'Structure model' database_2     
4 4 'Structure model' struct_site    
# 
loop_
_pdbx_audit_revision_item.ordinal 
_pdbx_audit_revision_item.revision_ordinal 
_pdbx_audit_revision_item.data_content_type 
_pdbx_audit_revision_item.item 
1 4 'Structure model' '_database_2.pdbx_DOI'                
2 4 'Structure model' '_database_2.pdbx_database_accession' 
3 4 'Structure model' '_struct_site.pdbx_auth_asym_id'      
4 4 'Structure model' '_struct_site.pdbx_auth_comp_id'      
5 4 'Structure model' '_struct_site.pdbx_auth_seq_id'       
# 
_pdbx_database_status.status_code                     REL 
_pdbx_database_status.entry_id                        2A4F 
_pdbx_database_status.recvd_initial_deposition_date   2005-06-28 
_pdbx_database_status.deposit_site                    RCSB 
_pdbx_database_status.process_site                    RCSB 
_pdbx_database_status.status_code_sf                  ? 
_pdbx_database_status.status_code_mr                  ? 
_pdbx_database_status.SG_entry                        ? 
_pdbx_database_status.pdb_format_compatible           Y 
_pdbx_database_status.status_code_cs                  ? 
_pdbx_database_status.status_code_nmr_data            ? 
_pdbx_database_status.methods_development_category    ? 
# 
_pdbx_database_related.db_name        PDB 
_pdbx_database_related.db_id          1YT9 
_pdbx_database_related.details        'HIV Protease With Oximinoarylsulfonamide Bound' 
_pdbx_database_related.content_type   unspecified 
# 
loop_
_audit_author.name 
_audit_author.pdbx_ordinal 
'Zhao, C.'        1  
'Sham, H.'        2  
'Sun, M.'         3  
'Lin, S.'         4  
'Stoll, V.'       5  
'Stewart, K.D.'   6  
'Mo, H.'          7  
'Vasavanonda, S.' 8  
'Saldivar, A.'    9  
'McDonald, E.'    10 
# 
_citation.id                        primary 
_citation.title                     
;Synthesis and activity of N-acyl azacyclic urea HIV-1 protease inhibitors with high potency against multiple drug resistant viral strains
;
_citation.journal_abbrev            Bioorg.Med.Chem.Lett. 
_citation.journal_volume            15 
_citation.page_first                5499 
_citation.page_last                 5503 
_citation.year                      2005 
_citation.journal_id_ASTM           BMCLE8 
_citation.country                   UK 
_citation.journal_id_ISSN           0960-894X 
_citation.journal_id_CSD            1127 
_citation.book_publisher            ? 
_citation.pdbx_database_id_PubMed   16203141 
_citation.pdbx_database_id_DOI      10.1016/j.bmcl.2005.08.093 
# 
loop_
_citation_author.citation_id 
_citation_author.name 
_citation_author.ordinal 
_citation_author.identifier_ORCID 
primary 'Zhao, C.'        1  ? 
primary 'Sham, H.L.'      2  ? 
primary 'Sun, M.'         3  ? 
primary 'Stoll, V.S.'     4  ? 
primary 'Stewart, K.D.'   5  ? 
primary 'Lin, S.'         6  ? 
primary 'Mo, H.'          7  ? 
primary 'Vasavanonda, S.' 8  ? 
primary 'Saldivar, A.'    9  ? 
primary 'Park, C.'        10 ? 
primary 'McDonald, E.J.'  11 ? 
primary 'Marsh, K.C.'     12 ? 
primary 'Klein, L.L.'     13 ? 
primary 'Kempf, D.J.'     14 ? 
primary 'Norbeck, D.W.'   15 ? 
# 
loop_
_entity.id 
_entity.type 
_entity.src_method 
_entity.pdbx_description 
_entity.formula_weight 
_entity.pdbx_number_of_molecules 
_entity.pdbx_ec 
_entity.pdbx_mutation 
_entity.pdbx_fragment 
_entity.details 
1 polymer     man 'Pol polyprotein' 10803.756 2  3.4.23.16 ? 'HIV protease' ? 
2 non-polymer syn 
'(5R,6R)-5-BENZYL-6-HYDROXY-2,4-BIS(4-HYDROXY-3-METHOXYBENZYL)-1-[3-(4-HYDROXYPHENYL)PROPANOYL]-1,2,4-TRIAZEPAN-3-ONE' 641.710   1 
?         ? ?              ? 
3 water       nat water 18.015    84 ?         ? ?              ? 
# 
_entity_poly.entity_id                      1 
_entity_poly.type                           'polypeptide(L)' 
_entity_poly.nstd_linkage                   no 
_entity_poly.nstd_monomer                   no 
_entity_poly.pdbx_seq_one_letter_code       
;PQITLWQRPLVTIKIGGQLKEALLDTGADDTVLEEMSLPGRWKPKMIGGIGGFIKVRQYDQILIEICGHKAIGTVLVGPT
PVNIIGRNLLTQIGCTLNF
;
_entity_poly.pdbx_seq_one_letter_code_can   
;PQITLWQRPLVTIKIGGQLKEALLDTGADDTVLEEMSLPGRWKPKMIGGIGGFIKVRQYDQILIEICGHKAIGTVLVGPT
PVNIIGRNLLTQIGCTLNF
;
_entity_poly.pdbx_strand_id                 A,B 
_entity_poly.pdbx_target_identifier         ? 
# 
loop_
_pdbx_entity_nonpoly.entity_id 
_pdbx_entity_nonpoly.name 
_pdbx_entity_nonpoly.comp_id 
2 '(5R,6R)-5-BENZYL-6-HYDROXY-2,4-BIS(4-HYDROXY-3-METHOXYBENZYL)-1-[3-(4-HYDROXYPHENYL)PROPANOYL]-1,2,4-TRIAZEPAN-3-ONE' AAU 
3 water                                                                                                                  HOH 
# 
loop_
_entity_poly_seq.entity_id 
_entity_poly_seq.num 
_entity_poly_seq.mon_id 
_entity_poly_seq.hetero 
1 1  PRO n 
1 2  GLN n 
1 3  ILE n 
1 4  THR n 
1 5  LEU n 
1 6  TRP n 
1 7  GLN n 
1 8  ARG n 
1 9  PRO n 
1 10 LEU n 
1 11 VAL n 
1 12 THR n 
1 13 ILE n 
1 14 LYS n 
1 15 ILE n 
1 16 GLY n 
1 17 GLY n 
1 18 GLN n 
1 19 LEU n 
1 20 LYS n 
1 21 GLU n 
1 22 ALA n 
1 23 LEU n 
1 24 LEU n 
1 25 ASP n 
1 26 THR n 
1 27 GLY n 
1 28 ALA n 
1 29 ASP n 
1 30 ASP n 
1 31 THR n 
1 32 VAL n 
1 33 LEU n 
1 34 GLU n 
1 35 GLU n 
1 36 MET n 
1 37 SER n 
1 38 LEU n 
1 39 PRO n 
1 40 GLY n 
1 41 ARG n 
1 42 TRP n 
1 43 LYS n 
1 44 PRO n 
1 45 LYS n 
1 46 MET n 
1 47 ILE n 
1 48 GLY n 
1 49 GLY n 
1 50 ILE n 
1 51 GLY n 
1 52 GLY n 
1 53 PHE n 
1 54 ILE n 
1 55 LYS n 
1 56 VAL n 
1 57 ARG n 
1 58 GLN n 
1 59 TYR n 
1 60 ASP n 
1 61 GLN n 
1 62 ILE n 
1 63 LEU n 
1 64 ILE n 
1 65 GLU n 
1 66 ILE n 
1 67 CYS n 
1 68 GLY n 
1 69 HIS n 
1 70 LYS n 
1 71 ALA n 
1 72 ILE n 
1 73 GLY n 
1 74 THR n 
1 75 VAL n 
1 76 LEU n 
1 77 VAL n 
1 78 GLY n 
1 79 PRO n 
1 80 THR n 
1 81 PRO n 
1 82 VAL n 
1 83 ASN n 
1 84 ILE n 
1 85 ILE n 
1 86 GLY n 
1 87 ARG n 
1 88 ASN n 
1 89 LEU n 
1 90 LEU n 
1 91 THR n 
1 92 GLN n 
1 93 ILE n 
1 94 GLY n 
1 95 CYS n 
1 96 THR n 
1 97 LEU n 
1 98 ASN n 
1 99 PHE n 
# 
_entity_src_gen.entity_id                          1 
_entity_src_gen.pdbx_src_id                        1 
_entity_src_gen.pdbx_alt_source_flag               sample 
_entity_src_gen.pdbx_seq_type                      ? 
_entity_src_gen.pdbx_beg_seq_num                   ? 
_entity_src_gen.pdbx_end_seq_num                   ? 
_entity_src_gen.gene_src_common_name               ? 
_entity_src_gen.gene_src_genus                     Lentivirus 
_entity_src_gen.pdbx_gene_src_gene                 POL 
_entity_src_gen.gene_src_species                   ? 
_entity_src_gen.gene_src_strain                    ? 
_entity_src_gen.gene_src_tissue                    ? 
_entity_src_gen.gene_src_tissue_fraction           ? 
_entity_src_gen.gene_src_details                   ? 
_entity_src_gen.pdbx_gene_src_fragment             ? 
_entity_src_gen.pdbx_gene_src_scientific_name      'Human immunodeficiency virus 1' 
_entity_src_gen.pdbx_gene_src_ncbi_taxonomy_id     11676 
_entity_src_gen.pdbx_gene_src_variant              ? 
_entity_src_gen.pdbx_gene_src_cell_line            ? 
_entity_src_gen.pdbx_gene_src_atcc                 ? 
_entity_src_gen.pdbx_gene_src_organ                ? 
_entity_src_gen.pdbx_gene_src_organelle            ? 
_entity_src_gen.pdbx_gene_src_cell                 ? 
_entity_src_gen.pdbx_gene_src_cellular_location    ? 
_entity_src_gen.host_org_common_name               ? 
_entity_src_gen.pdbx_host_org_scientific_name      'Escherichia coli' 
_entity_src_gen.pdbx_host_org_ncbi_taxonomy_id     562 
_entity_src_gen.host_org_genus                     Escherichia 
_entity_src_gen.pdbx_host_org_gene                 ? 
_entity_src_gen.pdbx_host_org_organ                ? 
_entity_src_gen.host_org_species                   ? 
_entity_src_gen.pdbx_host_org_tissue               ? 
_entity_src_gen.pdbx_host_org_tissue_fraction      ? 
_entity_src_gen.pdbx_host_org_strain               ? 
_entity_src_gen.pdbx_host_org_variant              ? 
_entity_src_gen.pdbx_host_org_cell_line            ? 
_entity_src_gen.pdbx_host_org_atcc                 ? 
_entity_src_gen.pdbx_host_org_culture_collection   ? 
_entity_src_gen.pdbx_host_org_cell                 ? 
_entity_src_gen.pdbx_host_org_organelle            ? 
_entity_src_gen.pdbx_host_org_cellular_location    ? 
_entity_src_gen.pdbx_host_org_vector_type          ? 
_entity_src_gen.pdbx_host_org_vector               ? 
_entity_src_gen.host_org_details                   ? 
_entity_src_gen.expression_system_id               ? 
_entity_src_gen.plasmid_name                       ? 
_entity_src_gen.plasmid_details                    ? 
_entity_src_gen.pdbx_description                   ? 
# 
loop_
_chem_comp.id 
_chem_comp.type 
_chem_comp.mon_nstd_flag 
_chem_comp.name 
_chem_comp.pdbx_synonyms 
_chem_comp.formula 
_chem_comp.formula_weight 
AAU non-polymer         . 
'(5R,6R)-5-BENZYL-6-HYDROXY-2,4-BIS(4-HYDROXY-3-METHOXYBENZYL)-1-[3-(4-HYDROXYPHENYL)PROPANOYL]-1,2,4-TRIAZEPAN-3-ONE' ? 
'C36 H39 N3 O8'  641.710 
ALA 'L-peptide linking' y ALANINE ? 'C3 H7 N O2'     89.093  
ARG 'L-peptide linking' y ARGININE ? 'C6 H15 N4 O2 1' 175.209 
ASN 'L-peptide linking' y ASPARAGINE ? 'C4 H8 N2 O3'    132.118 
ASP 'L-peptide linking' y 'ASPARTIC ACID' ? 'C4 H7 N O4'     133.103 
CYS 'L-peptide linking' y CYSTEINE ? 'C3 H7 N O2 S'   121.158 
GLN 'L-peptide linking' y GLUTAMINE ? 'C5 H10 N2 O3'   146.144 
GLU 'L-peptide linking' y 'GLUTAMIC ACID' ? 'C5 H9 N O4'     147.129 
GLY 'peptide linking'   y GLYCINE ? 'C2 H5 N O2'     75.067  
HIS 'L-peptide linking' y HISTIDINE ? 'C6 H10 N3 O2 1' 156.162 
HOH non-polymer         . WATER ? 'H2 O'           18.015  
ILE 'L-peptide linking' y ISOLEUCINE ? 'C6 H13 N O2'    131.173 
LEU 'L-peptide linking' y LEUCINE ? 'C6 H13 N O2'    131.173 
LYS 'L-peptide linking' y LYSINE ? 'C6 H15 N2 O2 1' 147.195 
MET 'L-peptide linking' y METHIONINE ? 'C5 H11 N O2 S'  149.211 
PHE 'L-peptide linking' y PHENYLALANINE ? 'C9 H11 N O2'    165.189 
PRO 'L-peptide linking' y PROLINE ? 'C5 H9 N O2'     115.130 
SER 'L-peptide linking' y SERINE ? 'C3 H7 N O3'     105.093 
THR 'L-peptide linking' y THREONINE ? 'C4 H9 N O3'     119.119 
TRP 'L-peptide linking' y TRYPTOPHAN ? 'C11 H12 N2 O2'  204.225 
TYR 'L-peptide linking' y TYROSINE ? 'C9 H11 N O3'    181.189 
VAL 'L-peptide linking' y VALINE ? 'C5 H11 N O2'    117.146 
# 
loop_
_pdbx_poly_seq_scheme.asym_id 
_pdbx_poly_seq_scheme.entity_id 
_pdbx_poly_seq_scheme.seq_id 
_pdbx_poly_seq_scheme.mon_id 
_pdbx_poly_seq_scheme.ndb_seq_num 
_pdbx_poly_seq_scheme.pdb_seq_num 
_pdbx_poly_seq_scheme.auth_seq_num 
_pdbx_poly_seq_scheme.pdb_mon_id 
_pdbx_poly_seq_scheme.auth_mon_id 
_pdbx_poly_seq_scheme.pdb_strand_id 
_pdbx_poly_seq_scheme.pdb_ins_code 
_pdbx_poly_seq_scheme.hetero 
A 1 1  PRO 1  1  1  PRO PRO A . n 
A 1 2  GLN 2  2  2  GLN GLN A . n 
A 1 3  ILE 3  3  3  ILE ILE A . n 
A 1 4  THR 4  4  4  THR THR A . n 
A 1 5  LEU 5  5  5  LEU LEU A . n 
A 1 6  TRP 6  6  6  TRP TRP A . n 
A 1 7  GLN 7  7  7  GLN GLN A . n 
A 1 8  ARG 8  8  8  ARG ARG A . n 
A 1 9  PRO 9  9  9  PRO PRO A . n 
A 1 10 LEU 10 10 10 LEU LEU A . n 
A 1 11 VAL 11 11 11 VAL VAL A . n 
A 1 12 THR 12 12 12 THR THR A . n 
A 1 13 ILE 13 13 13 ILE ILE A . n 
A 1 14 LYS 14 14 14 LYS LYS A . n 
A 1 15 ILE 15 15 15 ILE ILE A . n 
A 1 16 GLY 16 16 16 GLY GLY A . n 
A 1 17 GLY 17 17 17 GLY GLY A . n 
A 1 18 GLN 18 18 18 GLN GLN A . n 
A 1 19 LEU 19 19 19 LEU LEU A . n 
A 1 20 LYS 20 20 20 LYS LYS A . n 
A 1 21 GLU 21 21 21 GLU GLU A . n 
A 1 22 ALA 22 22 22 ALA ALA A . n 
A 1 23 LEU 23 23 23 LEU LEU A . n 
A 1 24 LEU 24 24 24 LEU LEU A . n 
A 1 25 ASP 25 25 25 ASP ASP A . n 
A 1 26 THR 26 26 26 THR THR A . n 
A 1 27 GLY 27 27 27 GLY GLY A . n 
A 1 28 ALA 28 28 28 ALA ALA A . n 
A 1 29 ASP 29 29 29 ASP ASP A . n 
A 1 30 ASP 30 30 30 ASP ASP A . n 
A 1 31 THR 31 31 31 THR THR A . n 
A 1 32 VAL 32 32 32 VAL VAL A . n 
A 1 33 LEU 33 33 33 LEU LEU A . n 
A 1 34 GLU 34 34 34 GLU GLU A . n 
A 1 35 GLU 35 35 35 GLU GLU A . n 
A 1 36 MET 36 36 36 MET MET A . n 
A 1 37 SER 37 37 37 SER SER A . n 
A 1 38 LEU 38 38 38 LEU LEU A . n 
A 1 39 PRO 39 39 39 PRO PRO A . n 
A 1 40 GLY 40 40 40 GLY GLY A . n 
A 1 41 ARG 41 41 41 ARG ARG A . n 
A 1 42 TRP 42 42 42 TRP TRP A . n 
A 1 43 LYS 43 43 43 LYS LYS A . n 
A 1 44 PRO 44 44 44 PRO PRO A . n 
A 1 45 LYS 45 45 45 LYS LYS A . n 
A 1 46 MET 46 46 46 MET MET A . n 
A 1 47 ILE 47 47 47 ILE ILE A . n 
A 1 48 GLY 48 48 48 GLY GLY A . n 
A 1 49 GLY 49 49 49 GLY GLY A . n 
A 1 50 ILE 50 50 50 ILE ILE A . n 
A 1 51 GLY 51 51 51 GLY GLY A . n 
A 1 52 GLY 52 52 52 GLY GLY A . n 
A 1 53 PHE 53 53 53 PHE PHE A . n 
A 1 54 ILE 54 54 54 ILE ILE A . n 
A 1 55 LYS 55 55 55 LYS LYS A . n 
A 1 56 VAL 56 56 56 VAL VAL A . n 
A 1 57 ARG 57 57 57 ARG ARG A . n 
A 1 58 GLN 58 58 58 GLN GLN A . n 
A 1 59 TYR 59 59 59 TYR TYR A . n 
A 1 60 ASP 60 60 60 ASP ASP A . n 
A 1 61 GLN 61 61 61 GLN GLN A . n 
A 1 62 ILE 62 62 62 ILE ILE A . n 
A 1 63 LEU 63 63 63 LEU LEU A . n 
A 1 64 ILE 64 64 64 ILE ILE A . n 
A 1 65 GLU 65 65 65 GLU GLU A . n 
A 1 66 ILE 66 66 66 ILE ILE A . n 
A 1 67 CYS 67 67 67 CYS CYS A . n 
A 1 68 GLY 68 68 68 GLY GLY A . n 
A 1 69 HIS 69 69 69 HIS HIS A . n 
A 1 70 LYS 70 70 70 LYS LYS A . n 
A 1 71 ALA 71 71 71 ALA ALA A . n 
A 1 72 ILE 72 72 72 ILE ILE A . n 
A 1 73 GLY 73 73 73 GLY GLY A . n 
A 1 74 THR 74 74 74 THR THR A . n 
A 1 75 VAL 75 75 75 VAL VAL A . n 
A 1 76 LEU 76 76 76 LEU LEU A . n 
A 1 77 VAL 77 77 77 VAL VAL A . n 
A 1 78 GLY 78 78 78 GLY GLY A . n 
A 1 79 PRO 79 79 79 PRO PRO A . n 
A 1 80 THR 80 80 80 THR THR A . n 
A 1 81 PRO 81 81 81 PRO PRO A . n 
A 1 82 VAL 82 82 82 VAL VAL A . n 
A 1 83 ASN 83 83 83 ASN ASN A . n 
A 1 84 ILE 84 84 84 ILE ILE A . n 
A 1 85 ILE 85 85 85 ILE ILE A . n 
A 1 86 GLY 86 86 86 GLY GLY A . n 
A 1 87 ARG 87 87 87 ARG ARG A . n 
A 1 88 ASN 88 88 88 ASN ASN A . n 
A 1 89 LEU 89 89 89 LEU LEU A . n 
A 1 90 LEU 90 90 90 LEU LEU A . n 
A 1 91 THR 91 91 91 THR THR A . n 
A 1 92 GLN 92 92 92 GLN GLN A . n 
A 1 93 ILE 93 93 93 ILE ILE A . n 
A 1 94 GLY 94 94 94 GLY GLY A . n 
A 1 95 CYS 95 95 95 CYS CYS A . n 
A 1 96 THR 96 96 96 THR THR A . n 
A 1 97 LEU 97 97 97 LEU LEU A . n 
A 1 98 ASN 98 98 98 ASN ASN A . n 
A 1 99 PHE 99 99 99 PHE PHE A . n 
B 1 1  PRO 1  1  1  PRO PRO B . n 
B 1 2  GLN 2  2  2  GLN GLN B . n 
B 1 3  ILE 3  3  3  ILE ILE B . n 
B 1 4  THR 4  4  4  THR THR B . n 
B 1 5  LEU 5  5  5  LEU LEU B . n 
B 1 6  TRP 6  6  6  TRP TRP B . n 
B 1 7  GLN 7  7  7  GLN GLN B . n 
B 1 8  ARG 8  8  8  ARG ARG B . n 
B 1 9  PRO 9  9  9  PRO PRO B . n 
B 1 10 LEU 10 10 10 LEU LEU B . n 
B 1 11 VAL 11 11 11 VAL VAL B . n 
B 1 12 THR 12 12 12 THR THR B . n 
B 1 13 ILE 13 13 13 ILE ILE B . n 
B 1 14 LYS 14 14 14 LYS LYS B . n 
B 1 15 ILE 15 15 15 ILE ILE B . n 
B 1 16 GLY 16 16 16 GLY GLY B . n 
B 1 17 GLY 17 17 17 GLY GLY B . n 
B 1 18 GLN 18 18 18 GLN GLN B . n 
B 1 19 LEU 19 19 19 LEU LEU B . n 
B 1 20 LYS 20 20 20 LYS LYS B . n 
B 1 21 GLU 21 21 21 GLU GLU B . n 
B 1 22 ALA 22 22 22 ALA ALA B . n 
B 1 23 LEU 23 23 23 LEU LEU B . n 
B 1 24 LEU 24 24 24 LEU LEU B . n 
B 1 25 ASP 25 25 25 ASP ASP B . n 
B 1 26 THR 26 26 26 THR THR B . n 
B 1 27 GLY 27 27 27 GLY GLY B . n 
B 1 28 ALA 28 28 28 ALA ALA B . n 
B 1 29 ASP 29 29 29 ASP ASP B . n 
B 1 30 ASP 30 30 30 ASP ASP B . n 
B 1 31 THR 31 31 31 THR THR B . n 
B 1 32 VAL 32 32 32 VAL VAL B . n 
B 1 33 LEU 33 33 33 LEU LEU B . n 
B 1 34 GLU 34 34 34 GLU GLU B . n 
B 1 35 GLU 35 35 35 GLU GLU B . n 
B 1 36 MET 36 36 36 MET MET B . n 
B 1 37 SER 37 37 37 SER SER B . n 
B 1 38 LEU 38 38 38 LEU LEU B . n 
B 1 39 PRO 39 39 39 PRO PRO B . n 
B 1 40 GLY 40 40 40 GLY GLY B . n 
B 1 41 ARG 41 41 41 ARG ARG B . n 
B 1 42 TRP 42 42 42 TRP TRP B . n 
B 1 43 LYS 43 43 43 LYS LYS B . n 
B 1 44 PRO 44 44 44 PRO PRO B . n 
B 1 45 LYS 45 45 45 LYS LYS B . n 
B 1 46 MET 46 46 46 MET MET B . n 
B 1 47 ILE 47 47 47 ILE ILE B . n 
B 1 48 GLY 48 48 48 GLY GLY B . n 
B 1 49 GLY 49 49 49 GLY GLY B . n 
B 1 50 ILE 50 50 50 ILE ILE B . n 
B 1 51 GLY 51 51 51 GLY GLY B . n 
B 1 52 GLY 52 52 52 GLY GLY B . n 
B 1 53 PHE 53 53 53 PHE PHE B . n 
B 1 54 ILE 54 54 54 ILE ILE B . n 
B 1 55 LYS 55 55 55 LYS LYS B . n 
B 1 56 VAL 56 56 56 VAL VAL B . n 
B 1 57 ARG 57 57 57 ARG ARG B . n 
B 1 58 GLN 58 58 58 GLN GLN B . n 
B 1 59 TYR 59 59 59 TYR TYR B . n 
B 1 60 ASP 60 60 60 ASP ASP B . n 
B 1 61 GLN 61 61 61 GLN GLN B . n 
B 1 62 ILE 62 62 62 ILE ILE B . n 
B 1 63 LEU 63 63 63 LEU LEU B . n 
B 1 64 ILE 64 64 64 ILE ILE B . n 
B 1 65 GLU 65 65 65 GLU GLU B . n 
B 1 66 ILE 66 66 66 ILE ILE B . n 
B 1 67 CYS 67 67 67 CYS CYS B . n 
B 1 68 GLY 68 68 68 GLY GLY B . n 
B 1 69 HIS 69 69 69 HIS HIS B . n 
B 1 70 LYS 70 70 70 LYS LYS B . n 
B 1 71 ALA 71 71 71 ALA ALA B . n 
B 1 72 ILE 72 72 72 ILE ILE B . n 
B 1 73 GLY 73 73 73 GLY GLY B . n 
B 1 74 THR 74 74 74 THR THR B . n 
B 1 75 VAL 75 75 75 VAL VAL B . n 
B 1 76 LEU 76 76 76 LEU LEU B . n 
B 1 77 VAL 77 77 77 VAL VAL B . n 
B 1 78 GLY 78 78 78 GLY GLY B . n 
B 1 79 PRO 79 79 79 PRO PRO B . n 
B 1 80 THR 80 80 80 THR THR B . n 
B 1 81 PRO 81 81 81 PRO PRO B . n 
B 1 82 VAL 82 82 82 VAL VAL B . n 
B 1 83 ASN 83 83 83 ASN ASN B . n 
B 1 84 ILE 84 84 84 ILE ILE B . n 
B 1 85 ILE 85 85 85 ILE ILE B . n 
B 1 86 GLY 86 86 86 GLY GLY B . n 
B 1 87 ARG 87 87 87 ARG ARG B . n 
B 1 88 ASN 88 88 88 ASN ASN B . n 
B 1 89 LEU 89 89 89 LEU LEU B . n 
B 1 90 LEU 90 90 90 LEU LEU B . n 
B 1 91 THR 91 91 91 THR THR B . n 
B 1 92 GLN 92 92 92 GLN GLN B . n 
B 1 93 ILE 93 93 93 ILE ILE B . n 
B 1 94 GLY 94 94 94 GLY GLY B . n 
B 1 95 CYS 95 95 95 CYS CYS B . n 
B 1 96 THR 96 96 96 THR THR B . n 
B 1 97 LEU 97 97 97 LEU LEU B . n 
B 1 98 ASN 98 98 98 ASN ASN B . n 
B 1 99 PHE 99 99 99 PHE PHE B . n 
# 
loop_
_pdbx_nonpoly_scheme.asym_id 
_pdbx_nonpoly_scheme.entity_id 
_pdbx_nonpoly_scheme.mon_id 
_pdbx_nonpoly_scheme.ndb_seq_num 
_pdbx_nonpoly_scheme.pdb_seq_num 
_pdbx_nonpoly_scheme.auth_seq_num 
_pdbx_nonpoly_scheme.pdb_mon_id 
_pdbx_nonpoly_scheme.auth_mon_id 
_pdbx_nonpoly_scheme.pdb_strand_id 
_pdbx_nonpoly_scheme.pdb_ins_code 
C 2 AAU 1  1000 1000 AAU LIG B . 
D 3 HOH 1  100  2    HOH TIP A . 
D 3 HOH 2  101  3    HOH TIP A . 
D 3 HOH 3  102  10   HOH TIP A . 
D 3 HOH 4  103  16   HOH TIP A . 
D 3 HOH 5  104  17   HOH TIP A . 
D 3 HOH 6  105  24   HOH TIP A . 
D 3 HOH 7  106  25   HOH TIP A . 
D 3 HOH 8  107  28   HOH TIP A . 
D 3 HOH 9  108  31   HOH TIP A . 
D 3 HOH 10 109  33   HOH TIP A . 
D 3 HOH 11 110  35   HOH TIP A . 
D 3 HOH 12 111  38   HOH TIP A . 
D 3 HOH 13 112  42   HOH TIP A . 
D 3 HOH 14 113  44   HOH TIP A . 
D 3 HOH 15 114  45   HOH TIP A . 
D 3 HOH 16 115  48   HOH TIP A . 
D 3 HOH 17 116  54   HOH TIP A . 
D 3 HOH 18 117  55   HOH TIP A . 
D 3 HOH 19 118  56   HOH TIP A . 
D 3 HOH 20 119  57   HOH TIP A . 
D 3 HOH 21 120  58   HOH TIP A . 
D 3 HOH 22 121  59   HOH TIP A . 
D 3 HOH 23 122  60   HOH TIP A . 
D 3 HOH 24 123  61   HOH TIP A . 
D 3 HOH 25 124  63   HOH TIP A . 
D 3 HOH 26 125  67   HOH TIP A . 
D 3 HOH 27 126  69   HOH TIP A . 
D 3 HOH 28 127  70   HOH TIP A . 
D 3 HOH 29 128  71   HOH TIP A . 
D 3 HOH 30 129  75   HOH TIP A . 
D 3 HOH 31 130  76   HOH TIP A . 
D 3 HOH 32 131  79   HOH TIP A . 
D 3 HOH 33 132  80   HOH TIP A . 
D 3 HOH 34 133  81   HOH TIP A . 
E 3 HOH 1  1001 1    HOH TIP B . 
E 3 HOH 2  1002 4    HOH TIP B . 
E 3 HOH 3  1003 5    HOH TIP B . 
E 3 HOH 4  1004 6    HOH TIP B . 
E 3 HOH 5  1005 7    HOH TIP B . 
E 3 HOH 6  1006 8    HOH TIP B . 
E 3 HOH 7  1007 9    HOH TIP B . 
E 3 HOH 8  1008 11   HOH TIP B . 
E 3 HOH 9  1009 12   HOH TIP B . 
E 3 HOH 10 1010 13   HOH TIP B . 
E 3 HOH 11 1011 14   HOH TIP B . 
E 3 HOH 12 1012 15   HOH TIP B . 
E 3 HOH 13 1013 18   HOH TIP B . 
E 3 HOH 14 1014 19   HOH TIP B . 
E 3 HOH 15 1015 20   HOH TIP B . 
E 3 HOH 16 1016 21   HOH TIP B . 
E 3 HOH 17 1017 22   HOH TIP B . 
E 3 HOH 18 1018 23   HOH TIP B . 
E 3 HOH 19 1019 26   HOH TIP B . 
E 3 HOH 20 1020 27   HOH TIP B . 
E 3 HOH 21 1021 29   HOH TIP B . 
E 3 HOH 22 1022 30   HOH TIP B . 
E 3 HOH 23 1023 32   HOH TIP B . 
E 3 HOH 24 1024 34   HOH TIP B . 
E 3 HOH 25 1025 36   HOH TIP B . 
E 3 HOH 26 1026 37   HOH TIP B . 
E 3 HOH 27 1027 39   HOH TIP B . 
E 3 HOH 28 1028 40   HOH TIP B . 
E 3 HOH 29 1029 41   HOH TIP B . 
E 3 HOH 30 1030 43   HOH TIP B . 
E 3 HOH 31 1031 46   HOH TIP B . 
E 3 HOH 32 1032 47   HOH TIP B . 
E 3 HOH 33 1033 49   HOH TIP B . 
E 3 HOH 34 1034 50   HOH TIP B . 
E 3 HOH 35 1035 51   HOH TIP B . 
E 3 HOH 36 1036 52   HOH TIP B . 
E 3 HOH 37 1037 53   HOH TIP B . 
E 3 HOH 38 1038 62   HOH TIP B . 
E 3 HOH 39 1039 64   HOH TIP B . 
E 3 HOH 40 1040 65   HOH TIP B . 
E 3 HOH 41 1041 66   HOH TIP B . 
E 3 HOH 42 1042 68   HOH TIP B . 
E 3 HOH 43 1043 72   HOH TIP B . 
E 3 HOH 44 1044 73   HOH TIP B . 
E 3 HOH 45 1045 74   HOH TIP B . 
E 3 HOH 46 1046 77   HOH TIP B . 
E 3 HOH 47 1047 78   HOH TIP B . 
E 3 HOH 48 1048 82   HOH TIP B . 
E 3 HOH 49 1049 83   HOH TIP B . 
E 3 HOH 50 1050 84   HOH TIP B . 
# 
loop_
_software.name 
_software.classification 
_software.version 
_software.citation_id 
_software.pdbx_ordinal 
CNX       refinement       2000 ? 1 
HKL-2000  'data reduction' .    ? 2 
SCALEPACK 'data scaling'   .    ? 3 
CNX       phasing          .    ? 4 
# 
_cell.entry_id           2A4F 
_cell.length_a           58.008 
_cell.length_b           85.742 
_cell.length_c           46.646 
_cell.angle_alpha        90.00 
_cell.angle_beta         90.00 
_cell.angle_gamma        90.00 
_cell.Z_PDB              8 
_cell.pdbx_unique_axis   ? 
# 
_symmetry.entry_id                         2A4F 
_symmetry.space_group_name_H-M             'P 21 21 2' 
_symmetry.pdbx_full_space_group_name_H-M   ? 
_symmetry.cell_setting                     ? 
_symmetry.Int_Tables_number                18 
_symmetry.space_group_name_Hall            ? 
# 
_exptl.entry_id          2A4F 
_exptl.method            'X-RAY DIFFRACTION' 
_exptl.crystals_number   ? 
# 
_exptl_crystal.id                    1 
_exptl_crystal.density_meas          ? 
_exptl_crystal.density_Matthews      2.7 
_exptl_crystal.density_percent_sol   53.8 
_exptl_crystal.description           ? 
_exptl_crystal.F_000                 ? 
_exptl_crystal.preparation           ? 
# 
_exptl_crystal_grow.crystal_id      1 
_exptl_crystal_grow.method          'VAPOR DIFFUSION, HANGING DROP' 
_exptl_crystal_grow.temp            295 
_exptl_crystal_grow.temp_details    ? 
_exptl_crystal_grow.pH              4.5 
_exptl_crystal_grow.pdbx_details    'acetate buffer, pH 4.5, VAPOR DIFFUSION, HANGING DROP, temperature 295K' 
_exptl_crystal_grow.pdbx_pH_range   . 
# 
_diffrn.id                     1 
_diffrn.ambient_temp           100 
_diffrn.ambient_temp_details   ? 
_diffrn.crystal_id             1 
# 
_diffrn_detector.diffrn_id              1 
_diffrn_detector.detector               CCD 
_diffrn_detector.type                   ? 
_diffrn_detector.pdbx_collection_date   ? 
_diffrn_detector.details                ? 
# 
_diffrn_radiation.diffrn_id                        1 
_diffrn_radiation.wavelength_id                    1 
_diffrn_radiation.pdbx_monochromatic_or_laue_m_l   M 
_diffrn_radiation.monochromator                    ? 
_diffrn_radiation.pdbx_diffrn_protocol             'SINGLE WAVELENGTH' 
_diffrn_radiation.pdbx_scattering_type             x-ray 
# 
_diffrn_radiation_wavelength.id           1 
_diffrn_radiation_wavelength.wavelength   1.0000 
_diffrn_radiation_wavelength.wt           1.0 
# 
_diffrn_source.diffrn_id                   1 
_diffrn_source.source                      SYNCHROTRON 
_diffrn_source.type                        'APS BEAMLINE 17-ID' 
_diffrn_source.pdbx_synchrotron_site       APS 
_diffrn_source.pdbx_synchrotron_beamline   17-ID 
_diffrn_source.pdbx_wavelength             1.0000 
_diffrn_source.pdbx_wavelength_list        1.0000 
# 
_reflns.entry_id                     2A4F 
_reflns.observed_criterion_sigma_I   0 
_reflns.observed_criterion_sigma_F   0 
_reflns.d_resolution_low             50 
_reflns.d_resolution_high            1.90 
_reflns.number_obs                   18310 
_reflns.number_all                   24163 
_reflns.percent_possible_obs         96.5 
_reflns.pdbx_Rmerge_I_obs            ? 
_reflns.pdbx_Rsym_value              ? 
_reflns.pdbx_netI_over_sigmaI        ? 
_reflns.B_iso_Wilson_estimate        10.8 
_reflns.pdbx_redundancy              ? 
_reflns.R_free_details               ? 
_reflns.limit_h_max                  ? 
_reflns.limit_h_min                  ? 
_reflns.limit_k_max                  ? 
_reflns.limit_k_min                  ? 
_reflns.limit_l_max                  ? 
_reflns.limit_l_min                  ? 
_reflns.observed_criterion_F_max     ? 
_reflns.observed_criterion_F_min     ? 
_reflns.pdbx_chi_squared             ? 
_reflns.pdbx_scaling_rejects         ? 
_reflns.pdbx_diffrn_id               1 
_reflns.pdbx_ordinal                 1 
# 
_reflns_shell.d_res_high             1.90 
_reflns_shell.d_res_low              2.02 
_reflns_shell.percent_possible_all   95.1 
_reflns_shell.Rmerge_I_obs           ? 
_reflns_shell.pdbx_Rsym_value        ? 
_reflns_shell.meanI_over_sigI_obs    ? 
_reflns_shell.pdbx_redundancy        ? 
_reflns_shell.percent_possible_obs   ? 
_reflns_shell.number_unique_all      ? 
_reflns_shell.number_measured_all    ? 
_reflns_shell.number_measured_obs    ? 
_reflns_shell.number_unique_obs      ? 
_reflns_shell.pdbx_chi_squared       ? 
_reflns_shell.pdbx_diffrn_id         ? 
_reflns_shell.pdbx_ordinal           1 
# 
_refine.entry_id                                 2A4F 
_refine.ls_number_reflns_obs                     18310 
_refine.ls_number_reflns_all                     ? 
_refine.pdbx_ls_sigma_I                          ? 
_refine.pdbx_ls_sigma_F                          0.0 
_refine.pdbx_data_cutoff_high_absF               578535.39 
_refine.pdbx_data_cutoff_low_absF                0.000000 
_refine.pdbx_data_cutoff_high_rms_absF           ? 
_refine.ls_d_res_low                             42.87 
_refine.ls_d_res_high                            1.90 
_refine.ls_percent_reflns_obs                    96.5 
_refine.ls_R_factor_obs                          ? 
_refine.ls_R_factor_all                          ? 
_refine.ls_R_factor_R_work                       0.298 
_refine.ls_R_factor_R_free                       0.336 
_refine.ls_R_factor_R_free_error                 0.009 
_refine.ls_R_factor_R_free_error_details         ? 
_refine.ls_percent_reflns_R_free                 6.9 
_refine.ls_number_reflns_R_free                  1269 
_refine.ls_number_parameters                     ? 
_refine.ls_number_restraints                     ? 
_refine.occupancy_min                            ? 
_refine.occupancy_max                            ? 
_refine.correlation_coeff_Fo_to_Fc               ? 
_refine.correlation_coeff_Fo_to_Fc_free          ? 
_refine.B_iso_mean                               19.5 
_refine.aniso_B[1][1]                            2.62 
_refine.aniso_B[2][2]                            -2.15 
_refine.aniso_B[3][3]                            -0.47 
_refine.aniso_B[1][2]                            0.00 
_refine.aniso_B[1][3]                            0.00 
_refine.aniso_B[2][3]                            0.00 
_refine.solvent_model_details                    'FLAT MODEL' 
_refine.solvent_model_param_ksol                 0.104671 
_refine.solvent_model_param_bsol                 10 
_refine.pdbx_solvent_vdw_probe_radii             ? 
_refine.pdbx_solvent_ion_probe_radii             ? 
_refine.pdbx_solvent_shrinkage_radii             ? 
_refine.pdbx_ls_cross_valid_method               THROUGHOUT 
_refine.details                                  'waters picked at level greater than 2.0' 
_refine.pdbx_starting_model                      ? 
_refine.pdbx_method_to_determine_struct          'FOURIER SYNTHESIS' 
_refine.pdbx_isotropic_thermal_model             GROUP 
_refine.pdbx_stereochemistry_target_values       ? 
_refine.pdbx_stereochem_target_val_spec_case     ? 
_refine.pdbx_R_Free_selection_details            RANDOM 
_refine.pdbx_overall_ESU_R                       ? 
_refine.pdbx_overall_ESU_R_Free                  ? 
_refine.overall_SU_ML                            ? 
_refine.overall_SU_B                             ? 
_refine.ls_redundancy_reflns_obs                 ? 
_refine.B_iso_min                                ? 
_refine.B_iso_max                                ? 
_refine.overall_SU_R_Cruickshank_DPI             ? 
_refine.overall_SU_R_free                        ? 
_refine.ls_wR_factor_R_free                      ? 
_refine.ls_wR_factor_R_work                      ? 
_refine.overall_FOM_free_R_set                   ? 
_refine.overall_FOM_work_R_set                   ? 
_refine.pdbx_refine_id                           'X-RAY DIFFRACTION' 
_refine.pdbx_diffrn_id                           1 
_refine.pdbx_TLS_residual_ADP_flag               ? 
_refine.pdbx_overall_phase_error                 ? 
_refine.pdbx_overall_SU_R_free_Cruickshank_DPI   ? 
_refine.pdbx_overall_SU_R_Blow_DPI               ? 
_refine.pdbx_overall_SU_R_free_Blow_DPI          ? 
# 
_refine_analyze.entry_id                        2A4F 
_refine_analyze.Luzzati_coordinate_error_obs    0.33 
_refine_analyze.Luzzati_sigma_a_obs             0.16 
_refine_analyze.Luzzati_d_res_low_obs           5.00 
_refine_analyze.Luzzati_coordinate_error_free   0.38 
_refine_analyze.Luzzati_sigma_a_free            0.18 
_refine_analyze.Luzzati_d_res_low_free          ? 
_refine_analyze.number_disordered_residues      ? 
_refine_analyze.occupancy_sum_hydrogen          ? 
_refine_analyze.occupancy_sum_non_hydrogen      ? 
_refine_analyze.pdbx_Luzzati_d_res_high_obs     ? 
_refine_analyze.pdbx_refine_id                  'X-RAY DIFFRACTION' 
# 
_refine_hist.pdbx_refine_id                   'X-RAY DIFFRACTION' 
_refine_hist.cycle_id                         LAST 
_refine_hist.pdbx_number_atoms_protein        1514 
_refine_hist.pdbx_number_atoms_nucleic_acid   0 
_refine_hist.pdbx_number_atoms_ligand         47 
_refine_hist.number_atoms_solvent             84 
_refine_hist.number_atoms_total               1645 
_refine_hist.d_res_high                       1.90 
_refine_hist.d_res_low                        42.87 
# 
loop_
_refine_ls_restr.type 
_refine_ls_restr.dev_ideal 
_refine_ls_restr.dev_ideal_target 
_refine_ls_restr.weight 
_refine_ls_restr.number 
_refine_ls_restr.pdbx_refine_id 
_refine_ls_restr.pdbx_restraint_function 
c_bond_d                0.007 ? ? ? 'X-RAY DIFFRACTION' ? 
c_bond_d_na             ?     ? ? ? 'X-RAY DIFFRACTION' ? 
c_bond_d_prot           ?     ? ? ? 'X-RAY DIFFRACTION' ? 
c_angle_d               ?     ? ? ? 'X-RAY DIFFRACTION' ? 
c_angle_d_na            ?     ? ? ? 'X-RAY DIFFRACTION' ? 
c_angle_d_prot          ?     ? ? ? 'X-RAY DIFFRACTION' ? 
c_angle_deg             1.3   ? ? ? 'X-RAY DIFFRACTION' ? 
c_angle_deg_na          ?     ? ? ? 'X-RAY DIFFRACTION' ? 
c_angle_deg_prot        ?     ? ? ? 'X-RAY DIFFRACTION' ? 
c_dihedral_angle_d      25.0  ? ? ? 'X-RAY DIFFRACTION' ? 
c_dihedral_angle_d_na   ?     ? ? ? 'X-RAY DIFFRACTION' ? 
c_dihedral_angle_d_prot ?     ? ? ? 'X-RAY DIFFRACTION' ? 
c_improper_angle_d      0.82  ? ? ? 'X-RAY DIFFRACTION' ? 
c_improper_angle_d_na   ?     ? ? ? 'X-RAY DIFFRACTION' ? 
c_improper_angle_d_prot ?     ? ? ? 'X-RAY DIFFRACTION' ? 
c_mcbond_it             ?     ? ? ? 'X-RAY DIFFRACTION' ? 
c_mcangle_it            ?     ? ? ? 'X-RAY DIFFRACTION' ? 
c_scbond_it             ?     ? ? ? 'X-RAY DIFFRACTION' ? 
c_scangle_it            ?     ? ? ? 'X-RAY DIFFRACTION' ? 
# 
_refine_ls_shell.pdbx_total_number_of_bins_used   6 
_refine_ls_shell.d_res_high                       1.90 
_refine_ls_shell.d_res_low                        2.02 
_refine_ls_shell.number_reflns_R_work             2780 
_refine_ls_shell.R_factor_R_work                  0.307 
_refine_ls_shell.percent_reflns_obs               95.1 
_refine_ls_shell.R_factor_R_free                  0.337 
_refine_ls_shell.R_factor_R_free_error            0.025 
_refine_ls_shell.percent_reflns_R_free            6.0 
_refine_ls_shell.number_reflns_R_free             179 
_refine_ls_shell.number_reflns_obs                ? 
_refine_ls_shell.redundancy_reflns_obs            ? 
_refine_ls_shell.number_reflns_all                ? 
_refine_ls_shell.R_factor_all                     ? 
_refine_ls_shell.pdbx_refine_id                   'X-RAY DIFFRACTION' 
# 
loop_
_pdbx_xplor_file.serial_no 
_pdbx_xplor_file.param_file 
_pdbx_xplor_file.topol_file 
_pdbx_xplor_file.pdbx_refine_id 
1 protein_rep.param protein.top 'X-RAY DIFFRACTION' 
2 water_rep.param   lig.top     'X-RAY DIFFRACTION' 
3 ion.param         ?           'X-RAY DIFFRACTION' 
4 lig.par           ?           'X-RAY DIFFRACTION' 
# 
_struct.entry_id                  2A4F 
_struct.title                     
;Synthesis and Activity of N-Axyl Azacyclic Urea HIV-1 Protease Inhibitors with High Potency Against Multiple Drug Resistant Viral Strains.
;
_struct.pdbx_model_details        ? 
_struct.pdbx_CASP_flag            ? 
_struct.pdbx_model_type_details   ? 
# 
_struct_keywords.entry_id        2A4F 
_struct_keywords.pdbx_keywords   HYDROLASE 
_struct_keywords.text            'HIV protease, aza-cyclic urea, HYDROLASE' 
# 
loop_
_struct_asym.id 
_struct_asym.pdbx_blank_PDB_chainid_flag 
_struct_asym.pdbx_modified 
_struct_asym.entity_id 
_struct_asym.details 
A N N 1 ? 
B N N 1 ? 
C N N 2 ? 
D N N 3 ? 
E N N 3 ? 
# 
_struct_ref.id                         1 
_struct_ref.db_name                    UNP 
_struct_ref.db_code                    Q9Q2G8_9HIV1 
_struct_ref.pdbx_db_accession          Q9Q2G8 
_struct_ref.entity_id                  1 
_struct_ref.pdbx_seq_one_letter_code   
;PQITLWQRPLVTIKIGGQLKEALLDTGADDTVLEEMSLPGRWKPKMIGGIGGFIKVRQYDQILIEICGHKAIGTVLVGPT
PVNIIGRNLLTQIGCTLNF
;
_struct_ref.pdbx_align_begin           69 
_struct_ref.pdbx_db_isoform            ? 
# 
loop_
_struct_ref_seq.align_id 
_struct_ref_seq.ref_id 
_struct_ref_seq.pdbx_PDB_id_code 
_struct_ref_seq.pdbx_strand_id 
_struct_ref_seq.seq_align_beg 
_struct_ref_seq.pdbx_seq_align_beg_ins_code 
_struct_ref_seq.seq_align_end 
_struct_ref_seq.pdbx_seq_align_end_ins_code 
_struct_ref_seq.pdbx_db_accession 
_struct_ref_seq.db_align_beg 
_struct_ref_seq.pdbx_db_align_beg_ins_code 
_struct_ref_seq.db_align_end 
_struct_ref_seq.pdbx_db_align_end_ins_code 
_struct_ref_seq.pdbx_auth_seq_align_beg 
_struct_ref_seq.pdbx_auth_seq_align_end 
1 1 2A4F A 1 ? 99 ? Q9Q2G8 69 ? 167 ? 1 99 
2 1 2A4F B 1 ? 99 ? Q9Q2G8 69 ? 167 ? 1 99 
# 
_pdbx_struct_assembly.id                   1 
_pdbx_struct_assembly.details              author_and_software_defined_assembly 
_pdbx_struct_assembly.method_details       PISA 
_pdbx_struct_assembly.oligomeric_details   dimeric 
_pdbx_struct_assembly.oligomeric_count     2 
# 
loop_
_pdbx_struct_assembly_prop.biol_id 
_pdbx_struct_assembly_prop.type 
_pdbx_struct_assembly_prop.value 
_pdbx_struct_assembly_prop.details 
1 'ABSA (A^2)' 5000 ? 
1 MORE         -31  ? 
1 'SSA (A^2)'  9450 ? 
# 
_pdbx_struct_assembly_gen.assembly_id       1 
_pdbx_struct_assembly_gen.oper_expression   1 
_pdbx_struct_assembly_gen.asym_id_list      A,B,C,D,E 
# 
_pdbx_struct_oper_list.id                   1 
_pdbx_struct_oper_list.type                 'identity operation' 
_pdbx_struct_oper_list.name                 1_555 
_pdbx_struct_oper_list.symmetry_operation   x,y,z 
_pdbx_struct_oper_list.matrix[1][1]         1.0000000000 
_pdbx_struct_oper_list.matrix[1][2]         0.0000000000 
_pdbx_struct_oper_list.matrix[1][3]         0.0000000000 
_pdbx_struct_oper_list.vector[1]            0.0000000000 
_pdbx_struct_oper_list.matrix[2][1]         0.0000000000 
_pdbx_struct_oper_list.matrix[2][2]         1.0000000000 
_pdbx_struct_oper_list.matrix[2][3]         0.0000000000 
_pdbx_struct_oper_list.vector[2]            0.0000000000 
_pdbx_struct_oper_list.matrix[3][1]         0.0000000000 
_pdbx_struct_oper_list.matrix[3][2]         0.0000000000 
_pdbx_struct_oper_list.matrix[3][3]         1.0000000000 
_pdbx_struct_oper_list.vector[3]            0.0000000000 
# 
loop_
_struct_conf.conf_type_id 
_struct_conf.id 
_struct_conf.pdbx_PDB_helix_id 
_struct_conf.beg_label_comp_id 
_struct_conf.beg_label_asym_id 
_struct_conf.beg_label_seq_id 
_struct_conf.pdbx_beg_PDB_ins_code 
_struct_conf.end_label_comp_id 
_struct_conf.end_label_asym_id 
_struct_conf.end_label_seq_id 
_struct_conf.pdbx_end_PDB_ins_code 
_struct_conf.beg_auth_comp_id 
_struct_conf.beg_auth_asym_id 
_struct_conf.beg_auth_seq_id 
_struct_conf.end_auth_comp_id 
_struct_conf.end_auth_asym_id 
_struct_conf.end_auth_seq_id 
_struct_conf.pdbx_PDB_helix_class 
_struct_conf.details 
_struct_conf.pdbx_PDB_helix_length 
HELX_P HELX_P1 1 GLY A 86 ? THR A 91 ? GLY A 86 THR A 91 1 ? 6 
HELX_P HELX_P2 2 GLN A 92 ? GLY A 94 ? GLN A 92 GLY A 94 5 ? 3 
HELX_P HELX_P3 3 GLY B 86 ? THR B 91 ? GLY B 86 THR B 91 1 ? 6 
# 
_struct_conf_type.id          HELX_P 
_struct_conf_type.criteria    ? 
_struct_conf_type.reference   ? 
# 
loop_
_struct_sheet.id 
_struct_sheet.type 
_struct_sheet.number_strands 
_struct_sheet.details 
A ? 4 ? 
B ? 8 ? 
C ? 8 ? 
# 
loop_
_struct_sheet_order.sheet_id 
_struct_sheet_order.range_id_1 
_struct_sheet_order.range_id_2 
_struct_sheet_order.offset 
_struct_sheet_order.sense 
A 1 2 ? anti-parallel 
A 2 3 ? anti-parallel 
A 3 4 ? anti-parallel 
B 1 2 ? anti-parallel 
B 2 3 ? anti-parallel 
B 3 4 ? parallel      
B 4 5 ? anti-parallel 
B 5 6 ? parallel      
B 6 7 ? anti-parallel 
B 7 8 ? anti-parallel 
C 1 2 ? anti-parallel 
C 2 3 ? anti-parallel 
C 3 4 ? parallel      
C 4 5 ? anti-parallel 
C 5 6 ? parallel      
C 6 7 ? anti-parallel 
C 7 8 ? anti-parallel 
# 
loop_
_struct_sheet_range.sheet_id 
_struct_sheet_range.id 
_struct_sheet_range.beg_label_comp_id 
_struct_sheet_range.beg_label_asym_id 
_struct_sheet_range.beg_label_seq_id 
_struct_sheet_range.pdbx_beg_PDB_ins_code 
_struct_sheet_range.end_label_comp_id 
_struct_sheet_range.end_label_asym_id 
_struct_sheet_range.end_label_seq_id 
_struct_sheet_range.pdbx_end_PDB_ins_code 
_struct_sheet_range.beg_auth_comp_id 
_struct_sheet_range.beg_auth_asym_id 
_struct_sheet_range.beg_auth_seq_id 
_struct_sheet_range.end_auth_comp_id 
_struct_sheet_range.end_auth_asym_id 
_struct_sheet_range.end_auth_seq_id 
A 1 GLN A 2  ? ILE A 3  ? GLN A 2  ILE A 3  
A 2 THR B 96 ? ASN B 98 ? THR B 96 ASN B 98 
A 3 THR A 96 ? ASN A 98 ? THR A 96 ASN A 98 
A 4 GLN B 2  ? ILE B 3  ? GLN B 2  ILE B 3  
B 1 LYS A 43 ? GLY A 49 ? LYS A 43 GLY A 49 
B 2 GLY A 52 ? ILE A 66 ? GLY A 52 ILE A 66 
B 3 HIS A 69 ? VAL A 77 ? HIS A 69 VAL A 77 
B 4 THR A 31 ? LEU A 33 ? THR A 31 LEU A 33 
B 5 ILE A 84 ? ILE A 85 ? ILE A 84 ILE A 85 
B 6 GLN A 18 ? LEU A 24 ? GLN A 18 LEU A 24 
B 7 LEU A 10 ? ILE A 15 ? LEU A 10 ILE A 15 
B 8 GLY A 52 ? ILE A 66 ? GLY A 52 ILE A 66 
C 1 LYS B 43 ? GLY B 49 ? LYS B 43 GLY B 49 
C 2 GLY B 52 ? ILE B 66 ? GLY B 52 ILE B 66 
C 3 HIS B 69 ? VAL B 77 ? HIS B 69 VAL B 77 
C 4 VAL B 32 ? LEU B 33 ? VAL B 32 LEU B 33 
C 5 ILE B 84 ? ILE B 85 ? ILE B 84 ILE B 85 
C 6 GLN B 18 ? LEU B 24 ? GLN B 18 LEU B 24 
C 7 LEU B 10 ? ILE B 15 ? LEU B 10 ILE B 15 
C 8 GLY B 52 ? ILE B 66 ? GLY B 52 ILE B 66 
# 
loop_
_pdbx_struct_sheet_hbond.sheet_id 
_pdbx_struct_sheet_hbond.range_id_1 
_pdbx_struct_sheet_hbond.range_id_2 
_pdbx_struct_sheet_hbond.range_1_label_atom_id 
_pdbx_struct_sheet_hbond.range_1_label_comp_id 
_pdbx_struct_sheet_hbond.range_1_label_asym_id 
_pdbx_struct_sheet_hbond.range_1_label_seq_id 
_pdbx_struct_sheet_hbond.range_1_PDB_ins_code 
_pdbx_struct_sheet_hbond.range_1_auth_atom_id 
_pdbx_struct_sheet_hbond.range_1_auth_comp_id 
_pdbx_struct_sheet_hbond.range_1_auth_asym_id 
_pdbx_struct_sheet_hbond.range_1_auth_seq_id 
_pdbx_struct_sheet_hbond.range_2_label_atom_id 
_pdbx_struct_sheet_hbond.range_2_label_comp_id 
_pdbx_struct_sheet_hbond.range_2_label_asym_id 
_pdbx_struct_sheet_hbond.range_2_label_seq_id 
_pdbx_struct_sheet_hbond.range_2_PDB_ins_code 
_pdbx_struct_sheet_hbond.range_2_auth_atom_id 
_pdbx_struct_sheet_hbond.range_2_auth_comp_id 
_pdbx_struct_sheet_hbond.range_2_auth_asym_id 
_pdbx_struct_sheet_hbond.range_2_auth_seq_id 
A 1 2 N ILE A 3  ? N ILE A 3  O LEU B 97 ? O LEU B 97 
A 2 3 O ASN B 98 ? O ASN B 98 N THR A 96 ? N THR A 96 
A 3 4 N LEU A 97 ? N LEU A 97 O ILE B 3  ? O ILE B 3  
B 1 2 N LYS A 45 ? N LYS A 45 O VAL A 56 ? O VAL A 56 
B 2 3 N TYR A 59 ? N TYR A 59 O VAL A 75 ? O VAL A 75 
B 3 4 O LEU A 76 ? O LEU A 76 N THR A 31 ? N THR A 31 
B 4 5 N VAL A 32 ? N VAL A 32 O ILE A 84 ? O ILE A 84 
B 5 6 O ILE A 85 ? O ILE A 85 N LEU A 23 ? N LEU A 23 
B 6 7 O LYS A 20 ? O LYS A 20 N ILE A 13 ? N ILE A 13 
B 7 8 N LYS A 14 ? N LYS A 14 O GLU A 65 ? O GLU A 65 
C 1 2 N GLY B 49 ? N GLY B 49 O GLY B 52 ? O GLY B 52 
C 2 3 N ILE B 66 ? N ILE B 66 O HIS B 69 ? O HIS B 69 
C 3 4 O LEU B 76 ? O LEU B 76 N LEU B 33 ? N LEU B 33 
C 4 5 N VAL B 32 ? N VAL B 32 O ILE B 84 ? O ILE B 84 
C 5 6 O ILE B 85 ? O ILE B 85 N LEU B 23 ? N LEU B 23 
C 6 7 O LYS B 20 ? O LYS B 20 N ILE B 13 ? N ILE B 13 
C 7 8 N LYS B 14 ? N LYS B 14 O GLU B 65 ? O GLU B 65 
# 
_struct_site.id                   AC1 
_struct_site.pdbx_evidence_code   Software 
_struct_site.pdbx_auth_asym_id    B 
_struct_site.pdbx_auth_comp_id    AAU 
_struct_site.pdbx_auth_seq_id     1000 
_struct_site.pdbx_auth_ins_code   ? 
_struct_site.pdbx_num_residues    19 
_struct_site.details              'BINDING SITE FOR RESIDUE AAU B 1000' 
# 
loop_
_struct_site_gen.id 
_struct_site_gen.site_id 
_struct_site_gen.pdbx_num_res 
_struct_site_gen.label_comp_id 
_struct_site_gen.label_asym_id 
_struct_site_gen.label_seq_id 
_struct_site_gen.pdbx_auth_ins_code 
_struct_site_gen.auth_comp_id 
_struct_site_gen.auth_asym_id 
_struct_site_gen.auth_seq_id 
_struct_site_gen.label_atom_id 
_struct_site_gen.label_alt_id 
_struct_site_gen.symmetry 
_struct_site_gen.details 
1  AC1 19 ASP A 25 ? ASP A 25 . ? 1_555 ? 
2  AC1 19 GLY A 27 ? GLY A 27 . ? 1_555 ? 
3  AC1 19 ALA A 28 ? ALA A 28 . ? 1_555 ? 
4  AC1 19 ASP A 29 ? ASP A 29 . ? 1_555 ? 
5  AC1 19 ASP A 30 ? ASP A 30 . ? 1_555 ? 
6  AC1 19 GLY A 48 ? GLY A 48 . ? 1_555 ? 
7  AC1 19 ILE A 50 ? ILE A 50 . ? 1_555 ? 
8  AC1 19 PRO A 81 ? PRO A 81 . ? 1_555 ? 
9  AC1 19 VAL A 82 ? VAL A 82 . ? 1_555 ? 
10 AC1 19 ARG B 8  ? ARG B 8  . ? 1_555 ? 
11 AC1 19 ASP B 25 ? ASP B 25 . ? 1_555 ? 
12 AC1 19 GLY B 27 ? GLY B 27 . ? 1_555 ? 
13 AC1 19 ALA B 28 ? ALA B 28 . ? 1_555 ? 
14 AC1 19 ASP B 29 ? ASP B 29 . ? 1_555 ? 
15 AC1 19 ASP B 30 ? ASP B 30 . ? 1_555 ? 
16 AC1 19 GLY B 48 ? GLY B 48 . ? 1_555 ? 
17 AC1 19 GLY B 49 ? GLY B 49 . ? 1_555 ? 
18 AC1 19 ILE B 50 ? ILE B 50 . ? 1_555 ? 
19 AC1 19 VAL B 82 ? VAL B 82 . ? 1_555 ? 
# 
loop_
_chem_comp_atom.comp_id 
_chem_comp_atom.atom_id 
_chem_comp_atom.type_symbol 
_chem_comp_atom.pdbx_aromatic_flag 
_chem_comp_atom.pdbx_stereo_config 
_chem_comp_atom.pdbx_ordinal 
AAU C1   C N N 1   
AAU O2   O N N 2   
AAU C3   C Y N 3   
AAU C4   C Y N 4   
AAU C5   C Y N 5   
AAU C6   C N N 6   
AAU N7   N N N 7   
AAU C8   C N R 8   
AAU C9   C N N 9   
AAU C10  C Y N 10  
AAU C11  C Y N 11  
AAU C12  C Y N 12  
AAU C13  C Y N 13  
AAU C14  C Y N 14  
AAU C15  C Y N 15  
AAU C16  C N R 16  
AAU O17  O N N 17  
AAU C18  C N N 18  
AAU N19  N N N 19  
AAU N20  N N N 20  
AAU C21  C N N 21  
AAU C22  C Y N 22  
AAU C23  C Y N 23  
AAU C24  C Y N 24  
AAU C25  C Y N 25  
AAU O26  O N N 26  
AAU C27  C Y N 27  
AAU O28  O N N 28  
AAU C29  C N N 29  
AAU C30  C Y N 30  
AAU C31  C N N 31  
AAU O32  O N N 32  
AAU C33  C N N 33  
AAU O34  O N N 34  
AAU C35  C N N 35  
AAU C36  C N N 36  
AAU C37  C Y N 37  
AAU C38  C Y N 38  
AAU C39  C Y N 39  
AAU C40  C Y N 40  
AAU O41  O N N 41  
AAU C42  C Y N 42  
AAU C43  C Y N 43  
AAU C44  C Y N 44  
AAU C45  C Y N 45  
AAU C46  C Y N 46  
AAU O47  O N N 47  
AAU H11A H N N 48  
AAU H12A H N N 49  
AAU H13A H N N 50  
AAU H4   H N N 51  
AAU H61  H N N 52  
AAU H62  H N N 53  
AAU H8   H N N 54  
AAU H91  H N N 55  
AAU H92  H N N 56  
AAU H11  H N N 57  
AAU H12  H N N 58  
AAU H13  H N N 59  
AAU H14  H N N 60  
AAU H15  H N N 61  
AAU H16  H N N 62  
AAU H17  H N N 63  
AAU H181 H N N 64  
AAU H182 H N N 65  
AAU H211 H N N 66  
AAU H212 H N N 67  
AAU H23  H N N 68  
AAU H24  H N N 69  
AAU H26  H N N 70  
AAU H291 H N N 71  
AAU H292 H N N 72  
AAU H293 H N N 73  
AAU H30  H N N 74  
AAU H351 H N N 75  
AAU H352 H N N 76  
AAU H361 H N N 77  
AAU H362 H N N 78  
AAU H38  H N N 79  
AAU H39  H N N 80  
AAU H41  H N N 81  
AAU H42  H N N 82  
AAU H43  H N N 83  
AAU H44  H N N 84  
AAU H45  H N N 85  
AAU H47  H N N 86  
ALA N    N N N 87  
ALA CA   C N S 88  
ALA C    C N N 89  
ALA O    O N N 90  
ALA CB   C N N 91  
ALA OXT  O N N 92  
ALA H    H N N 93  
ALA H2   H N N 94  
ALA HA   H N N 95  
ALA HB1  H N N 96  
ALA HB2  H N N 97  
ALA HB3  H N N 98  
ALA HXT  H N N 99  
ARG N    N N N 100 
ARG CA   C N S 101 
ARG C    C N N 102 
ARG O    O N N 103 
ARG CB   C N N 104 
ARG CG   C N N 105 
ARG CD   C N N 106 
ARG NE   N N N 107 
ARG CZ   C N N 108 
ARG NH1  N N N 109 
ARG NH2  N N N 110 
ARG OXT  O N N 111 
ARG H    H N N 112 
ARG H2   H N N 113 
ARG HA   H N N 114 
ARG HB2  H N N 115 
ARG HB3  H N N 116 
ARG HG2  H N N 117 
ARG HG3  H N N 118 
ARG HD2  H N N 119 
ARG HD3  H N N 120 
ARG HE   H N N 121 
ARG HH11 H N N 122 
ARG HH12 H N N 123 
ARG HH21 H N N 124 
ARG HH22 H N N 125 
ARG HXT  H N N 126 
ASN N    N N N 127 
ASN CA   C N S 128 
ASN C    C N N 129 
ASN O    O N N 130 
ASN CB   C N N 131 
ASN CG   C N N 132 
ASN OD1  O N N 133 
ASN ND2  N N N 134 
ASN OXT  O N N 135 
ASN H    H N N 136 
ASN H2   H N N 137 
ASN HA   H N N 138 
ASN HB2  H N N 139 
ASN HB3  H N N 140 
ASN HD21 H N N 141 
ASN HD22 H N N 142 
ASN HXT  H N N 143 
ASP N    N N N 144 
ASP CA   C N S 145 
ASP C    C N N 146 
ASP O    O N N 147 
ASP CB   C N N 148 
ASP CG   C N N 149 
ASP OD1  O N N 150 
ASP OD2  O N N 151 
ASP OXT  O N N 152 
ASP H    H N N 153 
ASP H2   H N N 154 
ASP HA   H N N 155 
ASP HB2  H N N 156 
ASP HB3  H N N 157 
ASP HD2  H N N 158 
ASP HXT  H N N 159 
CYS N    N N N 160 
CYS CA   C N R 161 
CYS C    C N N 162 
CYS O    O N N 163 
CYS CB   C N N 164 
CYS SG   S N N 165 
CYS OXT  O N N 166 
CYS H    H N N 167 
CYS H2   H N N 168 
CYS HA   H N N 169 
CYS HB2  H N N 170 
CYS HB3  H N N 171 
CYS HG   H N N 172 
CYS HXT  H N N 173 
GLN N    N N N 174 
GLN CA   C N S 175 
GLN C    C N N 176 
GLN O    O N N 177 
GLN CB   C N N 178 
GLN CG   C N N 179 
GLN CD   C N N 180 
GLN OE1  O N N 181 
GLN NE2  N N N 182 
GLN OXT  O N N 183 
GLN H    H N N 184 
GLN H2   H N N 185 
GLN HA   H N N 186 
GLN HB2  H N N 187 
GLN HB3  H N N 188 
GLN HG2  H N N 189 
GLN HG3  H N N 190 
GLN HE21 H N N 191 
GLN HE22 H N N 192 
GLN HXT  H N N 193 
GLU N    N N N 194 
GLU CA   C N S 195 
GLU C    C N N 196 
GLU O    O N N 197 
GLU CB   C N N 198 
GLU CG   C N N 199 
GLU CD   C N N 200 
GLU OE1  O N N 201 
GLU OE2  O N N 202 
GLU OXT  O N N 203 
GLU H    H N N 204 
GLU H2   H N N 205 
GLU HA   H N N 206 
GLU HB2  H N N 207 
GLU HB3  H N N 208 
GLU HG2  H N N 209 
GLU HG3  H N N 210 
GLU HE2  H N N 211 
GLU HXT  H N N 212 
GLY N    N N N 213 
GLY CA   C N N 214 
GLY C    C N N 215 
GLY O    O N N 216 
GLY OXT  O N N 217 
GLY H    H N N 218 
GLY H2   H N N 219 
GLY HA2  H N N 220 
GLY HA3  H N N 221 
GLY HXT  H N N 222 
HIS N    N N N 223 
HIS CA   C N S 224 
HIS C    C N N 225 
HIS O    O N N 226 
HIS CB   C N N 227 
HIS CG   C Y N 228 
HIS ND1  N Y N 229 
HIS CD2  C Y N 230 
HIS CE1  C Y N 231 
HIS NE2  N Y N 232 
HIS OXT  O N N 233 
HIS H    H N N 234 
HIS H2   H N N 235 
HIS HA   H N N 236 
HIS HB2  H N N 237 
HIS HB3  H N N 238 
HIS HD1  H N N 239 
HIS HD2  H N N 240 
HIS HE1  H N N 241 
HIS HE2  H N N 242 
HIS HXT  H N N 243 
HOH O    O N N 244 
HOH H1   H N N 245 
HOH H2   H N N 246 
ILE N    N N N 247 
ILE CA   C N S 248 
ILE C    C N N 249 
ILE O    O N N 250 
ILE CB   C N S 251 
ILE CG1  C N N 252 
ILE CG2  C N N 253 
ILE CD1  C N N 254 
ILE OXT  O N N 255 
ILE H    H N N 256 
ILE H2   H N N 257 
ILE HA   H N N 258 
ILE HB   H N N 259 
ILE HG12 H N N 260 
ILE HG13 H N N 261 
ILE HG21 H N N 262 
ILE HG22 H N N 263 
ILE HG23 H N N 264 
ILE HD11 H N N 265 
ILE HD12 H N N 266 
ILE HD13 H N N 267 
ILE HXT  H N N 268 
LEU N    N N N 269 
LEU CA   C N S 270 
LEU C    C N N 271 
LEU O    O N N 272 
LEU CB   C N N 273 
LEU CG   C N N 274 
LEU CD1  C N N 275 
LEU CD2  C N N 276 
LEU OXT  O N N 277 
LEU H    H N N 278 
LEU H2   H N N 279 
LEU HA   H N N 280 
LEU HB2  H N N 281 
LEU HB3  H N N 282 
LEU HG   H N N 283 
LEU HD11 H N N 284 
LEU HD12 H N N 285 
LEU HD13 H N N 286 
LEU HD21 H N N 287 
LEU HD22 H N N 288 
LEU HD23 H N N 289 
LEU HXT  H N N 290 
LYS N    N N N 291 
LYS CA   C N S 292 
LYS C    C N N 293 
LYS O    O N N 294 
LYS CB   C N N 295 
LYS CG   C N N 296 
LYS CD   C N N 297 
LYS CE   C N N 298 
LYS NZ   N N N 299 
LYS OXT  O N N 300 
LYS H    H N N 301 
LYS H2   H N N 302 
LYS HA   H N N 303 
LYS HB2  H N N 304 
LYS HB3  H N N 305 
LYS HG2  H N N 306 
LYS HG3  H N N 307 
LYS HD2  H N N 308 
LYS HD3  H N N 309 
LYS HE2  H N N 310 
LYS HE3  H N N 311 
LYS HZ1  H N N 312 
LYS HZ2  H N N 313 
LYS HZ3  H N N 314 
LYS HXT  H N N 315 
MET N    N N N 316 
MET CA   C N S 317 
MET C    C N N 318 
MET O    O N N 319 
MET CB   C N N 320 
MET CG   C N N 321 
MET SD   S N N 322 
MET CE   C N N 323 
MET OXT  O N N 324 
MET H    H N N 325 
MET H2   H N N 326 
MET HA   H N N 327 
MET HB2  H N N 328 
MET HB3  H N N 329 
MET HG2  H N N 330 
MET HG3  H N N 331 
MET HE1  H N N 332 
MET HE2  H N N 333 
MET HE3  H N N 334 
MET HXT  H N N 335 
PHE N    N N N 336 
PHE CA   C N S 337 
PHE C    C N N 338 
PHE O    O N N 339 
PHE CB   C N N 340 
PHE CG   C Y N 341 
PHE CD1  C Y N 342 
PHE CD2  C Y N 343 
PHE CE1  C Y N 344 
PHE CE2  C Y N 345 
PHE CZ   C Y N 346 
PHE OXT  O N N 347 
PHE H    H N N 348 
PHE H2   H N N 349 
PHE HA   H N N 350 
PHE HB2  H N N 351 
PHE HB3  H N N 352 
PHE HD1  H N N 353 
PHE HD2  H N N 354 
PHE HE1  H N N 355 
PHE HE2  H N N 356 
PHE HZ   H N N 357 
PHE HXT  H N N 358 
PRO N    N N N 359 
PRO CA   C N S 360 
PRO C    C N N 361 
PRO O    O N N 362 
PRO CB   C N N 363 
PRO CG   C N N 364 
PRO CD   C N N 365 
PRO OXT  O N N 366 
PRO H    H N N 367 
PRO HA   H N N 368 
PRO HB2  H N N 369 
PRO HB3  H N N 370 
PRO HG2  H N N 371 
PRO HG3  H N N 372 
PRO HD2  H N N 373 
PRO HD3  H N N 374 
PRO HXT  H N N 375 
SER N    N N N 376 
SER CA   C N S 377 
SER C    C N N 378 
SER O    O N N 379 
SER CB   C N N 380 
SER OG   O N N 381 
SER OXT  O N N 382 
SER H    H N N 383 
SER H2   H N N 384 
SER HA   H N N 385 
SER HB2  H N N 386 
SER HB3  H N N 387 
SER HG   H N N 388 
SER HXT  H N N 389 
THR N    N N N 390 
THR CA   C N S 391 
THR C    C N N 392 
THR O    O N N 393 
THR CB   C N R 394 
THR OG1  O N N 395 
THR CG2  C N N 396 
THR OXT  O N N 397 
THR H    H N N 398 
THR H2   H N N 399 
THR HA   H N N 400 
THR HB   H N N 401 
THR HG1  H N N 402 
THR HG21 H N N 403 
THR HG22 H N N 404 
THR HG23 H N N 405 
THR HXT  H N N 406 
TRP N    N N N 407 
TRP CA   C N S 408 
TRP C    C N N 409 
TRP O    O N N 410 
TRP CB   C N N 411 
TRP CG   C Y N 412 
TRP CD1  C Y N 413 
TRP CD2  C Y N 414 
TRP NE1  N Y N 415 
TRP CE2  C Y N 416 
TRP CE3  C Y N 417 
TRP CZ2  C Y N 418 
TRP CZ3  C Y N 419 
TRP CH2  C Y N 420 
TRP OXT  O N N 421 
TRP H    H N N 422 
TRP H2   H N N 423 
TRP HA   H N N 424 
TRP HB2  H N N 425 
TRP HB3  H N N 426 
TRP HD1  H N N 427 
TRP HE1  H N N 428 
TRP HE3  H N N 429 
TRP HZ2  H N N 430 
TRP HZ3  H N N 431 
TRP HH2  H N N 432 
TRP HXT  H N N 433 
TYR N    N N N 434 
TYR CA   C N S 435 
TYR C    C N N 436 
TYR O    O N N 437 
TYR CB   C N N 438 
TYR CG   C Y N 439 
TYR CD1  C Y N 440 
TYR CD2  C Y N 441 
TYR CE1  C Y N 442 
TYR CE2  C Y N 443 
TYR CZ   C Y N 444 
TYR OH   O N N 445 
TYR OXT  O N N 446 
TYR H    H N N 447 
TYR H2   H N N 448 
TYR HA   H N N 449 
TYR HB2  H N N 450 
TYR HB3  H N N 451 
TYR HD1  H N N 452 
TYR HD2  H N N 453 
TYR HE1  H N N 454 
TYR HE2  H N N 455 
TYR HH   H N N 456 
TYR HXT  H N N 457 
VAL N    N N N 458 
VAL CA   C N S 459 
VAL C    C N N 460 
VAL O    O N N 461 
VAL CB   C N N 462 
VAL CG1  C N N 463 
VAL CG2  C N N 464 
VAL OXT  O N N 465 
VAL H    H N N 466 
VAL H2   H N N 467 
VAL HA   H N N 468 
VAL HB   H N N 469 
VAL HG11 H N N 470 
VAL HG12 H N N 471 
VAL HG13 H N N 472 
VAL HG21 H N N 473 
VAL HG22 H N N 474 
VAL HG23 H N N 475 
VAL HXT  H N N 476 
# 
loop_
_chem_comp_bond.comp_id 
_chem_comp_bond.atom_id_1 
_chem_comp_bond.atom_id_2 
_chem_comp_bond.value_order 
_chem_comp_bond.pdbx_aromatic_flag 
_chem_comp_bond.pdbx_stereo_config 
_chem_comp_bond.pdbx_ordinal 
AAU C1  O2   sing N N 1   
AAU C1  H11A sing N N 2   
AAU C1  H12A sing N N 3   
AAU C1  H13A sing N N 4   
AAU O2  C3   sing N N 5   
AAU C3  C4   doub Y N 6   
AAU C3  C46  sing Y N 7   
AAU C4  C5   sing Y N 8   
AAU C4  H4   sing N N 9   
AAU C5  C6   sing N N 10  
AAU C5  C44  doub Y N 11  
AAU C6  N7   sing N N 12  
AAU C6  H61  sing N N 13  
AAU C6  H62  sing N N 14  
AAU N7  C8   sing N N 15  
AAU N7  C31  sing N N 16  
AAU C8  C9   sing N N 17  
AAU C8  C16  sing N N 18  
AAU C8  H8   sing N N 19  
AAU C9  C10  sing N N 20  
AAU C9  H91  sing N N 21  
AAU C9  H92  sing N N 22  
AAU C10 C11  doub Y N 23  
AAU C10 C15  sing Y N 24  
AAU C11 C12  sing Y N 25  
AAU C11 H11  sing N N 26  
AAU C12 C13  doub Y N 27  
AAU C12 H12  sing N N 28  
AAU C13 C14  sing Y N 29  
AAU C13 H13  sing N N 30  
AAU C14 C15  doub Y N 31  
AAU C14 H14  sing N N 32  
AAU C15 H15  sing N N 33  
AAU C16 O17  sing N N 34  
AAU C16 C18  sing N N 35  
AAU C16 H16  sing N N 36  
AAU O17 H17  sing N N 37  
AAU C18 N19  sing N N 38  
AAU C18 H181 sing N N 39  
AAU C18 H182 sing N N 40  
AAU N19 N20  sing N N 41  
AAU N19 C33  sing N N 42  
AAU N20 C21  sing N N 43  
AAU N20 C31  sing N N 44  
AAU C21 C22  sing N N 45  
AAU C21 H211 sing N N 46  
AAU C21 H212 sing N N 47  
AAU C22 C23  doub Y N 48  
AAU C22 C30  sing Y N 49  
AAU C23 C24  sing Y N 50  
AAU C23 H23  sing N N 51  
AAU C24 C25  doub Y N 52  
AAU C24 H24  sing N N 53  
AAU C25 O26  sing N N 54  
AAU C25 C27  sing Y N 55  
AAU O26 H26  sing N N 56  
AAU C27 O28  sing N N 57  
AAU C27 C30  doub Y N 58  
AAU O28 C29  sing N N 59  
AAU C29 H291 sing N N 60  
AAU C29 H292 sing N N 61  
AAU C29 H293 sing N N 62  
AAU C30 H30  sing N N 63  
AAU C31 O32  doub N N 64  
AAU C33 O34  doub N N 65  
AAU C33 C35  sing N N 66  
AAU C35 C36  sing N N 67  
AAU C35 H351 sing N N 68  
AAU C35 H352 sing N N 69  
AAU C36 C37  sing N N 70  
AAU C36 H361 sing N N 71  
AAU C36 H362 sing N N 72  
AAU C37 C38  doub Y N 73  
AAU C37 C43  sing Y N 74  
AAU C38 C39  sing Y N 75  
AAU C38 H38  sing N N 76  
AAU C39 C40  doub Y N 77  
AAU C39 H39  sing N N 78  
AAU C40 O41  sing N N 79  
AAU C40 C42  sing Y N 80  
AAU O41 H41  sing N N 81  
AAU C42 C43  doub Y N 82  
AAU C42 H42  sing N N 83  
AAU C43 H43  sing N N 84  
AAU C44 C45  sing Y N 85  
AAU C44 H44  sing N N 86  
AAU C45 C46  doub Y N 87  
AAU C45 H45  sing N N 88  
AAU C46 O47  sing N N 89  
AAU O47 H47  sing N N 90  
ALA N   CA   sing N N 91  
ALA N   H    sing N N 92  
ALA N   H2   sing N N 93  
ALA CA  C    sing N N 94  
ALA CA  CB   sing N N 95  
ALA CA  HA   sing N N 96  
ALA C   O    doub N N 97  
ALA C   OXT  sing N N 98  
ALA CB  HB1  sing N N 99  
ALA CB  HB2  sing N N 100 
ALA CB  HB3  sing N N 101 
ALA OXT HXT  sing N N 102 
ARG N   CA   sing N N 103 
ARG N   H    sing N N 104 
ARG N   H2   sing N N 105 
ARG CA  C    sing N N 106 
ARG CA  CB   sing N N 107 
ARG CA  HA   sing N N 108 
ARG C   O    doub N N 109 
ARG C   OXT  sing N N 110 
ARG CB  CG   sing N N 111 
ARG CB  HB2  sing N N 112 
ARG CB  HB3  sing N N 113 
ARG CG  CD   sing N N 114 
ARG CG  HG2  sing N N 115 
ARG CG  HG3  sing N N 116 
ARG CD  NE   sing N N 117 
ARG CD  HD2  sing N N 118 
ARG CD  HD3  sing N N 119 
ARG NE  CZ   sing N N 120 
ARG NE  HE   sing N N 121 
ARG CZ  NH1  sing N N 122 
ARG CZ  NH2  doub N N 123 
ARG NH1 HH11 sing N N 124 
ARG NH1 HH12 sing N N 125 
ARG NH2 HH21 sing N N 126 
ARG NH2 HH22 sing N N 127 
ARG OXT HXT  sing N N 128 
ASN N   CA   sing N N 129 
ASN N   H    sing N N 130 
ASN N   H2   sing N N 131 
ASN CA  C    sing N N 132 
ASN CA  CB   sing N N 133 
ASN CA  HA   sing N N 134 
ASN C   O    doub N N 135 
ASN C   OXT  sing N N 136 
ASN CB  CG   sing N N 137 
ASN CB  HB2  sing N N 138 
ASN CB  HB3  sing N N 139 
ASN CG  OD1  doub N N 140 
ASN CG  ND2  sing N N 141 
ASN ND2 HD21 sing N N 142 
ASN ND2 HD22 sing N N 143 
ASN OXT HXT  sing N N 144 
ASP N   CA   sing N N 145 
ASP N   H    sing N N 146 
ASP N   H2   sing N N 147 
ASP CA  C    sing N N 148 
ASP CA  CB   sing N N 149 
ASP CA  HA   sing N N 150 
ASP C   O    doub N N 151 
ASP C   OXT  sing N N 152 
ASP CB  CG   sing N N 153 
ASP CB  HB2  sing N N 154 
ASP CB  HB3  sing N N 155 
ASP CG  OD1  doub N N 156 
ASP CG  OD2  sing N N 157 
ASP OD2 HD2  sing N N 158 
ASP OXT HXT  sing N N 159 
CYS N   CA   sing N N 160 
CYS N   H    sing N N 161 
CYS N   H2   sing N N 162 
CYS CA  C    sing N N 163 
CYS CA  CB   sing N N 164 
CYS CA  HA   sing N N 165 
CYS C   O    doub N N 166 
CYS C   OXT  sing N N 167 
CYS CB  SG   sing N N 168 
CYS CB  HB2  sing N N 169 
CYS CB  HB3  sing N N 170 
CYS SG  HG   sing N N 171 
CYS OXT HXT  sing N N 172 
GLN N   CA   sing N N 173 
GLN N   H    sing N N 174 
GLN N   H2   sing N N 175 
GLN CA  C    sing N N 176 
GLN CA  CB   sing N N 177 
GLN CA  HA   sing N N 178 
GLN C   O    doub N N 179 
GLN C   OXT  sing N N 180 
GLN CB  CG   sing N N 181 
GLN CB  HB2  sing N N 182 
GLN CB  HB3  sing N N 183 
GLN CG  CD   sing N N 184 
GLN CG  HG2  sing N N 185 
GLN CG  HG3  sing N N 186 
GLN CD  OE1  doub N N 187 
GLN CD  NE2  sing N N 188 
GLN NE2 HE21 sing N N 189 
GLN NE2 HE22 sing N N 190 
GLN OXT HXT  sing N N 191 
GLU N   CA   sing N N 192 
GLU N   H    sing N N 193 
GLU N   H2   sing N N 194 
GLU CA  C    sing N N 195 
GLU CA  CB   sing N N 196 
GLU CA  HA   sing N N 197 
GLU C   O    doub N N 198 
GLU C   OXT  sing N N 199 
GLU CB  CG   sing N N 200 
GLU CB  HB2  sing N N 201 
GLU CB  HB3  sing N N 202 
GLU CG  CD   sing N N 203 
GLU CG  HG2  sing N N 204 
GLU CG  HG3  sing N N 205 
GLU CD  OE1  doub N N 206 
GLU CD  OE2  sing N N 207 
GLU OE2 HE2  sing N N 208 
GLU OXT HXT  sing N N 209 
GLY N   CA   sing N N 210 
GLY N   H    sing N N 211 
GLY N   H2   sing N N 212 
GLY CA  C    sing N N 213 
GLY CA  HA2  sing N N 214 
GLY CA  HA3  sing N N 215 
GLY C   O    doub N N 216 
GLY C   OXT  sing N N 217 
GLY OXT HXT  sing N N 218 
HIS N   CA   sing N N 219 
HIS N   H    sing N N 220 
HIS N   H2   sing N N 221 
HIS CA  C    sing N N 222 
HIS CA  CB   sing N N 223 
HIS CA  HA   sing N N 224 
HIS C   O    doub N N 225 
HIS C   OXT  sing N N 226 
HIS CB  CG   sing N N 227 
HIS CB  HB2  sing N N 228 
HIS CB  HB3  sing N N 229 
HIS CG  ND1  sing Y N 230 
HIS CG  CD2  doub Y N 231 
HIS ND1 CE1  doub Y N 232 
HIS ND1 HD1  sing N N 233 
HIS CD2 NE2  sing Y N 234 
HIS CD2 HD2  sing N N 235 
HIS CE1 NE2  sing Y N 236 
HIS CE1 HE1  sing N N 237 
HIS NE2 HE2  sing N N 238 
HIS OXT HXT  sing N N 239 
HOH O   H1   sing N N 240 
HOH O   H2   sing N N 241 
ILE N   CA   sing N N 242 
ILE N   H    sing N N 243 
ILE N   H2   sing N N 244 
ILE CA  C    sing N N 245 
ILE CA  CB   sing N N 246 
ILE CA  HA   sing N N 247 
ILE C   O    doub N N 248 
ILE C   OXT  sing N N 249 
ILE CB  CG1  sing N N 250 
ILE CB  CG2  sing N N 251 
ILE CB  HB   sing N N 252 
ILE CG1 CD1  sing N N 253 
ILE CG1 HG12 sing N N 254 
ILE CG1 HG13 sing N N 255 
ILE CG2 HG21 sing N N 256 
ILE CG2 HG22 sing N N 257 
ILE CG2 HG23 sing N N 258 
ILE CD1 HD11 sing N N 259 
ILE CD1 HD12 sing N N 260 
ILE CD1 HD13 sing N N 261 
ILE OXT HXT  sing N N 262 
LEU N   CA   sing N N 263 
LEU N   H    sing N N 264 
LEU N   H2   sing N N 265 
LEU CA  C    sing N N 266 
LEU CA  CB   sing N N 267 
LEU CA  HA   sing N N 268 
LEU C   O    doub N N 269 
LEU C   OXT  sing N N 270 
LEU CB  CG   sing N N 271 
LEU CB  HB2  sing N N 272 
LEU CB  HB3  sing N N 273 
LEU CG  CD1  sing N N 274 
LEU CG  CD2  sing N N 275 
LEU CG  HG   sing N N 276 
LEU CD1 HD11 sing N N 277 
LEU CD1 HD12 sing N N 278 
LEU CD1 HD13 sing N N 279 
LEU CD2 HD21 sing N N 280 
LEU CD2 HD22 sing N N 281 
LEU CD2 HD23 sing N N 282 
LEU OXT HXT  sing N N 283 
LYS N   CA   sing N N 284 
LYS N   H    sing N N 285 
LYS N   H2   sing N N 286 
LYS CA  C    sing N N 287 
LYS CA  CB   sing N N 288 
LYS CA  HA   sing N N 289 
LYS C   O    doub N N 290 
LYS C   OXT  sing N N 291 
LYS CB  CG   sing N N 292 
LYS CB  HB2  sing N N 293 
LYS CB  HB3  sing N N 294 
LYS CG  CD   sing N N 295 
LYS CG  HG2  sing N N 296 
LYS CG  HG3  sing N N 297 
LYS CD  CE   sing N N 298 
LYS CD  HD2  sing N N 299 
LYS CD  HD3  sing N N 300 
LYS CE  NZ   sing N N 301 
LYS CE  HE2  sing N N 302 
LYS CE  HE3  sing N N 303 
LYS NZ  HZ1  sing N N 304 
LYS NZ  HZ2  sing N N 305 
LYS NZ  HZ3  sing N N 306 
LYS OXT HXT  sing N N 307 
MET N   CA   sing N N 308 
MET N   H    sing N N 309 
MET N   H2   sing N N 310 
MET CA  C    sing N N 311 
MET CA  CB   sing N N 312 
MET CA  HA   sing N N 313 
MET C   O    doub N N 314 
MET C   OXT  sing N N 315 
MET CB  CG   sing N N 316 
MET CB  HB2  sing N N 317 
MET CB  HB3  sing N N 318 
MET CG  SD   sing N N 319 
MET CG  HG2  sing N N 320 
MET CG  HG3  sing N N 321 
MET SD  CE   sing N N 322 
MET CE  HE1  sing N N 323 
MET CE  HE2  sing N N 324 
MET CE  HE3  sing N N 325 
MET OXT HXT  sing N N 326 
PHE N   CA   sing N N 327 
PHE N   H    sing N N 328 
PHE N   H2   sing N N 329 
PHE CA  C    sing N N 330 
PHE CA  CB   sing N N 331 
PHE CA  HA   sing N N 332 
PHE C   O    doub N N 333 
PHE C   OXT  sing N N 334 
PHE CB  CG   sing N N 335 
PHE CB  HB2  sing N N 336 
PHE CB  HB3  sing N N 337 
PHE CG  CD1  doub Y N 338 
PHE CG  CD2  sing Y N 339 
PHE CD1 CE1  sing Y N 340 
PHE CD1 HD1  sing N N 341 
PHE CD2 CE2  doub Y N 342 
PHE CD2 HD2  sing N N 343 
PHE CE1 CZ   doub Y N 344 
PHE CE1 HE1  sing N N 345 
PHE CE2 CZ   sing Y N 346 
PHE CE2 HE2  sing N N 347 
PHE CZ  HZ   sing N N 348 
PHE OXT HXT  sing N N 349 
PRO N   CA   sing N N 350 
PRO N   CD   sing N N 351 
PRO N   H    sing N N 352 
PRO CA  C    sing N N 353 
PRO CA  CB   sing N N 354 
PRO CA  HA   sing N N 355 
PRO C   O    doub N N 356 
PRO C   OXT  sing N N 357 
PRO CB  CG   sing N N 358 
PRO CB  HB2  sing N N 359 
PRO CB  HB3  sing N N 360 
PRO CG  CD   sing N N 361 
PRO CG  HG2  sing N N 362 
PRO CG  HG3  sing N N 363 
PRO CD  HD2  sing N N 364 
PRO CD  HD3  sing N N 365 
PRO OXT HXT  sing N N 366 
SER N   CA   sing N N 367 
SER N   H    sing N N 368 
SER N   H2   sing N N 369 
SER CA  C    sing N N 370 
SER CA  CB   sing N N 371 
SER CA  HA   sing N N 372 
SER C   O    doub N N 373 
SER C   OXT  sing N N 374 
SER CB  OG   sing N N 375 
SER CB  HB2  sing N N 376 
SER CB  HB3  sing N N 377 
SER OG  HG   sing N N 378 
SER OXT HXT  sing N N 379 
THR N   CA   sing N N 380 
THR N   H    sing N N 381 
THR N   H2   sing N N 382 
THR CA  C    sing N N 383 
THR CA  CB   sing N N 384 
THR CA  HA   sing N N 385 
THR C   O    doub N N 386 
THR C   OXT  sing N N 387 
THR CB  OG1  sing N N 388 
THR CB  CG2  sing N N 389 
THR CB  HB   sing N N 390 
THR OG1 HG1  sing N N 391 
THR CG2 HG21 sing N N 392 
THR CG2 HG22 sing N N 393 
THR CG2 HG23 sing N N 394 
THR OXT HXT  sing N N 395 
TRP N   CA   sing N N 396 
TRP N   H    sing N N 397 
TRP N   H2   sing N N 398 
TRP CA  C    sing N N 399 
TRP CA  CB   sing N N 400 
TRP CA  HA   sing N N 401 
TRP C   O    doub N N 402 
TRP C   OXT  sing N N 403 
TRP CB  CG   sing N N 404 
TRP CB  HB2  sing N N 405 
TRP CB  HB3  sing N N 406 
TRP CG  CD1  doub Y N 407 
TRP CG  CD2  sing Y N 408 
TRP CD1 NE1  sing Y N 409 
TRP CD1 HD1  sing N N 410 
TRP CD2 CE2  doub Y N 411 
TRP CD2 CE3  sing Y N 412 
TRP NE1 CE2  sing Y N 413 
TRP NE1 HE1  sing N N 414 
TRP CE2 CZ2  sing Y N 415 
TRP CE3 CZ3  doub Y N 416 
TRP CE3 HE3  sing N N 417 
TRP CZ2 CH2  doub Y N 418 
TRP CZ2 HZ2  sing N N 419 
TRP CZ3 CH2  sing Y N 420 
TRP CZ3 HZ3  sing N N 421 
TRP CH2 HH2  sing N N 422 
TRP OXT HXT  sing N N 423 
TYR N   CA   sing N N 424 
TYR N   H    sing N N 425 
TYR N   H2   sing N N 426 
TYR CA  C    sing N N 427 
TYR CA  CB   sing N N 428 
TYR CA  HA   sing N N 429 
TYR C   O    doub N N 430 
TYR C   OXT  sing N N 431 
TYR CB  CG   sing N N 432 
TYR CB  HB2  sing N N 433 
TYR CB  HB3  sing N N 434 
TYR CG  CD1  doub Y N 435 
TYR CG  CD2  sing Y N 436 
TYR CD1 CE1  sing Y N 437 
TYR CD1 HD1  sing N N 438 
TYR CD2 CE2  doub Y N 439 
TYR CD2 HD2  sing N N 440 
TYR CE1 CZ   doub Y N 441 
TYR CE1 HE1  sing N N 442 
TYR CE2 CZ   sing Y N 443 
TYR CE2 HE2  sing N N 444 
TYR CZ  OH   sing N N 445 
TYR OH  HH   sing N N 446 
TYR OXT HXT  sing N N 447 
VAL N   CA   sing N N 448 
VAL N   H    sing N N 449 
VAL N   H2   sing N N 450 
VAL CA  C    sing N N 451 
VAL CA  CB   sing N N 452 
VAL CA  HA   sing N N 453 
VAL C   O    doub N N 454 
VAL C   OXT  sing N N 455 
VAL CB  CG1  sing N N 456 
VAL CB  CG2  sing N N 457 
VAL CB  HB   sing N N 458 
VAL CG1 HG11 sing N N 459 
VAL CG1 HG12 sing N N 460 
VAL CG1 HG13 sing N N 461 
VAL CG2 HG21 sing N N 462 
VAL CG2 HG22 sing N N 463 
VAL CG2 HG23 sing N N 464 
VAL OXT HXT  sing N N 465 
# 
_atom_sites.entry_id                    2A4F 
_atom_sites.fract_transf_matrix[1][1]   0.00731743 
_atom_sites.fract_transf_matrix[1][2]   0.00768765 
_atom_sites.fract_transf_matrix[1][3]   0.01358449 
_atom_sites.fract_transf_matrix[2][1]   -0.00707585 
_atom_sites.fract_transf_matrix[2][2]   -0.00590101 
_atom_sites.fract_transf_matrix[2][3]   0.00715094 
_atom_sites.fract_transf_matrix[3][1]   0.01440899 
_atom_sites.fract_transf_matrix[3][2]   -0.01582841 
_atom_sites.fract_transf_matrix[3][3]   0.00119596 
_atom_sites.fract_transf_vector[1]      0.266050 
_atom_sites.fract_transf_vector[2]      0.307127 
_atom_sites.fract_transf_vector[3]      0.077376 
# 
loop_
_atom_type.symbol 
C 
N 
O 
S 
# 
loop_
_atom_site.group_PDB 
_atom_site.id 
_atom_site.type_symbol 
_atom_site.label_atom_id 
_atom_site.label_alt_id 
_atom_site.label_comp_id 
_atom_site.label_asym_id 
_atom_site.label_entity_id 
_atom_site.label_seq_id 
_atom_site.pdbx_PDB_ins_code 
_atom_site.Cartn_x 
_atom_site.Cartn_y 
_atom_site.Cartn_z 
_atom_site.occupancy 
_atom_site.B_iso_or_equiv 
_atom_site.pdbx_formal_charge 
_atom_site.auth_seq_id 
_atom_site.auth_comp_id 
_atom_site.auth_asym_id 
_atom_site.auth_atom_id 
_atom_site.pdbx_PDB_model_num 
ATOM   1    N N   . PRO A 1 1  ? -1.813  -2.265  18.903  1.00 29.55 ? 1    PRO A N   1 
ATOM   2    C CA  . PRO A 1 1  ? -0.971  -1.051  18.880  1.00 28.94 ? 1    PRO A CA  1 
ATOM   3    C C   . PRO A 1 1  ? -1.468  -0.046  17.851  1.00 28.54 ? 1    PRO A C   1 
ATOM   4    O O   . PRO A 1 1  ? -2.229  -0.393  16.952  1.00 28.20 ? 1    PRO A O   1 
ATOM   5    C CB  . PRO A 1 1  ? 0.439   -1.502  18.532  1.00 29.30 ? 1    PRO A CB  1 
ATOM   6    C CG  . PRO A 1 1  ? 0.150   -2.745  17.700  1.00 29.85 ? 1    PRO A CG  1 
ATOM   7    C CD  . PRO A 1 1  ? -1.034  -3.420  18.420  1.00 29.49 ? 1    PRO A CD  1 
ATOM   8    N N   . GLN A 1 2  ? -1.041  1.206   17.998  1.00 28.31 ? 2    GLN A N   1 
ATOM   9    C CA  . GLN A 1 2  ? -1.413  2.254   17.056  1.00 27.32 ? 2    GLN A CA  1 
ATOM   10   C C   . GLN A 1 2  ? -0.134  2.679   16.358  1.00 26.19 ? 2    GLN A C   1 
ATOM   11   O O   . GLN A 1 2  ? 0.821   3.115   16.999  1.00 25.76 ? 2    GLN A O   1 
ATOM   12   C CB  . GLN A 1 2  ? -2.040  3.451   17.763  1.00 28.39 ? 2    GLN A CB  1 
ATOM   13   C CG  . GLN A 1 2  ? -2.560  4.494   16.781  1.00 30.34 ? 2    GLN A CG  1 
ATOM   14   C CD  . GLN A 1 2  ? -3.351  5.593   17.447  1.00 31.36 ? 2    GLN A CD  1 
ATOM   15   O OE1 . GLN A 1 2  ? -2.791  6.476   18.096  1.00 32.49 ? 2    GLN A OE1 1 
ATOM   16   N NE2 . GLN A 1 2  ? -4.664  5.541   17.297  1.00 31.47 ? 2    GLN A NE2 1 
ATOM   17   N N   . ILE A 1 3  ? -0.121  2.546   15.038  1.00 24.50 ? 3    ILE A N   1 
ATOM   18   C CA  . ILE A 1 3  ? 1.054   2.877   14.254  1.00 22.64 ? 3    ILE A CA  1 
ATOM   19   C C   . ILE A 1 3  ? 0.812   4.099   13.375  1.00 21.69 ? 3    ILE A C   1 
ATOM   20   O O   . ILE A 1 3  ? -0.094  4.102   12.539  1.00 20.49 ? 3    ILE A O   1 
ATOM   21   C CB  . ILE A 1 3  ? 1.452   1.650   13.393  1.00 22.63 ? 3    ILE A CB  1 
ATOM   22   C CG1 . ILE A 1 3  ? 1.747   0.461   14.319  1.00 22.73 ? 3    ILE A CG1 1 
ATOM   23   C CG2 . ILE A 1 3  ? 2.655   1.964   12.529  1.00 22.50 ? 3    ILE A CG2 1 
ATOM   24   C CD1 . ILE A 1 3  ? 1.853   -0.879  13.604  1.00 23.18 ? 3    ILE A CD1 1 
ATOM   25   N N   . THR A 1 4  ? 1.605   5.149   13.578  1.00 20.28 ? 4    THR A N   1 
ATOM   26   C CA  . THR A 1 4  ? 1.453   6.348   12.765  1.00 19.50 ? 4    THR A CA  1 
ATOM   27   C C   . THR A 1 4  ? 2.111   6.116   11.418  1.00 18.79 ? 4    THR A C   1 
ATOM   28   O O   . THR A 1 4  ? 2.826   5.120   11.217  1.00 18.15 ? 4    THR A O   1 
ATOM   29   C CB  . THR A 1 4  ? 2.069   7.614   13.417  1.00 19.55 ? 4    THR A CB  1 
ATOM   30   O OG1 . THR A 1 4  ? 3.433   7.366   13.769  1.00 19.46 ? 4    THR A OG1 1 
ATOM   31   C CG2 . THR A 1 4  ? 1.271   8.017   14.648  1.00 19.44 ? 4    THR A CG2 1 
ATOM   32   N N   . LEU A 1 5  ? 1.874   7.041   10.500  1.00 17.20 ? 5    LEU A N   1 
ATOM   33   C CA  . LEU A 1 5  ? 2.397   6.908   9.159   1.00 16.66 ? 5    LEU A CA  1 
ATOM   34   C C   . LEU A 1 5  ? 3.480   7.920   8.787   1.00 16.64 ? 5    LEU A C   1 
ATOM   35   O O   . LEU A 1 5  ? 3.754   8.130   7.608   1.00 16.23 ? 5    LEU A O   1 
ATOM   36   C CB  . LEU A 1 5  ? 1.222   6.958   8.177   1.00 17.15 ? 5    LEU A CB  1 
ATOM   37   C CG  . LEU A 1 5  ? 0.171   5.874   8.475   1.00 16.65 ? 5    LEU A CG  1 
ATOM   38   C CD1 . LEU A 1 5  ? -1.089  6.093   7.647   1.00 15.92 ? 5    LEU A CD1 1 
ATOM   39   C CD2 . LEU A 1 5  ? 0.783   4.499   8.193   1.00 16.98 ? 5    LEU A CD2 1 
ATOM   40   N N   . TRP A 1 6  ? 4.112   8.525   9.792   1.00 15.86 ? 6    TRP A N   1 
ATOM   41   C CA  . TRP A 1 6  ? 5.177   9.489   9.530   1.00 16.91 ? 6    TRP A CA  1 
ATOM   42   C C   . TRP A 1 6  ? 6.331   8.763   8.844   1.00 16.78 ? 6    TRP A C   1 
ATOM   43   O O   . TRP A 1 6  ? 7.073   9.356   8.063   1.00 15.91 ? 6    TRP A O   1 
ATOM   44   C CB  . TRP A 1 6  ? 5.691   10.111  10.833  1.00 16.88 ? 6    TRP A CB  1 
ATOM   45   C CG  . TRP A 1 6  ? 4.695   10.974  11.551  1.00 17.88 ? 6    TRP A CG  1 
ATOM   46   C CD1 . TRP A 1 6  ? 4.018   10.668  12.695  1.00 17.85 ? 6    TRP A CD1 1 
ATOM   47   C CD2 . TRP A 1 6  ? 4.317   12.311  11.204  1.00 18.27 ? 6    TRP A CD2 1 
ATOM   48   N NE1 . TRP A 1 6  ? 3.244   11.743  13.090  1.00 19.87 ? 6    TRP A NE1 1 
ATOM   49   C CE2 . TRP A 1 6  ? 3.411   12.762  12.191  1.00 18.64 ? 6    TRP A CE2 1 
ATOM   50   C CE3 . TRP A 1 6  ? 4.660   13.176  10.158  1.00 19.02 ? 6    TRP A CE3 1 
ATOM   51   C CZ2 . TRP A 1 6  ? 2.844   14.045  12.164  1.00 19.71 ? 6    TRP A CZ2 1 
ATOM   52   C CZ3 . TRP A 1 6  ? 4.094   14.456  10.132  1.00 19.27 ? 6    TRP A CZ3 1 
ATOM   53   C CH2 . TRP A 1 6  ? 3.199   14.872  11.130  1.00 18.97 ? 6    TRP A CH2 1 
ATOM   54   N N   . GLN A 1 7  ? 6.482   7.479   9.163   1.00 17.42 ? 7    GLN A N   1 
ATOM   55   C CA  . GLN A 1 7  ? 7.527   6.632   8.574   1.00 17.79 ? 7    GLN A CA  1 
ATOM   56   C C   . GLN A 1 7  ? 6.843   5.374   8.034   1.00 17.27 ? 7    GLN A C   1 
ATOM   57   O O   . GLN A 1 7  ? 5.708   5.085   8.398   1.00 17.06 ? 7    GLN A O   1 
ATOM   58   C CB  . GLN A 1 7  ? 8.562   6.205   9.624   1.00 19.69 ? 7    GLN A CB  1 
ATOM   59   C CG  . GLN A 1 7  ? 9.360   7.325   10.291  1.00 22.66 ? 7    GLN A CG  1 
ATOM   60   C CD  . GLN A 1 7  ? 8.634   7.944   11.462  1.00 24.08 ? 7    GLN A CD  1 
ATOM   61   O OE1 . GLN A 1 7  ? 8.085   7.238   12.311  1.00 24.50 ? 7    GLN A OE1 1 
ATOM   62   N NE2 . GLN A 1 7  ? 8.636   9.271   11.525  1.00 24.99 ? 7    GLN A NE2 1 
ATOM   63   N N   . ARG A 1 8  ? 7.525   4.621   7.178   1.00 16.65 ? 8    ARG A N   1 
ATOM   64   C CA  . ARG A 1 8  ? 6.925   3.398   6.640   1.00 16.43 ? 8    ARG A CA  1 
ATOM   65   C C   . ARG A 1 8  ? 6.562   2.477   7.811   1.00 15.90 ? 8    ARG A C   1 
ATOM   66   O O   . ARG A 1 8  ? 7.340   2.327   8.756   1.00 14.51 ? 8    ARG A O   1 
ATOM   67   C CB  . ARG A 1 8  ? 7.907   2.687   5.704   1.00 17.13 ? 8    ARG A CB  1 
ATOM   68   C CG  . ARG A 1 8  ? 8.189   3.431   4.413   1.00 18.47 ? 8    ARG A CG  1 
ATOM   69   C CD  . ARG A 1 8  ? 9.250   2.721   3.569   1.00 19.61 ? 8    ARG A CD  1 
ATOM   70   N NE  . ARG A 1 8  ? 9.464   3.399   2.292   1.00 20.23 ? 8    ARG A NE  1 
ATOM   71   C CZ  . ARG A 1 8  ? 10.434  3.087   1.437   1.00 22.11 ? 8    ARG A CZ  1 
ATOM   72   N NH1 . ARG A 1 8  ? 10.556  3.757   0.294   1.00 22.01 ? 8    ARG A NH1 1 
ATOM   73   N NH2 . ARG A 1 8  ? 11.290  2.108   1.727   1.00 22.03 ? 8    ARG A NH2 1 
ATOM   74   N N   . PRO A 1 9  ? 5.362   1.872   7.774   1.00 16.14 ? 9    PRO A N   1 
ATOM   75   C CA  . PRO A 1 9  ? 4.927   0.969   8.847   1.00 16.13 ? 9    PRO A CA  1 
ATOM   76   C C   . PRO A 1 9  ? 5.546   -0.421  8.723   1.00 16.93 ? 9    PRO A C   1 
ATOM   77   O O   . PRO A 1 9  ? 4.909   -1.364  8.247   1.00 14.59 ? 9    PRO A O   1 
ATOM   78   C CB  . PRO A 1 9  ? 3.411   0.954   8.689   1.00 15.90 ? 9    PRO A CB  1 
ATOM   79   C CG  . PRO A 1 9  ? 3.227   1.143   7.210   1.00 15.74 ? 9    PRO A CG  1 
ATOM   80   C CD  . PRO A 1 9  ? 4.241   2.195   6.872   1.00 16.18 ? 9    PRO A CD  1 
ATOM   81   N N   . LEU A 1 10 ? 6.798   -0.533  9.158   1.00 18.02 ? 10   LEU A N   1 
ATOM   82   C CA  . LEU A 1 10 ? 7.517   -1.800  9.099   1.00 18.94 ? 10   LEU A CA  1 
ATOM   83   C C   . LEU A 1 10 ? 7.421   -2.553  10.417  1.00 19.96 ? 10   LEU A C   1 
ATOM   84   O O   . LEU A 1 10 ? 7.545   -1.968  11.492  1.00 18.98 ? 10   LEU A O   1 
ATOM   85   C CB  . LEU A 1 10 ? 8.983   -1.545  8.758   1.00 20.39 ? 10   LEU A CB  1 
ATOM   86   C CG  . LEU A 1 10 ? 9.201   -0.837  7.415   1.00 21.58 ? 10   LEU A CG  1 
ATOM   87   C CD1 . LEU A 1 10 ? 10.665  -0.467  7.252   1.00 22.66 ? 10   LEU A CD1 1 
ATOM   88   C CD2 . LEU A 1 10 ? 8.762   -1.752  6.284   1.00 21.98 ? 10   LEU A CD2 1 
ATOM   89   N N   . VAL A 1 11 ? 7.200   -3.858  10.320  1.00 20.40 ? 11   VAL A N   1 
ATOM   90   C CA  . VAL A 1 11 ? 7.094   -4.709  11.488  1.00 21.24 ? 11   VAL A CA  1 
ATOM   91   C C   . VAL A 1 11 ? 7.842   -6.005  11.229  1.00 22.03 ? 11   VAL A C   1 
ATOM   92   O O   . VAL A 1 11 ? 8.117   -6.359  10.078  1.00 21.56 ? 11   VAL A O   1 
ATOM   93   C CB  . VAL A 1 11 ? 5.630   -5.072  11.795  1.00 21.34 ? 11   VAL A CB  1 
ATOM   94   C CG1 . VAL A 1 11 ? 4.818   -3.811  12.042  1.00 21.39 ? 11   VAL A CG1 1 
ATOM   95   C CG2 . VAL A 1 11 ? 5.048   -5.884  10.639  1.00 20.53 ? 11   VAL A CG2 1 
ATOM   96   N N   . THR A 1 12 ? 8.172   -6.711  12.301  1.00 22.69 ? 12   THR A N   1 
ATOM   97   C CA  . THR A 1 12 ? 8.864   -7.980  12.159  1.00 24.03 ? 12   THR A CA  1 
ATOM   98   C C   . THR A 1 12 ? 7.804   -9.065  12.028  1.00 24.01 ? 12   THR A C   1 
ATOM   99   O O   . THR A 1 12 ? 6.756   -8.989  12.656  1.00 24.56 ? 12   THR A O   1 
ATOM   100  C CB  . THR A 1 12 ? 9.732   -8.277  13.380  1.00 24.13 ? 12   THR A CB  1 
ATOM   101  O OG1 . THR A 1 12 ? 10.653  -7.201  13.581  1.00 25.04 ? 12   THR A OG1 1 
ATOM   102  C CG2 . THR A 1 12 ? 10.499  -9.572  13.180  1.00 25.07 ? 12   THR A CG2 1 
ATOM   103  N N   . ILE A 1 13 ? 8.062   -10.057 11.186  1.00 24.22 ? 13   ILE A N   1 
ATOM   104  C CA  . ILE A 1 13 ? 7.126   -11.158 11.013  1.00 25.11 ? 13   ILE A CA  1 
ATOM   105  C C   . ILE A 1 13 ? 7.914   -12.447 11.173  1.00 26.18 ? 13   ILE A C   1 
ATOM   106  O O   . ILE A 1 13 ? 9.119   -12.478 10.932  1.00 26.64 ? 13   ILE A O   1 
ATOM   107  C CB  . ILE A 1 13 ? 6.470   -11.169 9.608   1.00 24.15 ? 13   ILE A CB  1 
ATOM   108  C CG1 . ILE A 1 13 ? 7.539   -11.397 8.535   1.00 23.36 ? 13   ILE A CG1 1 
ATOM   109  C CG2 . ILE A 1 13 ? 5.726   -9.855  9.367   1.00 23.10 ? 13   ILE A CG2 1 
ATOM   110  C CD1 . ILE A 1 13 ? 6.972   -11.681 7.159   1.00 22.63 ? 13   ILE A CD1 1 
ATOM   111  N N   . LYS A 1 14 ? 7.229   -13.502 11.590  1.00 27.82 ? 14   LYS A N   1 
ATOM   112  C CA  . LYS A 1 14 ? 7.853   -14.803 11.769  1.00 29.90 ? 14   LYS A CA  1 
ATOM   113  C C   . LYS A 1 14 ? 7.122   -15.737 10.815  1.00 30.41 ? 14   LYS A C   1 
ATOM   114  O O   . LYS A 1 14 ? 5.907   -15.911 10.914  1.00 29.72 ? 14   LYS A O   1 
ATOM   115  C CB  . LYS A 1 14 ? 7.684   -15.268 13.215  1.00 31.56 ? 14   LYS A CB  1 
ATOM   116  C CG  . LYS A 1 14 ? 8.418   -16.548 13.575  1.00 33.96 ? 14   LYS A CG  1 
ATOM   117  C CD  . LYS A 1 14 ? 8.177   -16.894 15.040  1.00 36.16 ? 14   LYS A CD  1 
ATOM   118  C CE  . LYS A 1 14 ? 8.911   -18.166 15.453  1.00 37.67 ? 14   LYS A CE  1 
ATOM   119  N NZ  . LYS A 1 14 ? 8.666   -18.500 16.889  1.00 38.79 ? 14   LYS A NZ  1 
ATOM   120  N N   . ILE A 1 15 ? 7.860   -16.315 9.878   1.00 31.01 ? 15   ILE A N   1 
ATOM   121  C CA  . ILE A 1 15 ? 7.270   -17.217 8.899   1.00 32.17 ? 15   ILE A CA  1 
ATOM   122  C C   . ILE A 1 15 ? 8.273   -18.290 8.501   1.00 33.42 ? 15   ILE A C   1 
ATOM   123  O O   . ILE A 1 15 ? 9.421   -17.994 8.179   1.00 32.84 ? 15   ILE A O   1 
ATOM   124  C CB  . ILE A 1 15 ? 6.812   -16.444 7.639   1.00 31.75 ? 15   ILE A CB  1 
ATOM   125  C CG1 . ILE A 1 15 ? 6.237   -17.413 6.604   1.00 31.22 ? 15   ILE A CG1 1 
ATOM   126  C CG2 . ILE A 1 15 ? 7.975   -15.655 7.059   1.00 31.72 ? 15   ILE A CG2 1 
ATOM   127  C CD1 . ILE A 1 15 ? 5.620   -16.731 5.397   1.00 31.14 ? 15   ILE A CD1 1 
ATOM   128  N N   . GLY A 1 16 ? 7.829   -19.540 8.535   1.00 34.94 ? 16   GLY A N   1 
ATOM   129  C CA  . GLY A 1 16 ? 8.702   -20.642 8.177   1.00 37.09 ? 16   GLY A CA  1 
ATOM   130  C C   . GLY A 1 16 ? 9.935   -20.699 9.055   1.00 38.26 ? 16   GLY A C   1 
ATOM   131  O O   . GLY A 1 16 ? 11.027  -21.017 8.585   1.00 38.73 ? 16   GLY A O   1 
ATOM   132  N N   . GLY A 1 17 ? 9.762   -20.391 10.336  1.00 38.66 ? 17   GLY A N   1 
ATOM   133  C CA  . GLY A 1 17 ? 10.879  -20.416 11.259  1.00 39.69 ? 17   GLY A CA  1 
ATOM   134  C C   . GLY A 1 17 ? 11.877  -19.302 11.006  1.00 39.78 ? 17   GLY A C   1 
ATOM   135  O O   . GLY A 1 17 ? 12.959  -19.288 11.592  1.00 39.90 ? 17   GLY A O   1 
ATOM   136  N N   . GLN A 1 18 ? 11.515  -18.362 10.140  1.00 39.31 ? 18   GLN A N   1 
ATOM   137  C CA  . GLN A 1 18 ? 12.394  -17.243 9.818   1.00 38.84 ? 18   GLN A CA  1 
ATOM   138  C C   . GLN A 1 18 ? 11.795  -15.916 10.266  1.00 37.64 ? 18   GLN A C   1 
ATOM   139  O O   . GLN A 1 18 ? 10.578  -15.750 10.275  1.00 37.01 ? 18   GLN A O   1 
ATOM   140  C CB  . GLN A 1 18 ? 12.642  -17.178 8.309   1.00 40.20 ? 18   GLN A CB  1 
ATOM   141  C CG  . GLN A 1 18 ? 13.331  -18.387 7.704   1.00 42.40 ? 18   GLN A CG  1 
ATOM   142  C CD  . GLN A 1 18 ? 13.510  -18.247 6.201   1.00 43.55 ? 18   GLN A CD  1 
ATOM   143  O OE1 . GLN A 1 18 ? 14.142  -17.301 5.723   1.00 43.99 ? 18   GLN A OE1 1 
ATOM   144  N NE2 . GLN A 1 18 ? 12.951  -19.188 5.448   1.00 43.79 ? 18   GLN A NE2 1 
ATOM   145  N N   . LEU A 1 19 ? 12.661  -14.977 10.639  1.00 36.23 ? 19   LEU A N   1 
ATOM   146  C CA  . LEU A 1 19 ? 12.229  -13.645 11.057  1.00 34.88 ? 19   LEU A CA  1 
ATOM   147  C C   . LEU A 1 19 ? 12.542  -12.685 9.917   1.00 33.49 ? 19   LEU A C   1 
ATOM   148  O O   . LEU A 1 19 ? 13.633  -12.722 9.356   1.00 33.07 ? 19   LEU A O   1 
ATOM   149  C CB  . LEU A 1 19 ? 12.975  -13.195 12.314  1.00 35.64 ? 19   LEU A CB  1 
ATOM   150  C CG  . LEU A 1 19 ? 12.753  -13.980 13.609  1.00 36.00 ? 19   LEU A CG  1 
ATOM   151  C CD1 . LEU A 1 19 ? 13.619  -13.382 14.708  1.00 36.39 ? 19   LEU A CD1 1 
ATOM   152  C CD2 . LEU A 1 19 ? 11.286  -13.934 13.999  1.00 36.17 ? 19   LEU A CD2 1 
ATOM   153  N N   . LYS A 1 20 ? 11.588  -11.826 9.580   1.00 32.00 ? 20   LYS A N   1 
ATOM   154  C CA  . LYS A 1 20 ? 11.773  -10.868 8.496   1.00 30.70 ? 20   LYS A CA  1 
ATOM   155  C C   . LYS A 1 20 ? 11.022  -9.569  8.784   1.00 29.44 ? 20   LYS A C   1 
ATOM   156  O O   . LYS A 1 20 ? 10.080  -9.553  9.577   1.00 28.28 ? 20   LYS A O   1 
ATOM   157  C CB  . LYS A 1 20 ? 11.251  -11.451 7.175   1.00 30.94 ? 20   LYS A CB  1 
ATOM   158  C CG  . LYS A 1 20 ? 11.994  -12.680 6.653   1.00 32.06 ? 20   LYS A CG  1 
ATOM   159  C CD  . LYS A 1 20 ? 11.318  -13.215 5.395   1.00 32.94 ? 20   LYS A CD  1 
ATOM   160  C CE  . LYS A 1 20 ? 12.072  -14.387 4.778   1.00 33.92 ? 20   LYS A CE  1 
ATOM   161  N NZ  . LYS A 1 20 ? 13.365  -13.989 4.165   1.00 33.87 ? 20   LYS A NZ  1 
ATOM   162  N N   . GLU A 1 21 ? 11.453  -8.486  8.143   1.00 27.65 ? 21   GLU A N   1 
ATOM   163  C CA  . GLU A 1 21 ? 10.789  -7.195  8.292   1.00 25.74 ? 21   GLU A CA  1 
ATOM   164  C C   . GLU A 1 21 ? 9.828   -7.055  7.121   1.00 23.17 ? 21   GLU A C   1 
ATOM   165  O O   . GLU A 1 21 ? 10.178  -7.362  5.983   1.00 22.36 ? 21   GLU A O   1 
ATOM   166  C CB  . GLU A 1 21 ? 11.786  -6.035  8.249   1.00 29.44 ? 21   GLU A CB  1 
ATOM   167  C CG  . GLU A 1 21 ? 12.430  -5.682  9.578   1.00 34.05 ? 21   GLU A CG  1 
ATOM   168  C CD  . GLU A 1 21 ? 12.689  -4.186  9.705   1.00 36.77 ? 21   GLU A CD  1 
ATOM   169  O OE1 . GLU A 1 21 ? 13.272  -3.594  8.767   1.00 37.39 ? 21   GLU A OE1 1 
ATOM   170  O OE2 . GLU A 1 21 ? 12.305  -3.605  10.746  1.00 38.32 ? 21   GLU A OE2 1 
ATOM   171  N N   . ALA A 1 22 ? 8.614   -6.595  7.396   1.00 20.22 ? 22   ALA A N   1 
ATOM   172  C CA  . ALA A 1 22 ? 7.634   -6.438  6.339   1.00 17.57 ? 22   ALA A CA  1 
ATOM   173  C C   . ALA A 1 22 ? 6.841   -5.149  6.493   1.00 15.90 ? 22   ALA A C   1 
ATOM   174  O O   . ALA A 1 22 ? 6.697   -4.617  7.598   1.00 15.00 ? 22   ALA A O   1 
ATOM   175  C CB  . ALA A 1 22 ? 6.702   -7.627  6.321   1.00 17.51 ? 22   ALA A CB  1 
ATOM   176  N N   . LEU A 1 23 ? 6.329   -4.665  5.365   1.00 14.58 ? 23   LEU A N   1 
ATOM   177  C CA  . LEU A 1 23 ? 5.545   -3.430  5.298   1.00 14.07 ? 23   LEU A CA  1 
ATOM   178  C C   . LEU A 1 23 ? 4.043   -3.702  5.396   1.00 14.22 ? 23   LEU A C   1 
ATOM   179  O O   . LEU A 1 23 ? 3.506   -4.492  4.614   1.00 13.45 ? 23   LEU A O   1 
ATOM   180  C CB  . LEU A 1 23 ? 5.848   -2.727  3.968   1.00 14.77 ? 23   LEU A CB  1 
ATOM   181  C CG  . LEU A 1 23 ? 5.134   -1.413  3.646   1.00 15.21 ? 23   LEU A CG  1 
ATOM   182  C CD1 . LEU A 1 23 ? 5.555   -0.346  4.646   1.00 15.80 ? 23   LEU A CD1 1 
ATOM   183  C CD2 . LEU A 1 23 ? 5.476   -0.984  2.216   1.00 15.36 ? 23   LEU A CD2 1 
ATOM   184  N N   . LEU A 1 24 ? 3.370   -3.067  6.358   1.00 13.59 ? 24   LEU A N   1 
ATOM   185  C CA  . LEU A 1 24 ? 1.915   -3.235  6.510   1.00 13.33 ? 24   LEU A CA  1 
ATOM   186  C C   . LEU A 1 24 ? 1.349   -2.356  5.400   1.00 12.94 ? 24   LEU A C   1 
ATOM   187  O O   . LEU A 1 24 ? 1.361   -1.135  5.509   1.00 13.10 ? 24   LEU A O   1 
ATOM   188  C CB  . LEU A 1 24 ? 1.449   -2.725  7.882   1.00 13.40 ? 24   LEU A CB  1 
ATOM   189  C CG  . LEU A 1 24 ? 2.150   -3.377  9.078   1.00 14.29 ? 24   LEU A CG  1 
ATOM   190  C CD1 . LEU A 1 24 ? 1.604   -2.805  10.401  1.00 14.36 ? 24   LEU A CD1 1 
ATOM   191  C CD2 . LEU A 1 24 ? 1.942   -4.899  8.997   1.00 14.26 ? 24   LEU A CD2 1 
ATOM   192  N N   . ASP A 1 25 ? 0.838   -2.989  4.348   1.00 12.87 ? 25   ASP A N   1 
ATOM   193  C CA  . ASP A 1 25 ? 0.366   -2.283  3.156   1.00 11.69 ? 25   ASP A CA  1 
ATOM   194  C C   . ASP A 1 25 ? -1.128  -2.401  2.853   1.00 11.41 ? 25   ASP A C   1 
ATOM   195  O O   . ASP A 1 25 ? -1.567  -3.396  2.283   1.00 10.99 ? 25   ASP A O   1 
ATOM   196  C CB  . ASP A 1 25 ? 1.181   -2.815  1.973   1.00 13.71 ? 25   ASP A CB  1 
ATOM   197  C CG  . ASP A 1 25 ? 0.973   -2.038  0.705   1.00 13.64 ? 25   ASP A CG  1 
ATOM   198  O OD1 . ASP A 1 25 ? 0.086   -1.161  0.660   1.00 15.07 ? 25   ASP A OD1 1 
ATOM   199  O OD2 . ASP A 1 25 ? 1.717   -2.323  -0.263  1.00 16.19 ? 25   ASP A OD2 1 
ATOM   200  N N   . THR A 1 26 ? -1.901  -1.367  3.201   1.00 10.07 ? 26   THR A N   1 
ATOM   201  C CA  . THR A 1 26 ? -3.345  -1.381  2.956   1.00 9.14  ? 26   THR A CA  1 
ATOM   202  C C   . THR A 1 26 ? -3.711  -1.337  1.467   1.00 9.58  ? 26   THR A C   1 
ATOM   203  O O   . THR A 1 26 ? -4.836  -1.693  1.086   1.00 9.73  ? 26   THR A O   1 
ATOM   204  C CB  . THR A 1 26 ? -4.042  -0.214  3.701   1.00 9.11  ? 26   THR A CB  1 
ATOM   205  O OG1 . THR A 1 26 ? -3.479  1.042   3.286   1.00 7.53  ? 26   THR A OG1 1 
ATOM   206  C CG2 . THR A 1 26 ? -3.854  -0.380  5.201   1.00 8.55  ? 26   THR A CG2 1 
ATOM   207  N N   . GLY A 1 27 ? -2.758  -0.917  0.634   1.00 9.68  ? 27   GLY A N   1 
ATOM   208  C CA  . GLY A 1 27 ? -2.992  -0.836  -0.802  1.00 9.59  ? 27   GLY A CA  1 
ATOM   209  C C   . GLY A 1 27 ? -2.672  -2.121  -1.541  1.00 9.40  ? 27   GLY A C   1 
ATOM   210  O O   . GLY A 1 27 ? -2.825  -2.195  -2.761  1.00 9.71  ? 27   GLY A O   1 
ATOM   211  N N   . ALA A 1 28 ? -2.195  -3.129  -0.810  1.00 9.92  ? 28   ALA A N   1 
ATOM   212  C CA  . ALA A 1 28 ? -1.856  -4.423  -1.408  1.00 9.82  ? 28   ALA A CA  1 
ATOM   213  C C   . ALA A 1 28 ? -2.935  -5.459  -1.115  1.00 11.19 ? 28   ALA A C   1 
ATOM   214  O O   . ALA A 1 28 ? -3.292  -5.663  0.049   1.00 10.79 ? 28   ALA A O   1 
ATOM   215  C CB  . ALA A 1 28 ? -0.524  -4.908  -0.863  1.00 9.83  ? 28   ALA A CB  1 
ATOM   216  N N   . ASP A 1 29 ? -3.453  -6.114  -2.159  1.00 10.81 ? 29   ASP A N   1 
ATOM   217  C CA  . ASP A 1 29 ? -4.490  -7.131  -1.960  1.00 13.22 ? 29   ASP A CA  1 
ATOM   218  C C   . ASP A 1 29 ? -3.894  -8.384  -1.327  1.00 13.06 ? 29   ASP A C   1 
ATOM   219  O O   . ASP A 1 29 ? -4.526  -9.017  -0.478  1.00 14.17 ? 29   ASP A O   1 
ATOM   220  C CB  . ASP A 1 29 ? -5.133  -7.575  -3.284  1.00 13.41 ? 29   ASP A CB  1 
ATOM   221  C CG  . ASP A 1 29 ? -5.877  -6.462  -4.008  1.00 14.78 ? 29   ASP A CG  1 
ATOM   222  O OD1 . ASP A 1 29 ? -6.377  -5.512  -3.369  1.00 13.03 ? 29   ASP A OD1 1 
ATOM   223  O OD2 . ASP A 1 29 ? -5.977  -6.573  -5.246  1.00 15.29 ? 29   ASP A OD2 1 
ATOM   224  N N   . ASP A 1 30 ? -2.682  -8.735  -1.755  1.00 13.54 ? 30   ASP A N   1 
ATOM   225  C CA  . ASP A 1 30 ? -2.011  -9.948  -1.286  1.00 14.39 ? 30   ASP A CA  1 
ATOM   226  C C   . ASP A 1 30 ? -0.691  -9.710  -0.570  1.00 14.21 ? 30   ASP A C   1 
ATOM   227  O O   . ASP A 1 30 ? -0.072  -8.652  -0.678  1.00 15.42 ? 30   ASP A O   1 
ATOM   228  C CB  . ASP A 1 30 ? -1.722  -10.882 -2.464  1.00 16.59 ? 30   ASP A CB  1 
ATOM   229  C CG  . ASP A 1 30 ? -2.819  -10.868 -3.511  1.00 18.72 ? 30   ASP A CG  1 
ATOM   230  O OD1 . ASP A 1 30 ? -3.968  -11.219 -3.180  1.00 20.38 ? 30   ASP A OD1 1 
ATOM   231  O OD2 . ASP A 1 30 ? -2.529  -10.501 -4.671  1.00 21.51 ? 30   ASP A OD2 1 
ATOM   232  N N   . THR A 1 31 ? -0.245  -10.732 0.143   1.00 13.39 ? 31   THR A N   1 
ATOM   233  C CA  . THR A 1 31 ? 1.011   -10.654 0.863   1.00 12.24 ? 31   THR A CA  1 
ATOM   234  C C   . THR A 1 31 ? 2.053   -11.276 -0.064  1.00 13.50 ? 31   THR A C   1 
ATOM   235  O O   . THR A 1 31 ? 1.852   -12.378 -0.578  1.00 12.48 ? 31   THR A O   1 
ATOM   236  C CB  . THR A 1 31 ? 0.911   -11.442 2.187   1.00 12.25 ? 31   THR A CB  1 
ATOM   237  O OG1 . THR A 1 31 ? -0.044  -10.795 3.042   1.00 12.13 ? 31   THR A OG1 1 
ATOM   238  C CG2 . THR A 1 31 ? 2.247   -11.503 2.888   1.00 11.43 ? 31   THR A CG2 1 
ATOM   239  N N   . VAL A 1 32 ? 3.146   -10.558 -0.296  1.00 13.72 ? 32   VAL A N   1 
ATOM   240  C CA  . VAL A 1 32 ? 4.202   -11.057 -1.166  1.00 14.55 ? 32   VAL A CA  1 
ATOM   241  C C   . VAL A 1 32 ? 5.551   -10.831 -0.499  1.00 15.88 ? 32   VAL A C   1 
ATOM   242  O O   . VAL A 1 32 ? 5.865   -9.725  -0.037  1.00 14.87 ? 32   VAL A O   1 
ATOM   243  C CB  . VAL A 1 32 ? 4.163   -10.367 -2.566  1.00 15.24 ? 32   VAL A CB  1 
ATOM   244  C CG1 . VAL A 1 32 ? 4.354   -8.880  -2.427  1.00 14.74 ? 32   VAL A CG1 1 
ATOM   245  C CG2 . VAL A 1 32 ? 5.245   -10.948 -3.480  1.00 13.42 ? 32   VAL A CG2 1 
ATOM   246  N N   . LEU A 1 33 ? 6.337   -11.898 -0.440  1.00 16.80 ? 33   LEU A N   1 
ATOM   247  C CA  . LEU A 1 33 ? 7.640   -11.851 0.194   1.00 18.74 ? 33   LEU A CA  1 
ATOM   248  C C   . LEU A 1 33 ? 8.750   -12.193 -0.784  1.00 19.72 ? 33   LEU A C   1 
ATOM   249  O O   . LEU A 1 33 ? 8.522   -12.850 -1.797  1.00 18.42 ? 33   LEU A O   1 
ATOM   250  C CB  . LEU A 1 33 ? 7.678   -12.840 1.357   1.00 19.21 ? 33   LEU A CB  1 
ATOM   251  C CG  . LEU A 1 33 ? 6.610   -12.655 2.435   1.00 19.31 ? 33   LEU A CG  1 
ATOM   252  C CD1 . LEU A 1 33 ? 6.674   -13.811 3.436   1.00 19.92 ? 33   LEU A CD1 1 
ATOM   253  C CD2 . LEU A 1 33 ? 6.835   -11.320 3.133   1.00 19.13 ? 33   LEU A CD2 1 
ATOM   254  N N   . GLU A 1 34 ? 9.957   -11.738 -0.470  1.00 21.23 ? 34   GLU A N   1 
ATOM   255  C CA  . GLU A 1 34 ? 11.118  -12.009 -1.301  1.00 23.62 ? 34   GLU A CA  1 
ATOM   256  C C   . GLU A 1 34 ? 11.340  -13.520 -1.361  1.00 24.00 ? 34   GLU A C   1 
ATOM   257  O O   . GLU A 1 34 ? 10.830  -14.262 -0.519  1.00 22.54 ? 34   GLU A O   1 
ATOM   258  C CB  . GLU A 1 34 ? 12.343  -11.312 -0.706  1.00 26.59 ? 34   GLU A CB  1 
ATOM   259  C CG  . GLU A 1 34 ? 12.053  -9.882  -0.298  1.00 30.19 ? 34   GLU A CG  1 
ATOM   260  C CD  . GLU A 1 34 ? 13.207  -9.232  0.435   1.00 32.81 ? 34   GLU A CD  1 
ATOM   261  O OE1 . GLU A 1 34 ? 13.758  -9.866  1.365   1.00 33.42 ? 34   GLU A OE1 1 
ATOM   262  O OE2 . GLU A 1 34 ? 13.549  -8.081  0.085   1.00 34.10 ? 34   GLU A OE2 1 
ATOM   263  N N   . GLU A 1 35 ? 12.093  -13.967 -2.360  1.00 24.82 ? 35   GLU A N   1 
ATOM   264  C CA  . GLU A 1 35 ? 12.370  -15.389 -2.539  1.00 26.94 ? 35   GLU A CA  1 
ATOM   265  C C   . GLU A 1 35 ? 12.698  -16.114 -1.245  1.00 27.08 ? 35   GLU A C   1 
ATOM   266  O O   . GLU A 1 35 ? 13.584  -15.715 -0.488  1.00 26.32 ? 35   GLU A O   1 
ATOM   267  C CB  . GLU A 1 35 ? 13.519  -15.601 -3.528  1.00 28.19 ? 35   GLU A CB  1 
ATOM   268  C CG  . GLU A 1 35 ? 13.112  -15.594 -4.995  1.00 30.16 ? 35   GLU A CG  1 
ATOM   269  C CD  . GLU A 1 35 ? 12.030  -16.620 -5.308  1.00 32.24 ? 35   GLU A CD  1 
ATOM   270  O OE1 . GLU A 1 35 ? 11.951  -17.642 -4.591  1.00 31.30 ? 35   GLU A OE1 1 
ATOM   271  O OE2 . GLU A 1 35 ? 11.269  -16.407 -6.280  1.00 32.57 ? 35   GLU A OE2 1 
ATOM   272  N N   . MET A 1 36 ? 11.966  -17.189 -1.005  1.00 27.88 ? 36   MET A N   1 
ATOM   273  C CA  . MET A 1 36 ? 12.159  -18.003 0.175   1.00 29.61 ? 36   MET A CA  1 
ATOM   274  C C   . MET A 1 36 ? 11.456  -19.325 -0.078  1.00 30.66 ? 36   MET A C   1 
ATOM   275  O O   . MET A 1 36 ? 10.677  -19.457 -1.018  1.00 29.19 ? 36   MET A O   1 
ATOM   276  C CB  . MET A 1 36 ? 11.554  -17.325 1.404   1.00 30.03 ? 36   MET A CB  1 
ATOM   277  C CG  . MET A 1 36 ? 10.039  -17.225 1.370   1.00 30.26 ? 36   MET A CG  1 
ATOM   278  S SD  . MET A 1 36 ? 9.386   -16.573 2.913   1.00 31.85 ? 36   MET A SD  1 
ATOM   279  C CE  . MET A 1 36 ? 9.674   -17.972 4.014   1.00 31.17 ? 36   MET A CE  1 
ATOM   280  N N   . SER A 1 37 ? 11.732  -20.304 0.769   1.00 31.86 ? 37   SER A N   1 
ATOM   281  C CA  . SER A 1 37 ? 11.119  -21.606 0.607   1.00 33.46 ? 37   SER A CA  1 
ATOM   282  C C   . SER A 1 37 ? 9.940   -21.759 1.566   1.00 33.71 ? 37   SER A C   1 
ATOM   283  O O   . SER A 1 37 ? 9.978   -21.279 2.697   1.00 32.75 ? 37   SER A O   1 
ATOM   284  C CB  . SER A 1 37 ? 12.163  -22.698 0.858   1.00 34.86 ? 37   SER A CB  1 
ATOM   285  O OG  . SER A 1 37 ? 11.663  -23.970 0.487   1.00 37.65 ? 37   SER A OG  1 
ATOM   286  N N   . LEU A 1 38 ? 8.886   -22.411 1.092   1.00 33.57 ? 38   LEU A N   1 
ATOM   287  C CA  . LEU A 1 38 ? 7.693   -22.657 1.894   1.00 33.87 ? 38   LEU A CA  1 
ATOM   288  C C   . LEU A 1 38 ? 7.187   -24.062 1.589   1.00 34.34 ? 38   LEU A C   1 
ATOM   289  O O   . LEU A 1 38 ? 7.385   -24.575 0.490   1.00 33.14 ? 38   LEU A O   1 
ATOM   290  C CB  . LEU A 1 38 ? 6.606   -21.621 1.583   1.00 33.01 ? 38   LEU A CB  1 
ATOM   291  C CG  . LEU A 1 38 ? 6.785   -20.227 2.195   1.00 32.59 ? 38   LEU A CG  1 
ATOM   292  C CD1 . LEU A 1 38 ? 5.649   -19.306 1.763   1.00 32.47 ? 38   LEU A CD1 1 
ATOM   293  C CD2 . LEU A 1 38 ? 6.810   -20.344 3.706   1.00 32.61 ? 38   LEU A CD2 1 
ATOM   294  N N   . PRO A 1 39 ? 6.528   -24.703 2.566   1.00 34.89 ? 39   PRO A N   1 
ATOM   295  C CA  . PRO A 1 39 ? 5.995   -26.058 2.410   1.00 35.48 ? 39   PRO A CA  1 
ATOM   296  C C   . PRO A 1 39 ? 4.697   -26.134 1.619   1.00 35.90 ? 39   PRO A C   1 
ATOM   297  O O   . PRO A 1 39 ? 3.980   -25.143 1.486   1.00 35.46 ? 39   PRO A O   1 
ATOM   298  C CB  . PRO A 1 39 ? 5.805   -26.508 3.848   1.00 35.96 ? 39   PRO A CB  1 
ATOM   299  C CG  . PRO A 1 39 ? 5.346   -25.242 4.504   1.00 36.02 ? 39   PRO A CG  1 
ATOM   300  C CD  . PRO A 1 39 ? 6.305   -24.213 3.939   1.00 35.39 ? 39   PRO A CD  1 
ATOM   301  N N   . GLY A 1 40 ? 4.407   -27.322 1.098   1.00 36.22 ? 40   GLY A N   1 
ATOM   302  C CA  . GLY A 1 40 ? 3.184   -27.534 0.348   1.00 36.85 ? 40   GLY A CA  1 
ATOM   303  C C   . GLY A 1 40 ? 3.301   -27.280 -1.141  1.00 37.37 ? 40   GLY A C   1 
ATOM   304  O O   . GLY A 1 40 ? 4.393   -27.062 -1.663  1.00 36.77 ? 40   GLY A O   1 
ATOM   305  N N   . ARG A 1 41 ? 2.163   -27.315 -1.825  1.00 37.55 ? 41   ARG A N   1 
ATOM   306  C CA  . ARG A 1 41 ? 2.138   -27.085 -3.260  1.00 38.10 ? 41   ARG A CA  1 
ATOM   307  C C   . ARG A 1 41 ? 1.928   -25.606 -3.546  1.00 36.60 ? 41   ARG A C   1 
ATOM   308  O O   . ARG A 1 41 ? 1.548   -24.838 -2.659  1.00 35.82 ? 41   ARG A O   1 
ATOM   309  C CB  . ARG A 1 41 ? 1.032   -27.919 -3.915  1.00 41.31 ? 41   ARG A CB  1 
ATOM   310  C CG  . ARG A 1 41 ? 1.299   -29.420 -3.874  1.00 45.43 ? 41   ARG A CG  1 
ATOM   311  C CD  . ARG A 1 41 ? 0.211   -30.222 -4.588  1.00 48.83 ? 41   ARG A CD  1 
ATOM   312  N NE  . ARG A 1 41 ? 0.118   -29.903 -6.013  1.00 51.37 ? 41   ARG A NE  1 
ATOM   313  C CZ  . ARG A 1 41 ? 1.099   -30.085 -6.895  1.00 52.75 ? 41   ARG A CZ  1 
ATOM   314  N NH1 . ARG A 1 41 ? 2.265   -30.590 -6.510  1.00 53.41 ? 41   ARG A NH1 1 
ATOM   315  N NH2 . ARG A 1 41 ? 0.912   -29.759 -8.168  1.00 53.44 ? 41   ARG A NH2 1 
ATOM   316  N N   . TRP A 1 42 ? 2.184   -25.208 -4.786  1.00 34.61 ? 42   TRP A N   1 
ATOM   317  C CA  . TRP A 1 42 ? 2.030   -23.812 -5.168  1.00 32.93 ? 42   TRP A CA  1 
ATOM   318  C C   . TRP A 1 42 ? 1.546   -23.656 -6.604  1.00 32.07 ? 42   TRP A C   1 
ATOM   319  O O   . TRP A 1 42 ? 1.665   -24.572 -7.419  1.00 31.23 ? 42   TRP A O   1 
ATOM   320  C CB  . TRP A 1 42 ? 3.360   -23.077 -4.993  1.00 32.67 ? 42   TRP A CB  1 
ATOM   321  C CG  . TRP A 1 42 ? 4.497   -23.733 -5.713  1.00 32.66 ? 42   TRP A CG  1 
ATOM   322  C CD1 . TRP A 1 42 ? 5.309   -24.724 -5.236  1.00 32.59 ? 42   TRP A CD1 1 
ATOM   323  C CD2 . TRP A 1 42 ? 4.939   -23.459 -7.048  1.00 32.64 ? 42   TRP A CD2 1 
ATOM   324  N NE1 . TRP A 1 42 ? 6.232   -25.080 -6.191  1.00 32.57 ? 42   TRP A NE1 1 
ATOM   325  C CE2 . TRP A 1 42 ? 6.027   -24.321 -7.314  1.00 32.67 ? 42   TRP A CE2 1 
ATOM   326  C CE3 . TRP A 1 42 ? 4.521   -22.568 -8.047  1.00 32.71 ? 42   TRP A CE3 1 
ATOM   327  C CZ2 . TRP A 1 42 ? 6.703   -24.319 -8.536  1.00 32.83 ? 42   TRP A CZ2 1 
ATOM   328  C CZ3 . TRP A 1 42 ? 5.198   -22.566 -9.266  1.00 33.05 ? 42   TRP A CZ3 1 
ATOM   329  C CH2 . TRP A 1 42 ? 6.276   -23.435 -9.497  1.00 33.28 ? 42   TRP A CH2 1 
ATOM   330  N N   . LYS A 1 43 ? 0.995   -22.479 -6.893  1.00 31.21 ? 43   LYS A N   1 
ATOM   331  C CA  . LYS A 1 43 ? 0.470   -22.141 -8.215  1.00 29.94 ? 43   LYS A CA  1 
ATOM   332  C C   . LYS A 1 43 ? 1.144   -20.869 -8.704  1.00 28.06 ? 43   LYS A C   1 
ATOM   333  O O   . LYS A 1 43 ? 1.352   -19.935 -7.929  1.00 27.10 ? 43   LYS A O   1 
ATOM   334  C CB  . LYS A 1 43 ? -1.030  -21.858 -8.141  1.00 31.80 ? 43   LYS A CB  1 
ATOM   335  C CG  . LYS A 1 43 ? -1.915  -23.049 -7.901  1.00 34.75 ? 43   LYS A CG  1 
ATOM   336  C CD  . LYS A 1 43 ? -3.345  -22.586 -7.645  1.00 37.16 ? 43   LYS A CD  1 
ATOM   337  C CE  . LYS A 1 43 ? -3.829  -21.611 -8.715  1.00 38.45 ? 43   LYS A CE  1 
ATOM   338  N NZ  . LYS A 1 43 ? -3.743  -22.187 -10.086 1.00 39.66 ? 43   LYS A NZ  1 
ATOM   339  N N   . PRO A 1 44 ? 1.483   -20.811 -9.998  1.00 26.55 ? 44   PRO A N   1 
ATOM   340  C CA  . PRO A 1 44 ? 2.128   -19.604 -10.515 1.00 24.78 ? 44   PRO A CA  1 
ATOM   341  C C   . PRO A 1 44 ? 1.079   -18.505 -10.562 1.00 23.99 ? 44   PRO A C   1 
ATOM   342  O O   . PRO A 1 44 ? -0.102  -18.772 -10.791 1.00 22.30 ? 44   PRO A O   1 
ATOM   343  C CB  . PRO A 1 44 ? 2.576   -20.016 -11.914 1.00 25.05 ? 44   PRO A CB  1 
ATOM   344  C CG  . PRO A 1 44 ? 2.703   -21.514 -11.813 1.00 26.22 ? 44   PRO A CG  1 
ATOM   345  C CD  . PRO A 1 44 ? 1.492   -21.880 -11.010 1.00 26.26 ? 44   PRO A CD  1 
ATOM   346  N N   . LYS A 1 45 ? 1.506   -17.272 -10.335 1.00 22.49 ? 45   LYS A N   1 
ATOM   347  C CA  . LYS A 1 45 ? 0.588   -16.151 -10.366 1.00 22.31 ? 45   LYS A CA  1 
ATOM   348  C C   . LYS A 1 45 ? 1.357   -14.927 -10.808 1.00 21.81 ? 45   LYS A C   1 
ATOM   349  O O   . LYS A 1 45 ? 2.584   -14.859 -10.665 1.00 20.80 ? 45   LYS A O   1 
ATOM   350  C CB  . LYS A 1 45 ? -0.023  -15.925 -8.977  1.00 22.84 ? 45   LYS A CB  1 
ATOM   351  C CG  . LYS A 1 45 ? -1.097  -14.847 -8.903  1.00 23.68 ? 45   LYS A CG  1 
ATOM   352  C CD  . LYS A 1 45 ? -1.560  -14.679 -7.458  1.00 24.75 ? 45   LYS A CD  1 
ATOM   353  C CE  . LYS A 1 45 ? -2.444  -13.455 -7.252  1.00 25.74 ? 45   LYS A CE  1 
ATOM   354  N NZ  . LYS A 1 45 ? -3.787  -13.607 -7.860  1.00 25.87 ? 45   LYS A NZ  1 
ATOM   355  N N   . MET A 1 46 ? 0.639   -13.961 -11.359 1.00 20.71 ? 46   MET A N   1 
ATOM   356  C CA  . MET A 1 46 ? 1.266   -12.736 -11.804 1.00 20.52 ? 46   MET A CA  1 
ATOM   357  C C   . MET A 1 46 ? 0.633   -11.594 -11.020 1.00 19.01 ? 46   MET A C   1 
ATOM   358  O O   . MET A 1 46 ? -0.594  -11.473 -10.983 1.00 18.51 ? 46   MET A O   1 
ATOM   359  C CB  . MET A 1 46 ? 1.010   -12.544 -13.301 1.00 22.89 ? 46   MET A CB  1 
ATOM   360  C CG  . MET A 1 46 ? 2.081   -11.774 -14.033 1.00 26.24 ? 46   MET A CG  1 
ATOM   361  S SD  . MET A 1 46 ? 3.545   -12.780 -14.354 1.00 23.93 ? 46   MET A SD  1 
ATOM   362  C CE  . MET A 1 46 ? 3.097   -13.504 -15.930 1.00 29.94 ? 46   MET A CE  1 
ATOM   363  N N   . ILE A 1 47 ? 1.452   -10.767 -10.378 1.00 17.77 ? 47   ILE A N   1 
ATOM   364  C CA  . ILE A 1 47 ? 0.919   -9.625  -9.638  1.00 16.55 ? 47   ILE A CA  1 
ATOM   365  C C   . ILE A 1 47 ? 1.562   -8.348  -10.154 1.00 15.84 ? 47   ILE A C   1 
ATOM   366  O O   . ILE A 1 47 ? 2.749   -8.316  -10.461 1.00 14.83 ? 47   ILE A O   1 
ATOM   367  C CB  . ILE A 1 47 ? 1.125   -9.770  -8.098  1.00 16.25 ? 47   ILE A CB  1 
ATOM   368  C CG1 . ILE A 1 47 ? 2.573   -10.113 -7.775  1.00 16.27 ? 47   ILE A CG1 1 
ATOM   369  C CG2 . ILE A 1 47 ? 0.192   -10.865 -7.555  1.00 16.02 ? 47   ILE A CG2 1 
ATOM   370  C CD1 . ILE A 1 47 ? 2.836   -10.308 -6.278  1.00 17.48 ? 47   ILE A CD1 1 
ATOM   371  N N   . GLY A 1 48 ? 0.763   -7.295  -10.278 1.00 16.21 ? 48   GLY A N   1 
ATOM   372  C CA  . GLY A 1 48 ? 1.300   -6.063  -10.799 1.00 15.59 ? 48   GLY A CA  1 
ATOM   373  C C   . GLY A 1 48 ? 0.900   -4.808  -10.065 1.00 15.44 ? 48   GLY A C   1 
ATOM   374  O O   . GLY A 1 48 ? 0.017   -4.806  -9.203  1.00 14.12 ? 48   GLY A O   1 
ATOM   375  N N   . GLY A 1 49 ? 1.578   -3.731  -10.436 1.00 15.63 ? 49   GLY A N   1 
ATOM   376  C CA  . GLY A 1 49 ? 1.326   -2.435  -9.848  1.00 16.26 ? 49   GLY A CA  1 
ATOM   377  C C   . GLY A 1 49 ? 2.254   -1.435  -10.503 1.00 15.97 ? 49   GLY A C   1 
ATOM   378  O O   . GLY A 1 49 ? 2.505   -1.499  -11.714 1.00 14.45 ? 49   GLY A O   1 
ATOM   379  N N   . ILE A 1 50 ? 2.774   -0.513  -9.706  1.00 15.88 ? 50   ILE A N   1 
ATOM   380  C CA  . ILE A 1 50 ? 3.685   0.489   -10.225 1.00 16.80 ? 50   ILE A CA  1 
ATOM   381  C C   . ILE A 1 50 ? 4.895   -0.216  -10.815 1.00 16.65 ? 50   ILE A C   1 
ATOM   382  O O   . ILE A 1 50 ? 5.499   -1.060  -10.165 1.00 18.23 ? 50   ILE A O   1 
ATOM   383  C CB  . ILE A 1 50 ? 4.147   1.428   -9.104  1.00 16.64 ? 50   ILE A CB  1 
ATOM   384  C CG1 . ILE A 1 50 ? 2.970   2.298   -8.655  1.00 17.63 ? 50   ILE A CG1 1 
ATOM   385  C CG2 . ILE A 1 50 ? 5.332   2.267   -9.566  1.00 16.94 ? 50   ILE A CG2 1 
ATOM   386  C CD1 . ILE A 1 50 ? 2.356   3.110   -9.770  1.00 18.59 ? 50   ILE A CD1 1 
ATOM   387  N N   . GLY A 1 51 ? 5.231   0.117   -12.058 1.00 18.23 ? 51   GLY A N   1 
ATOM   388  C CA  . GLY A 1 51 ? 6.386   -0.497  -12.692 1.00 17.13 ? 51   GLY A CA  1 
ATOM   389  C C   . GLY A 1 51 ? 6.066   -1.734  -13.511 1.00 17.49 ? 51   GLY A C   1 
ATOM   390  O O   . GLY A 1 51 ? 6.885   -2.162  -14.323 1.00 17.24 ? 51   GLY A O   1 
ATOM   391  N N   . GLY A 1 52 ? 4.889   -2.318  -13.304 1.00 17.05 ? 52   GLY A N   1 
ATOM   392  C CA  . GLY A 1 52 ? 4.520   -3.501  -14.068 1.00 17.62 ? 52   GLY A CA  1 
ATOM   393  C C   . GLY A 1 52 ? 4.225   -4.722  -13.216 1.00 16.72 ? 52   GLY A C   1 
ATOM   394  O O   . GLY A 1 52 ? 3.819   -4.589  -12.063 1.00 16.56 ? 52   GLY A O   1 
ATOM   395  N N   . PHE A 1 53 ? 4.435   -5.910  -13.779 1.00 15.85 ? 53   PHE A N   1 
ATOM   396  C CA  . PHE A 1 53 ? 4.162   -7.161  -13.062 1.00 16.43 ? 53   PHE A CA  1 
ATOM   397  C C   . PHE A 1 53 ? 5.395   -8.019  -12.809 1.00 16.58 ? 53   PHE A C   1 
ATOM   398  O O   . PHE A 1 53 ? 6.399   -7.903  -13.515 1.00 16.32 ? 53   PHE A O   1 
ATOM   399  C CB  . PHE A 1 53 ? 3.182   -8.040  -13.855 1.00 16.29 ? 53   PHE A CB  1 
ATOM   400  C CG  . PHE A 1 53 ? 1.829   -7.438  -14.059 1.00 16.07 ? 53   PHE A CG  1 
ATOM   401  C CD1 . PHE A 1 53 ? 1.650   -6.364  -14.927 1.00 15.94 ? 53   PHE A CD1 1 
ATOM   402  C CD2 . PHE A 1 53 ? 0.719   -7.972  -13.411 1.00 15.51 ? 53   PHE A CD2 1 
ATOM   403  C CE1 . PHE A 1 53 ? 0.382   -5.831  -15.151 1.00 15.36 ? 53   PHE A CE1 1 
ATOM   404  C CE2 . PHE A 1 53 ? -0.554  -7.448  -13.625 1.00 15.34 ? 53   PHE A CE2 1 
ATOM   405  C CZ  . PHE A 1 53 ? -0.723  -6.376  -14.497 1.00 16.26 ? 53   PHE A CZ  1 
ATOM   406  N N   . ILE A 1 54 ? 5.297   -8.886  -11.801 1.00 15.95 ? 54   ILE A N   1 
ATOM   407  C CA  . ILE A 1 54 ? 6.357   -9.845  -11.476 1.00 16.22 ? 54   ILE A CA  1 
ATOM   408  C C   . ILE A 1 54 ? 5.645   -11.183 -11.339 1.00 16.48 ? 54   ILE A C   1 
ATOM   409  O O   . ILE A 1 54 ? 4.452   -11.233 -11.017 1.00 15.32 ? 54   ILE A O   1 
ATOM   410  C CB  . ILE A 1 54 ? 7.069   -9.575  -10.127 1.00 15.96 ? 54   ILE A CB  1 
ATOM   411  C CG1 . ILE A 1 54 ? 6.038   -9.556  -8.995  1.00 16.10 ? 54   ILE A CG1 1 
ATOM   412  C CG2 . ILE A 1 54 ? 7.887   -8.286  -10.211 1.00 16.56 ? 54   ILE A CG2 1 
ATOM   413  C CD1 . ILE A 1 54 ? 6.640   -9.705  -7.612  1.00 16.16 ? 54   ILE A CD1 1 
ATOM   414  N N   . LYS A 1 55 ? 6.374   -12.263 -11.596 1.00 17.14 ? 55   LYS A N   1 
ATOM   415  C CA  . LYS A 1 55 ? 5.818   -13.605 -11.495 1.00 17.38 ? 55   LYS A CA  1 
ATOM   416  C C   . LYS A 1 55 ? 6.142   -14.105 -10.095 1.00 16.89 ? 55   LYS A C   1 
ATOM   417  O O   . LYS A 1 55 ? 7.256   -13.922 -9.612  1.00 16.22 ? 55   LYS A O   1 
ATOM   418  C CB  . LYS A 1 55 ? 6.464   -14.528 -12.537 1.00 20.26 ? 55   LYS A CB  1 
ATOM   419  C CG  . LYS A 1 55 ? 5.933   -15.950 -12.519 1.00 22.43 ? 55   LYS A CG  1 
ATOM   420  C CD  . LYS A 1 55 ? 6.606   -16.818 -13.570 1.00 25.09 ? 55   LYS A CD  1 
ATOM   421  C CE  . LYS A 1 55 ? 6.078   -18.242 -13.521 1.00 27.05 ? 55   LYS A CE  1 
ATOM   422  N NZ  . LYS A 1 55 ? 6.681   -19.114 -14.573 1.00 28.67 ? 55   LYS A NZ  1 
ATOM   423  N N   . VAL A 1 56 ? 5.175   -14.744 -9.451  1.00 16.15 ? 56   VAL A N   1 
ATOM   424  C CA  . VAL A 1 56 ? 5.372   -15.247 -8.099  1.00 14.79 ? 56   VAL A CA  1 
ATOM   425  C C   . VAL A 1 56 ? 4.832   -16.658 -7.947  1.00 15.93 ? 56   VAL A C   1 
ATOM   426  O O   . VAL A 1 56 ? 4.145   -17.182 -8.835  1.00 15.59 ? 56   VAL A O   1 
ATOM   427  C CB  . VAL A 1 56 ? 4.630   -14.358 -7.054  1.00 14.81 ? 56   VAL A CB  1 
ATOM   428  C CG1 . VAL A 1 56 ? 5.148   -12.922 -7.093  1.00 13.17 ? 56   VAL A CG1 1 
ATOM   429  C CG2 . VAL A 1 56 ? 3.132   -14.374 -7.352  1.00 13.55 ? 56   VAL A CG2 1 
ATOM   430  N N   . ARG A 1 57 ? 5.175   -17.280 -6.821  1.00 16.23 ? 57   ARG A N   1 
ATOM   431  C CA  . ARG A 1 57 ? 4.681   -18.606 -6.491  1.00 17.58 ? 57   ARG A CA  1 
ATOM   432  C C   . ARG A 1 57 ? 3.641   -18.377 -5.403  1.00 17.90 ? 57   ARG A C   1 
ATOM   433  O O   . ARG A 1 57 ? 3.906   -17.682 -4.420  1.00 16.20 ? 57   ARG A O   1 
ATOM   434  C CB  . ARG A 1 57 ? 5.805   -19.503 -5.970  1.00 18.96 ? 57   ARG A CB  1 
ATOM   435  C CG  . ARG A 1 57 ? 6.521   -20.257 -7.075  1.00 20.99 ? 57   ARG A CG  1 
ATOM   436  C CD  . ARG A 1 57 ? 7.536   -21.260 -6.546  1.00 23.97 ? 57   ARG A CD  1 
ATOM   437  N NE  . ARG A 1 57 ? 8.799   -20.607 -6.228  1.00 26.27 ? 57   ARG A NE  1 
ATOM   438  C CZ  . ARG A 1 57 ? 9.171   -20.224 -5.012  1.00 26.02 ? 57   ARG A CZ  1 
ATOM   439  N NH1 . ARG A 1 57 ? 8.385   -20.440 -3.971  1.00 26.91 ? 57   ARG A NH1 1 
ATOM   440  N NH2 . ARG A 1 57 ? 10.316  -19.586 -4.850  1.00 25.40 ? 57   ARG A NH2 1 
ATOM   441  N N   . GLN A 1 58 ? 2.453   -18.940 -5.591  1.00 18.37 ? 58   GLN A N   1 
ATOM   442  C CA  . GLN A 1 58 ? 1.380   -18.774 -4.623  1.00 19.09 ? 58   GLN A CA  1 
ATOM   443  C C   . GLN A 1 58 ? 1.202   -19.982 -3.710  1.00 19.97 ? 58   GLN A C   1 
ATOM   444  O O   . GLN A 1 58 ? 0.886   -21.077 -4.179  1.00 19.03 ? 58   GLN A O   1 
ATOM   445  C CB  . GLN A 1 58 ? 0.066   -18.500 -5.353  1.00 19.87 ? 58   GLN A CB  1 
ATOM   446  C CG  . GLN A 1 58 ? -1.151  -18.418 -4.455  1.00 20.27 ? 58   GLN A CG  1 
ATOM   447  C CD  . GLN A 1 58 ? -2.438  -18.431 -5.250  1.00 21.93 ? 58   GLN A CD  1 
ATOM   448  O OE1 . GLN A 1 58 ? -2.598  -17.662 -6.196  1.00 21.24 ? 58   GLN A OE1 1 
ATOM   449  N NE2 . GLN A 1 58 ? -3.368  -19.309 -4.870  1.00 22.80 ? 58   GLN A NE2 1 
ATOM   450  N N   . TYR A 1 59 ? 1.411   -19.768 -2.411  1.00 21.00 ? 59   TYR A N   1 
ATOM   451  C CA  . TYR A 1 59 ? 1.247   -20.814 -1.403  1.00 22.73 ? 59   TYR A CA  1 
ATOM   452  C C   . TYR A 1 59 ? 0.038   -20.449 -0.542  1.00 24.11 ? 59   TYR A C   1 
ATOM   453  O O   . TYR A 1 59 ? -0.085  -19.312 -0.095  1.00 24.03 ? 59   TYR A O   1 
ATOM   454  C CB  . TYR A 1 59 ? 2.483   -20.916 -0.506  1.00 22.32 ? 59   TYR A CB  1 
ATOM   455  C CG  . TYR A 1 59 ? 3.740   -21.368 -1.211  1.00 22.25 ? 59   TYR A CG  1 
ATOM   456  C CD1 . TYR A 1 59 ? 4.511   -20.471 -1.954  1.00 22.07 ? 59   TYR A CD1 1 
ATOM   457  C CD2 . TYR A 1 59 ? 4.168   -22.694 -1.125  1.00 22.29 ? 59   TYR A CD2 1 
ATOM   458  C CE1 . TYR A 1 59 ? 5.681   -20.882 -2.590  1.00 22.85 ? 59   TYR A CE1 1 
ATOM   459  C CE2 . TYR A 1 59 ? 5.336   -23.116 -1.762  1.00 23.20 ? 59   TYR A CE2 1 
ATOM   460  C CZ  . TYR A 1 59 ? 6.088   -22.202 -2.491  1.00 22.81 ? 59   TYR A CZ  1 
ATOM   461  O OH  . TYR A 1 59 ? 7.245   -22.607 -3.113  1.00 22.59 ? 59   TYR A OH  1 
ATOM   462  N N   . ASP A 1 60 ? -0.848  -21.411 -0.301  1.00 25.66 ? 60   ASP A N   1 
ATOM   463  C CA  . ASP A 1 60 ? -2.035  -21.146 0.504   1.00 28.02 ? 60   ASP A CA  1 
ATOM   464  C C   . ASP A 1 60 ? -1.932  -21.790 1.886   1.00 28.71 ? 60   ASP A C   1 
ATOM   465  O O   . ASP A 1 60 ? -1.101  -22.667 2.110   1.00 28.35 ? 60   ASP A O   1 
ATOM   466  C CB  . ASP A 1 60 ? -3.291  -21.659 -0.218  1.00 29.19 ? 60   ASP A CB  1 
ATOM   467  C CG  . ASP A 1 60 ? -3.451  -21.067 -1.618  1.00 30.38 ? 60   ASP A CG  1 
ATOM   468  O OD1 . ASP A 1 60 ? -3.299  -19.840 -1.773  1.00 30.85 ? 60   ASP A OD1 1 
ATOM   469  O OD2 . ASP A 1 60 ? -3.736  -21.829 -2.565  1.00 30.92 ? 60   ASP A OD2 1 
ATOM   470  N N   . GLN A 1 61 ? -2.777  -21.341 2.808   1.00 29.38 ? 61   GLN A N   1 
ATOM   471  C CA  . GLN A 1 61 ? -2.797  -21.869 4.168   1.00 30.49 ? 61   GLN A CA  1 
ATOM   472  C C   . GLN A 1 61 ? -1.420  -21.843 4.835   1.00 29.50 ? 61   GLN A C   1 
ATOM   473  O O   . GLN A 1 61 ? -0.971  -22.846 5.381   1.00 28.95 ? 61   GLN A O   1 
ATOM   474  C CB  . GLN A 1 61 ? -3.336  -23.309 4.163   1.00 32.91 ? 61   GLN A CB  1 
ATOM   475  C CG  . GLN A 1 61 ? -4.761  -23.455 3.629   1.00 36.54 ? 61   GLN A CG  1 
ATOM   476  C CD  . GLN A 1 61 ? -5.260  -24.899 3.643   1.00 38.55 ? 61   GLN A CD  1 
ATOM   477  O OE1 . GLN A 1 61 ? -6.404  -25.175 3.279   1.00 39.90 ? 61   GLN A OE1 1 
ATOM   478  N NE2 . GLN A 1 61 ? -4.401  -25.823 4.062   1.00 39.35 ? 61   GLN A NE2 1 
ATOM   479  N N   . ILE A 1 62 ? -0.752  -20.697 4.793   1.00 27.99 ? 62   ILE A N   1 
ATOM   480  C CA  . ILE A 1 62 ? 0.564   -20.565 5.404   1.00 27.14 ? 62   ILE A CA  1 
ATOM   481  C C   . ILE A 1 62 ? 0.465   -19.821 6.736   1.00 27.20 ? 62   ILE A C   1 
ATOM   482  O O   . ILE A 1 62 ? -0.162  -18.762 6.814   1.00 25.78 ? 62   ILE A O   1 
ATOM   483  C CB  . ILE A 1 62 ? 1.531   -19.793 4.480   1.00 26.74 ? 62   ILE A CB  1 
ATOM   484  C CG1 . ILE A 1 62 ? 1.761   -20.572 3.182   1.00 26.18 ? 62   ILE A CG1 1 
ATOM   485  C CG2 . ILE A 1 62 ? 2.851   -19.549 5.196   1.00 26.12 ? 62   ILE A CG2 1 
ATOM   486  C CD1 . ILE A 1 62 ? 2.505   -21.881 3.369   1.00 25.50 ? 62   ILE A CD1 1 
ATOM   487  N N   . LEU A 1 63 ? 1.078   -20.371 7.783   1.00 26.39 ? 63   LEU A N   1 
ATOM   488  C CA  . LEU A 1 63 ? 1.050   -19.717 9.085   1.00 27.63 ? 63   LEU A CA  1 
ATOM   489  C C   . LEU A 1 63 ? 2.060   -18.582 9.141   1.00 27.89 ? 63   LEU A C   1 
ATOM   490  O O   . LEU A 1 63 ? 3.190   -18.716 8.672   1.00 26.82 ? 63   LEU A O   1 
ATOM   491  C CB  . LEU A 1 63 ? 1.362   -20.702 10.217  1.00 28.43 ? 63   LEU A CB  1 
ATOM   492  C CG  . LEU A 1 63 ? 1.621   -20.030 11.579  1.00 29.94 ? 63   LEU A CG  1 
ATOM   493  C CD1 . LEU A 1 63 ? 0.386   -19.260 12.029  1.00 30.44 ? 63   LEU A CD1 1 
ATOM   494  C CD2 . LEU A 1 63 ? 1.993   -21.079 12.629  1.00 30.90 ? 63   LEU A CD2 1 
ATOM   495  N N   . ILE A 1 64 ? 1.638   -17.462 9.714   1.00 27.69 ? 64   ILE A N   1 
ATOM   496  C CA  . ILE A 1 64 ? 2.504   -16.303 9.861   1.00 28.29 ? 64   ILE A CA  1 
ATOM   497  C C   . ILE A 1 64 ? 2.172   -15.581 11.159  1.00 29.57 ? 64   ILE A C   1 
ATOM   498  O O   . ILE A 1 64 ? 1.018   -15.527 11.584  1.00 28.89 ? 64   ILE A O   1 
ATOM   499  C CB  . ILE A 1 64 ? 2.338   -15.298 8.694   1.00 28.36 ? 64   ILE A CB  1 
ATOM   500  C CG1 . ILE A 1 64 ? 2.640   -15.980 7.361   1.00 28.52 ? 64   ILE A CG1 1 
ATOM   501  C CG2 . ILE A 1 64 ? 3.284   -14.117 8.883   1.00 27.88 ? 64   ILE A CG2 1 
ATOM   502  C CD1 . ILE A 1 64 ? 2.637   -15.027 6.174   1.00 28.70 ? 64   ILE A CD1 1 
ATOM   503  N N   . GLU A 1 65 ? 3.195   -15.032 11.793  1.00 31.05 ? 65   GLU A N   1 
ATOM   504  C CA  . GLU A 1 65 ? 3.004   -14.301 13.031  1.00 32.77 ? 65   GLU A CA  1 
ATOM   505  C C   . GLU A 1 65 ? 3.474   -12.870 12.800  1.00 33.38 ? 65   GLU A C   1 
ATOM   506  O O   . GLU A 1 65 ? 4.633   -12.636 12.452  1.00 32.88 ? 65   GLU A O   1 
ATOM   507  C CB  . GLU A 1 65 ? 3.793   -14.967 14.155  1.00 34.42 ? 65   GLU A CB  1 
ATOM   508  C CG  . GLU A 1 65 ? 3.673   -14.278 15.496  1.00 37.39 ? 65   GLU A CG  1 
ATOM   509  C CD  . GLU A 1 65 ? 4.060   -15.191 16.635  1.00 38.99 ? 65   GLU A CD  1 
ATOM   510  O OE1 . GLU A 1 65 ? 5.130   -15.829 16.541  1.00 40.26 ? 65   GLU A OE1 1 
ATOM   511  O OE2 . GLU A 1 65 ? 3.295   -15.272 17.622  1.00 40.43 ? 65   GLU A OE2 1 
ATOM   512  N N   . ILE A 1 66 ? 2.556   -11.925 12.982  1.00 33.77 ? 66   ILE A N   1 
ATOM   513  C CA  . ILE A 1 66 ? 2.826   -10.505 12.777  1.00 34.64 ? 66   ILE A CA  1 
ATOM   514  C C   . ILE A 1 66 ? 2.555   -9.739  14.066  1.00 35.69 ? 66   ILE A C   1 
ATOM   515  O O   . ILE A 1 66 ? 1.420   -9.693  14.532  1.00 34.82 ? 66   ILE A O   1 
ATOM   516  C CB  . ILE A 1 66 ? 1.913   -9.943  11.670  1.00 34.05 ? 66   ILE A CB  1 
ATOM   517  C CG1 . ILE A 1 66 ? 1.935   -10.884 10.461  1.00 34.02 ? 66   ILE A CG1 1 
ATOM   518  C CG2 . ILE A 1 66 ? 2.368   -8.548  11.269  1.00 33.91 ? 66   ILE A CG2 1 
ATOM   519  C CD1 . ILE A 1 66 ? 0.956   -10.522 9.368   1.00 33.60 ? 66   ILE A CD1 1 
ATOM   520  N N   . CYS A 1 67 ? 3.596   -9.139  14.640  1.00 37.06 ? 67   CYS A N   1 
ATOM   521  C CA  . CYS A 1 67 ? 3.446   -8.387  15.882  1.00 38.15 ? 67   CYS A CA  1 
ATOM   522  C C   . CYS A 1 67 ? 2.775   -9.221  16.960  1.00 38.43 ? 67   CYS A C   1 
ATOM   523  O O   . CYS A 1 67 ? 1.885   -8.741  17.661  1.00 38.76 ? 67   CYS A O   1 
ATOM   524  C CB  . CYS A 1 67 ? 2.618   -7.121  15.650  1.00 38.82 ? 67   CYS A CB  1 
ATOM   525  S SG  . CYS A 1 67 ? 3.597   -5.652  15.295  1.00 37.64 ? 67   CYS A SG  1 
ATOM   526  N N   . GLY A 1 68 ? 3.197   -10.475 17.084  1.00 38.43 ? 68   GLY A N   1 
ATOM   527  C CA  . GLY A 1 68 ? 2.615   -11.345 18.085  1.00 37.99 ? 68   GLY A CA  1 
ATOM   528  C C   . GLY A 1 68 ? 1.283   -11.948 17.676  1.00 37.90 ? 68   GLY A C   1 
ATOM   529  O O   . GLY A 1 68 ? 0.834   -12.923 18.278  1.00 38.07 ? 68   GLY A O   1 
ATOM   530  N N   . HIS A 1 69 ? 0.646   -11.385 16.654  1.00 37.01 ? 69   HIS A N   1 
ATOM   531  C CA  . HIS A 1 69 ? -0.640  -11.905 16.205  1.00 36.49 ? 69   HIS A CA  1 
ATOM   532  C C   . HIS A 1 69 ? -0.500  -12.993 15.149  1.00 35.74 ? 69   HIS A C   1 
ATOM   533  O O   . HIS A 1 69 ? -0.033  -12.742 14.039  1.00 35.01 ? 69   HIS A O   1 
ATOM   534  C CB  . HIS A 1 69 ? -1.509  -10.780 15.648  1.00 37.05 ? 69   HIS A CB  1 
ATOM   535  C CG  . HIS A 1 69 ? -1.931  -9.777  16.674  1.00 37.94 ? 69   HIS A CG  1 
ATOM   536  N ND1 . HIS A 1 69 ? -1.041  -8.922  17.290  1.00 38.27 ? 69   HIS A ND1 1 
ATOM   537  C CD2 . HIS A 1 69 ? -3.147  -9.494  17.196  1.00 38.22 ? 69   HIS A CD2 1 
ATOM   538  C CE1 . HIS A 1 69 ? -1.692  -8.156  18.146  1.00 38.42 ? 69   HIS A CE1 1 
ATOM   539  N NE2 . HIS A 1 69 ? -2.971  -8.483  18.108  1.00 38.98 ? 69   HIS A NE2 1 
ATOM   540  N N   . LYS A 1 70 ? -0.917  -14.204 15.497  1.00 34.97 ? 70   LYS A N   1 
ATOM   541  C CA  . LYS A 1 70 ? -0.843  -15.311 14.557  1.00 33.93 ? 70   LYS A CA  1 
ATOM   542  C C   . LYS A 1 70 ? -1.957  -15.198 13.522  1.00 32.24 ? 70   LYS A C   1 
ATOM   543  O O   . LYS A 1 70 ? -3.056  -14.719 13.811  1.00 32.25 ? 70   LYS A O   1 
ATOM   544  C CB  . LYS A 1 70 ? -0.957  -16.652 15.287  1.00 35.23 ? 70   LYS A CB  1 
ATOM   545  C CG  . LYS A 1 70 ? 0.138   -16.912 16.306  1.00 36.11 ? 70   LYS A CG  1 
ATOM   546  C CD  . LYS A 1 70 ? 0.045   -18.331 16.843  1.00 37.62 ? 70   LYS A CD  1 
ATOM   547  C CE  . LYS A 1 70 ? 1.069   -18.591 17.942  1.00 38.37 ? 70   LYS A CE  1 
ATOM   548  N NZ  . LYS A 1 70 ? 0.803   -17.792 19.175  1.00 39.13 ? 70   LYS A NZ  1 
ATOM   549  N N   . ALA A 1 71 ? -1.657  -15.634 12.306  1.00 30.80 ? 71   ALA A N   1 
ATOM   550  C CA  . ALA A 1 71 ? -2.626  -15.609 11.223  1.00 28.74 ? 71   ALA A CA  1 
ATOM   551  C C   . ALA A 1 71 ? -2.266  -16.688 10.219  1.00 27.32 ? 71   ALA A C   1 
ATOM   552  O O   . ALA A 1 71 ? -1.141  -17.196 10.208  1.00 26.61 ? 71   ALA A O   1 
ATOM   553  C CB  . ALA A 1 71 ? -2.633  -14.239 10.546  1.00 28.56 ? 71   ALA A CB  1 
ATOM   554  N N   . ILE A 1 72 ? -3.235  -17.049 9.389   1.00 25.70 ? 72   ILE A N   1 
ATOM   555  C CA  . ILE A 1 72 ? -3.025  -18.059 8.363   1.00 24.46 ? 72   ILE A CA  1 
ATOM   556  C C   . ILE A 1 72 ? -3.572  -17.481 7.070   1.00 22.88 ? 72   ILE A C   1 
ATOM   557  O O   . ILE A 1 72 ? -4.595  -16.789 7.074   1.00 21.91 ? 72   ILE A O   1 
ATOM   558  C CB  . ILE A 1 72 ? -3.771  -19.368 8.694   1.00 25.46 ? 72   ILE A CB  1 
ATOM   559  C CG1 . ILE A 1 72 ? -3.345  -19.869 10.076  1.00 26.37 ? 72   ILE A CG1 1 
ATOM   560  C CG2 . ILE A 1 72 ? -3.461  -20.424 7.639   1.00 25.35 ? 72   ILE A CG2 1 
ATOM   561  C CD1 . ILE A 1 72 ? -4.158  -21.049 10.588  1.00 27.85 ? 72   ILE A CD1 1 
ATOM   562  N N   . GLY A 1 73 ? -2.887  -17.746 5.967   1.00 21.10 ? 73   GLY A N   1 
ATOM   563  C CA  . GLY A 1 73 ? -3.351  -17.220 4.702   1.00 19.58 ? 73   GLY A CA  1 
ATOM   564  C C   . GLY A 1 73 ? -2.414  -17.485 3.549   1.00 18.82 ? 73   GLY A C   1 
ATOM   565  O O   . GLY A 1 73 ? -1.421  -18.203 3.678   1.00 17.85 ? 73   GLY A O   1 
ATOM   566  N N   . THR A 1 74 ? -2.747  -16.891 2.415   1.00 17.82 ? 74   THR A N   1 
ATOM   567  C CA  . THR A 1 74 ? -1.975  -17.041 1.196   1.00 18.13 ? 74   THR A CA  1 
ATOM   568  C C   . THR A 1 74 ? -0.753  -16.132 1.173   1.00 16.85 ? 74   THR A C   1 
ATOM   569  O O   . THR A 1 74 ? -0.824  -14.954 1.527   1.00 14.92 ? 74   THR A O   1 
ATOM   570  C CB  . THR A 1 74 ? -2.850  -16.729 -0.027  1.00 17.55 ? 74   THR A CB  1 
ATOM   571  O OG1 . THR A 1 74 ? -3.904  -17.693 -0.100  1.00 18.52 ? 74   THR A OG1 1 
ATOM   572  C CG2 . THR A 1 74 ? -2.027  -16.767 -1.309  1.00 18.55 ? 74   THR A CG2 1 
ATOM   573  N N   . VAL A 1 75 ? 0.374   -16.695 0.759   1.00 15.49 ? 75   VAL A N   1 
ATOM   574  C CA  . VAL A 1 75 ? 1.596   -15.927 0.671   1.00 14.54 ? 75   VAL A CA  1 
ATOM   575  C C   . VAL A 1 75 ? 2.175   -16.098 -0.728  1.00 13.97 ? 75   VAL A C   1 
ATOM   576  O O   . VAL A 1 75 ? 2.288   -17.217 -1.235  1.00 13.47 ? 75   VAL A O   1 
ATOM   577  C CB  . VAL A 1 75 ? 2.620   -16.377 1.732   1.00 14.25 ? 75   VAL A CB  1 
ATOM   578  C CG1 . VAL A 1 75 ? 3.930   -15.653 1.535   1.00 14.75 ? 75   VAL A CG1 1 
ATOM   579  C CG2 . VAL A 1 75 ? 2.076   -16.100 3.120   1.00 14.34 ? 75   VAL A CG2 1 
ATOM   580  N N   . LEU A 1 76 ? 2.501   -14.981 -1.363  1.00 13.08 ? 76   LEU A N   1 
ATOM   581  C CA  . LEU A 1 76 ? 3.080   -15.026 -2.699  1.00 12.70 ? 76   LEU A CA  1 
ATOM   582  C C   . LEU A 1 76 ? 4.575   -14.830 -2.502  1.00 13.39 ? 76   LEU A C   1 
ATOM   583  O O   . LEU A 1 76 ? 4.998   -14.023 -1.679  1.00 12.59 ? 76   LEU A O   1 
ATOM   584  C CB  . LEU A 1 76 ? 2.507   -13.914 -3.579  1.00 11.49 ? 76   LEU A CB  1 
ATOM   585  C CG  . LEU A 1 76 ? 0.972   -13.823 -3.610  1.00 11.70 ? 76   LEU A CG  1 
ATOM   586  C CD1 . LEU A 1 76 ? 0.571   -12.758 -4.617  1.00 9.34  ? 76   LEU A CD1 1 
ATOM   587  C CD2 . LEU A 1 76 ? 0.344   -15.177 -3.971  1.00 10.63 ? 76   LEU A CD2 1 
ATOM   588  N N   . VAL A 1 77 ? 5.366   -15.582 -3.256  1.00 13.42 ? 77   VAL A N   1 
ATOM   589  C CA  . VAL A 1 77 ? 6.814   -15.512 -3.147  1.00 13.64 ? 77   VAL A CA  1 
ATOM   590  C C   . VAL A 1 77 ? 7.419   -15.207 -4.506  1.00 13.45 ? 77   VAL A C   1 
ATOM   591  O O   . VAL A 1 77 ? 7.151   -15.905 -5.482  1.00 12.42 ? 77   VAL A O   1 
ATOM   592  C CB  . VAL A 1 77 ? 7.375   -16.841 -2.616  1.00 13.91 ? 77   VAL A CB  1 
ATOM   593  C CG1 . VAL A 1 77 ? 8.902   -16.815 -2.632  1.00 14.26 ? 77   VAL A CG1 1 
ATOM   594  C CG2 . VAL A 1 77 ? 6.844   -17.081 -1.198  1.00 13.64 ? 77   VAL A CG2 1 
ATOM   595  N N   . GLY A 1 78 ? 8.218   -14.146 -4.563  1.00 13.73 ? 78   GLY A N   1 
ATOM   596  C CA  . GLY A 1 78 ? 8.832   -13.768 -5.822  1.00 14.93 ? 78   GLY A CA  1 
ATOM   597  C C   . GLY A 1 78 ? 9.808   -12.613 -5.711  1.00 15.63 ? 78   GLY A C   1 
ATOM   598  O O   . GLY A 1 78 ? 10.191  -12.224 -4.608  1.00 14.65 ? 78   GLY A O   1 
ATOM   599  N N   . PRO A 1 79 ? 10.211  -12.028 -6.851  1.00 15.96 ? 79   PRO A N   1 
ATOM   600  C CA  . PRO A 1 79 ? 11.160  -10.912 -6.873  1.00 16.31 ? 79   PRO A CA  1 
ATOM   601  C C   . PRO A 1 79 ? 10.623  -9.539  -6.463  1.00 16.80 ? 79   PRO A C   1 
ATOM   602  O O   . PRO A 1 79 ? 10.779  -8.567  -7.192  1.00 15.90 ? 79   PRO A O   1 
ATOM   603  C CB  . PRO A 1 79 ? 11.672  -10.933 -8.311  1.00 15.89 ? 79   PRO A CB  1 
ATOM   604  C CG  . PRO A 1 79 ? 10.458  -11.366 -9.087  1.00 16.55 ? 79   PRO A CG  1 
ATOM   605  C CD  . PRO A 1 79 ? 9.883   -12.476 -8.218  1.00 15.70 ? 79   PRO A CD  1 
ATOM   606  N N   . THR A 1 80 ? 9.994   -9.454  -5.298  1.00 17.26 ? 80   THR A N   1 
ATOM   607  C CA  . THR A 1 80 ? 9.487   -8.161  -4.846  1.00 17.59 ? 80   THR A CA  1 
ATOM   608  C C   . THR A 1 80 ? 10.641  -7.409  -4.181  1.00 17.56 ? 80   THR A C   1 
ATOM   609  O O   . THR A 1 80 ? 11.466  -8.010  -3.501  1.00 17.62 ? 80   THR A O   1 
ATOM   610  C CB  . THR A 1 80 ? 8.325   -8.319  -3.836  1.00 17.84 ? 80   THR A CB  1 
ATOM   611  O OG1 . THR A 1 80 ? 7.909   -7.025  -3.395  1.00 16.21 ? 80   THR A OG1 1 
ATOM   612  C CG2 . THR A 1 80 ? 8.753   -9.146  -2.636  1.00 16.88 ? 80   THR A CG2 1 
ATOM   613  N N   . PRO A 1 81 ? 10.721  -6.086  -4.382  1.00 17.58 ? 81   PRO A N   1 
ATOM   614  C CA  . PRO A 1 81 ? 11.805  -5.299  -3.774  1.00 18.10 ? 81   PRO A CA  1 
ATOM   615  C C   . PRO A 1 81 ? 11.665  -5.092  -2.263  1.00 17.87 ? 81   PRO A C   1 
ATOM   616  O O   . PRO A 1 81 ? 12.619  -4.724  -1.590  1.00 16.70 ? 81   PRO A O   1 
ATOM   617  C CB  . PRO A 1 81 ? 11.772  -3.989  -4.566  1.00 18.87 ? 81   PRO A CB  1 
ATOM   618  C CG  . PRO A 1 81 ? 10.349  -3.850  -4.939  1.00 19.31 ? 81   PRO A CG  1 
ATOM   619  C CD  . PRO A 1 81 ? 9.921   -5.264  -5.307  1.00 18.12 ? 81   PRO A CD  1 
ATOM   620  N N   . VAL A 1 82 ? 10.469  -5.341  -1.736  1.00 17.54 ? 82   VAL A N   1 
ATOM   621  C CA  . VAL A 1 82 ? 10.218  -5.205  -0.301  1.00 16.43 ? 82   VAL A CA  1 
ATOM   622  C C   . VAL A 1 82 ? 9.175   -6.241  0.127   1.00 15.50 ? 82   VAL A C   1 
ATOM   623  O O   . VAL A 1 82 ? 8.270   -6.579  -0.648  1.00 13.87 ? 82   VAL A O   1 
ATOM   624  C CB  . VAL A 1 82 ? 9.665   -3.802  0.038   1.00 17.26 ? 82   VAL A CB  1 
ATOM   625  C CG1 . VAL A 1 82 ? 8.360   -3.584  -0.702  1.00 18.31 ? 82   VAL A CG1 1 
ATOM   626  C CG2 . VAL A 1 82 ? 9.448   -3.661  1.538   1.00 18.09 ? 82   VAL A CG2 1 
ATOM   627  N N   . ASN A 1 83 ? 9.302   -6.749  1.351   1.00 14.36 ? 83   ASN A N   1 
ATOM   628  C CA  . ASN A 1 83 ? 8.338   -7.716  1.853   1.00 13.70 ? 83   ASN A CA  1 
ATOM   629  C C   . ASN A 1 83 ? 7.065   -6.941  2.173   1.00 13.52 ? 83   ASN A C   1 
ATOM   630  O O   . ASN A 1 83 ? 7.094   -5.916  2.863   1.00 12.16 ? 83   ASN A O   1 
ATOM   631  C CB  . ASN A 1 83 ? 8.872   -8.419  3.100   1.00 13.57 ? 83   ASN A CB  1 
ATOM   632  C CG  . ASN A 1 83 ? 10.049  -9.338  2.788   1.00 14.63 ? 83   ASN A CG  1 
ATOM   633  O OD1 . ASN A 1 83 ? 10.042  -10.044 1.776   1.00 13.58 ? 83   ASN A OD1 1 
ATOM   634  N ND2 . ASN A 1 83 ? 11.059  -9.339  3.659   1.00 14.30 ? 83   ASN A ND2 1 
ATOM   635  N N   . ILE A 1 84 ? 5.952   -7.440  1.665   1.00 12.17 ? 84   ILE A N   1 
ATOM   636  C CA  . ILE A 1 84 ? 4.675   -6.767  1.859   1.00 12.84 ? 84   ILE A CA  1 
ATOM   637  C C   . ILE A 1 84 ? 3.625   -7.616  2.539   1.00 12.18 ? 84   ILE A C   1 
ATOM   638  O O   . ILE A 1 84 ? 3.410   -8.763  2.165   1.00 11.63 ? 84   ILE A O   1 
ATOM   639  C CB  . ILE A 1 84 ? 4.079   -6.340  0.513   1.00 12.93 ? 84   ILE A CB  1 
ATOM   640  C CG1 . ILE A 1 84 ? 5.014   -5.353  -0.194  1.00 12.84 ? 84   ILE A CG1 1 
ATOM   641  C CG2 . ILE A 1 84 ? 2.693   -5.762  0.723   1.00 11.47 ? 84   ILE A CG2 1 
ATOM   642  C CD1 . ILE A 1 84 ? 4.756   -5.281  -1.687  1.00 13.46 ? 84   ILE A CD1 1 
ATOM   643  N N   . ILE A 1 85 ? 2.960   -7.028  3.525   1.00 11.62 ? 85   ILE A N   1 
ATOM   644  C CA  . ILE A 1 85 ? 1.872   -7.688  4.212   1.00 11.92 ? 85   ILE A CA  1 
ATOM   645  C C   . ILE A 1 85 ? 0.608   -7.039  3.638   1.00 11.89 ? 85   ILE A C   1 
ATOM   646  O O   . ILE A 1 85 ? 0.377   -5.839  3.827   1.00 12.00 ? 85   ILE A O   1 
ATOM   647  C CB  . ILE A 1 85 ? 1.933   -7.461  5.738   1.00 12.16 ? 85   ILE A CB  1 
ATOM   648  C CG1 . ILE A 1 85 ? 3.215   -8.075  6.305   1.00 13.13 ? 85   ILE A CG1 1 
ATOM   649  C CG2 . ILE A 1 85 ? 0.729   -8.128  6.409   1.00 11.15 ? 85   ILE A CG2 1 
ATOM   650  C CD1 . ILE A 1 85 ? 3.404   -9.545  5.934   1.00 13.15 ? 85   ILE A CD1 1 
ATOM   651  N N   . GLY A 1 86 ? -0.188  -7.826  2.917   1.00 11.60 ? 86   GLY A N   1 
ATOM   652  C CA  . GLY A 1 86 ? -1.399  -7.308  2.304   1.00 10.95 ? 86   GLY A CA  1 
ATOM   653  C C   . GLY A 1 86 ? -2.653  -7.435  3.144   1.00 10.93 ? 86   GLY A C   1 
ATOM   654  O O   . GLY A 1 86 ? -2.617  -7.924  4.274   1.00 12.21 ? 86   GLY A O   1 
ATOM   655  N N   . ARG A 1 87 ? -3.773  -7.001  2.577   1.00 11.08 ? 87   ARG A N   1 
ATOM   656  C CA  . ARG A 1 87 ? -5.053  -7.044  3.267   1.00 11.46 ? 87   ARG A CA  1 
ATOM   657  C C   . ARG A 1 87 ? -5.480  -8.455  3.644   1.00 11.56 ? 87   ARG A C   1 
ATOM   658  O O   . ARG A 1 87 ? -6.112  -8.641  4.677   1.00 11.72 ? 87   ARG A O   1 
ATOM   659  C CB  . ARG A 1 87 ? -6.158  -6.395  2.408   1.00 10.81 ? 87   ARG A CB  1 
ATOM   660  C CG  . ARG A 1 87 ? -5.954  -4.904  2.132   1.00 10.94 ? 87   ARG A CG  1 
ATOM   661  C CD  . ARG A 1 87 ? -7.158  -4.257  1.412   1.00 10.58 ? 87   ARG A CD  1 
ATOM   662  N NE  . ARG A 1 87 ? -7.360  -4.797  0.069   1.00 10.26 ? 87   ARG A NE  1 
ATOM   663  C CZ  . ARG A 1 87 ? -8.264  -5.722  -0.250  1.00 11.70 ? 87   ARG A CZ  1 
ATOM   664  N NH1 . ARG A 1 87 ? -8.361  -6.156  -1.507  1.00 10.59 ? 87   ARG A NH1 1 
ATOM   665  N NH2 . ARG A 1 87 ? -9.076  -6.213  0.676   1.00 11.39 ? 87   ARG A NH2 1 
ATOM   666  N N   . ASN A 1 88 ? -5.143  -9.447  2.824   1.00 11.93 ? 88   ASN A N   1 
ATOM   667  C CA  . ASN A 1 88 ? -5.542  -10.824 3.123   1.00 12.77 ? 88   ASN A CA  1 
ATOM   668  C C   . ASN A 1 88 ? -5.074  -11.282 4.508   1.00 12.41 ? 88   ASN A C   1 
ATOM   669  O O   . ASN A 1 88 ? -5.685  -12.155 5.115   1.00 12.53 ? 88   ASN A O   1 
ATOM   670  C CB  . ASN A 1 88 ? -5.031  -11.790 2.044   1.00 12.52 ? 88   ASN A CB  1 
ATOM   671  C CG  . ASN A 1 88 ? -3.563  -12.120 2.201   1.00 13.81 ? 88   ASN A CG  1 
ATOM   672  O OD1 . ASN A 1 88 ? -2.717  -11.227 2.267   1.00 14.58 ? 88   ASN A OD1 1 
ATOM   673  N ND2 . ASN A 1 88 ? -3.251  -13.418 2.259   1.00 13.18 ? 88   ASN A ND2 1 
ATOM   674  N N   . LEU A 1 89 ? -4.008  -10.677 5.022   1.00 12.21 ? 89   LEU A N   1 
ATOM   675  C CA  . LEU A 1 89 ? -3.513  -11.042 6.344   1.00 11.89 ? 89   LEU A CA  1 
ATOM   676  C C   . LEU A 1 89 ? -3.757  -9.937  7.372   1.00 12.13 ? 89   LEU A C   1 
ATOM   677  O O   . LEU A 1 89 ? -3.848  -10.209 8.572   1.00 11.48 ? 89   LEU A O   1 
ATOM   678  C CB  . LEU A 1 89 ? -2.027  -11.404 6.269   1.00 12.26 ? 89   LEU A CB  1 
ATOM   679  C CG  . LEU A 1 89 ? -1.824  -12.665 5.426   1.00 12.57 ? 89   LEU A CG  1 
ATOM   680  C CD1 . LEU A 1 89 ? -0.348  -12.979 5.270   1.00 14.15 ? 89   LEU A CD1 1 
ATOM   681  C CD2 . LEU A 1 89 ? -2.558  -13.819 6.094   1.00 13.39 ? 89   LEU A CD2 1 
ATOM   682  N N   . LEU A 1 90 ? -3.863  -8.691  6.907   1.00 11.80 ? 90   LEU A N   1 
ATOM   683  C CA  . LEU A 1 90 ? -4.132  -7.583  7.814   1.00 11.01 ? 90   LEU A CA  1 
ATOM   684  C C   . LEU A 1 90 ? -5.517  -7.791  8.464   1.00 10.56 ? 90   LEU A C   1 
ATOM   685  O O   . LEU A 1 90 ? -5.707  -7.492  9.645   1.00 10.42 ? 90   LEU A O   1 
ATOM   686  C CB  . LEU A 1 90 ? -4.080  -6.242  7.052   1.00 11.42 ? 90   LEU A CB  1 
ATOM   687  C CG  . LEU A 1 90 ? -2.672  -5.825  6.576   1.00 11.17 ? 90   LEU A CG  1 
ATOM   688  C CD1 . LEU A 1 90 ? -2.738  -4.632  5.642   1.00 12.19 ? 90   LEU A CD1 1 
ATOM   689  C CD2 . LEU A 1 90 ? -1.805  -5.511  7.780   1.00 11.68 ? 90   LEU A CD2 1 
ATOM   690  N N   . THR A 1 91 ? -6.469  -8.320  7.702   1.00 10.82 ? 91   THR A N   1 
ATOM   691  C CA  . THR A 1 91 ? -7.814  -8.562  8.232   1.00 12.81 ? 91   THR A CA  1 
ATOM   692  C C   . THR A 1 91 ? -7.778  -9.528  9.422   1.00 12.83 ? 91   THR A C   1 
ATOM   693  O O   . THR A 1 91 ? -8.478  -9.329  10.415  1.00 12.78 ? 91   THR A O   1 
ATOM   694  C CB  . THR A 1 91 ? -8.766  -9.203  7.183   1.00 13.46 ? 91   THR A CB  1 
ATOM   695  O OG1 . THR A 1 91 ? -8.177  -10.409 6.697   1.00 13.19 ? 91   THR A OG1 1 
ATOM   696  C CG2 . THR A 1 91 ? -9.042  -8.264  6.012   1.00 12.98 ? 91   THR A CG2 1 
ATOM   697  N N   . GLN A 1 92 ? -6.954  -10.569 9.310   1.00 13.92 ? 92   GLN A N   1 
ATOM   698  C CA  . GLN A 1 92 ? -6.859  -11.592 10.349  1.00 14.46 ? 92   GLN A CA  1 
ATOM   699  C C   . GLN A 1 92 ? -6.289  -11.088 11.658  1.00 14.26 ? 92   GLN A C   1 
ATOM   700  O O   . GLN A 1 92 ? -6.539  -11.667 12.715  1.00 15.51 ? 92   GLN A O   1 
ATOM   701  C CB  . GLN A 1 92 ? -6.006  -12.774 9.863   1.00 14.06 ? 92   GLN A CB  1 
ATOM   702  C CG  . GLN A 1 92 ? -6.438  -13.359 8.533   1.00 13.79 ? 92   GLN A CG  1 
ATOM   703  C CD  . GLN A 1 92 ? -7.877  -13.826 8.522   1.00 14.29 ? 92   GLN A CD  1 
ATOM   704  O OE1 . GLN A 1 92 ? -8.771  -13.103 8.076   1.00 15.28 ? 92   GLN A OE1 1 
ATOM   705  N NE2 . GLN A 1 92 ? -8.113  -15.037 9.009   1.00 12.66 ? 92   GLN A NE2 1 
ATOM   706  N N   . ILE A 1 93 ? -5.494  -10.031 11.606  1.00 14.72 ? 93   ILE A N   1 
ATOM   707  C CA  . ILE A 1 93 ? -4.937  -9.524  12.838  1.00 15.92 ? 93   ILE A CA  1 
ATOM   708  C C   . ILE A 1 93 ? -5.774  -8.368  13.363  1.00 16.04 ? 93   ILE A C   1 
ATOM   709  O O   . ILE A 1 93 ? -5.427  -7.722  14.357  1.00 15.44 ? 93   ILE A O   1 
ATOM   710  C CB  . ILE A 1 93 ? -3.456  -9.121  12.661  1.00 15.42 ? 93   ILE A CB  1 
ATOM   711  C CG1 . ILE A 1 93 ? -3.317  -7.965  11.683  1.00 15.84 ? 93   ILE A CG1 1 
ATOM   712  C CG2 . ILE A 1 93 ? -2.668  -10.318 12.164  1.00 15.79 ? 93   ILE A CG2 1 
ATOM   713  C CD1 . ILE A 1 93 ? -1.902  -7.415  11.640  1.00 16.01 ? 93   ILE A CD1 1 
ATOM   714  N N   . GLY A 1 94 ? -6.902  -8.133  12.697  1.00 16.35 ? 94   GLY A N   1 
ATOM   715  C CA  . GLY A 1 94 ? -7.806  -7.077  13.112  1.00 17.10 ? 94   GLY A CA  1 
ATOM   716  C C   . GLY A 1 94 ? -7.280  -5.679  12.870  1.00 17.67 ? 94   GLY A C   1 
ATOM   717  O O   . GLY A 1 94 ? -7.608  -4.746  13.602  1.00 17.36 ? 94   GLY A O   1 
ATOM   718  N N   . CYS A 1 95 ? -6.481  -5.524  11.825  1.00 17.42 ? 95   CYS A N   1 
ATOM   719  C CA  . CYS A 1 95 ? -5.908  -4.226  11.509  1.00 17.82 ? 95   CYS A CA  1 
ATOM   720  C C   . CYS A 1 95 ? -6.888  -3.316  10.779  1.00 16.75 ? 95   CYS A C   1 
ATOM   721  O O   . CYS A 1 95 ? -7.552  -3.738  9.833   1.00 15.89 ? 95   CYS A O   1 
ATOM   722  C CB  . CYS A 1 95 ? -4.656  -4.412  10.659  1.00 18.84 ? 95   CYS A CB  1 
ATOM   723  S SG  . CYS A 1 95 ? -3.817  -2.867  10.259  1.00 21.17 ? 95   CYS A SG  1 
ATOM   724  N N   . THR A 1 96 ? -6.987  -2.064  11.222  1.00 16.41 ? 96   THR A N   1 
ATOM   725  C CA  . THR A 1 96 ? -7.883  -1.107  10.572  1.00 15.42 ? 96   THR A CA  1 
ATOM   726  C C   . THR A 1 96 ? -7.248  0.261   10.430  1.00 16.15 ? 96   THR A C   1 
ATOM   727  O O   . THR A 1 96 ? -6.300  0.584   11.139  1.00 16.07 ? 96   THR A O   1 
ATOM   728  C CB  . THR A 1 96 ? -9.191  -0.896  11.354  1.00 15.73 ? 96   THR A CB  1 
ATOM   729  O OG1 . THR A 1 96 ? -8.894  -0.361  12.655  1.00 14.31 ? 96   THR A OG1 1 
ATOM   730  C CG2 . THR A 1 96 ? -9.957  -2.202  11.463  1.00 14.75 ? 96   THR A CG2 1 
ATOM   731  N N   . LEU A 1 97 ? -7.791  1.055   9.508   1.00 16.72 ? 97   LEU A N   1 
ATOM   732  C CA  . LEU A 1 97 ? -7.332  2.423   9.271   1.00 17.87 ? 97   LEU A CA  1 
ATOM   733  C C   . LEU A 1 97 ? -8.274  3.289   10.094  1.00 18.40 ? 97   LEU A C   1 
ATOM   734  O O   . LEU A 1 97 ? -9.485  3.040   10.111  1.00 18.14 ? 97   LEU A O   1 
ATOM   735  C CB  . LEU A 1 97 ? -7.476  2.804   7.788   1.00 18.98 ? 97   LEU A CB  1 
ATOM   736  C CG  . LEU A 1 97 ? -6.584  2.115   6.753   1.00 18.77 ? 97   LEU A CG  1 
ATOM   737  C CD1 . LEU A 1 97 ? -6.681  0.615   6.904   1.00 20.72 ? 97   LEU A CD1 1 
ATOM   738  C CD2 . LEU A 1 97 ? -7.007  2.525   5.355   1.00 19.94 ? 97   LEU A CD2 1 
ATOM   739  N N   . ASN A 1 98 ? -7.731  4.293   10.772  1.00 19.51 ? 98   ASN A N   1 
ATOM   740  C CA  . ASN A 1 98 ? -8.557  5.180   11.579  1.00 20.80 ? 98   ASN A CA  1 
ATOM   741  C C   . ASN A 1 98 ? -8.135  6.642   11.485  1.00 21.42 ? 98   ASN A C   1 
ATOM   742  O O   . ASN A 1 98 ? -6.950  6.967   11.556  1.00 20.26 ? 98   ASN A O   1 
ATOM   743  C CB  . ASN A 1 98 ? -8.531  4.758   13.050  1.00 21.82 ? 98   ASN A CB  1 
ATOM   744  C CG  . ASN A 1 98 ? -9.001  3.337   13.258  1.00 22.78 ? 98   ASN A CG  1 
ATOM   745  O OD1 . ASN A 1 98 ? -8.244  2.384   13.055  1.00 23.34 ? 98   ASN A OD1 1 
ATOM   746  N ND2 . ASN A 1 98 ? -10.260 3.182   13.657  1.00 22.20 ? 98   ASN A ND2 1 
ATOM   747  N N   . PHE A 1 99 ? -9.129  7.510   11.322  1.00 22.20 ? 99   PHE A N   1 
ATOM   748  C CA  . PHE A 1 99 ? -8.919  8.951   11.246  1.00 22.51 ? 99   PHE A CA  1 
ATOM   749  C C   . PHE A 1 99 ? -10.249 9.669   11.464  1.00 23.35 ? 99   PHE A C   1 
ATOM   750  O O   . PHE A 1 99 ? -10.273 10.899  11.258  1.00 23.65 ? 99   PHE A O   1 
ATOM   751  C CB  . PHE A 1 99 ? -8.313  9.364   9.893   1.00 22.60 ? 99   PHE A CB  1 
ATOM   752  C CG  . PHE A 1 99 ? -9.188  9.072   8.699   1.00 22.67 ? 99   PHE A CG  1 
ATOM   753  C CD1 . PHE A 1 99 ? -9.233  7.800   8.141   1.00 22.62 ? 99   PHE A CD1 1 
ATOM   754  C CD2 . PHE A 1 99 ? -9.953  10.080  8.119   1.00 22.90 ? 99   PHE A CD2 1 
ATOM   755  C CE1 . PHE A 1 99 ? -10.029 7.534   7.019   1.00 22.23 ? 99   PHE A CE1 1 
ATOM   756  C CE2 . PHE A 1 99 ? -10.753 9.824   6.997   1.00 22.85 ? 99   PHE A CE2 1 
ATOM   757  C CZ  . PHE A 1 99 ? -10.789 8.548   6.449   1.00 23.31 ? 99   PHE A CZ  1 
ATOM   758  N N   . PRO B 1 1  ? -13.394 7.993   11.068  1.00 29.46 ? 1    PRO B N   1 
ATOM   759  C CA  . PRO B 1 1  ? -14.048 6.685   10.861  1.00 28.82 ? 1    PRO B CA  1 
ATOM   760  C C   . PRO B 1 1  ? -13.051 5.548   11.020  1.00 28.41 ? 1    PRO B C   1 
ATOM   761  O O   . PRO B 1 1  ? -11.847 5.776   11.166  1.00 27.67 ? 1    PRO B O   1 
ATOM   762  C CB  . PRO B 1 1  ? -14.598 6.700   9.451   1.00 29.59 ? 1    PRO B CB  1 
ATOM   763  C CG  . PRO B 1 1  ? -13.560 7.572   8.757   1.00 29.91 ? 1    PRO B CG  1 
ATOM   764  C CD  . PRO B 1 1  ? -13.280 8.696   9.777   1.00 30.10 ? 1    PRO B CD  1 
ATOM   765  N N   . GLN B 1 2  ? -13.568 4.322   10.993  1.00 27.70 ? 2    GLN B N   1 
ATOM   766  C CA  . GLN B 1 2  ? -12.742 3.123   11.101  1.00 26.75 ? 2    GLN B CA  1 
ATOM   767  C C   . GLN B 1 2  ? -13.006 2.315   9.838   1.00 25.18 ? 2    GLN B C   1 
ATOM   768  O O   . GLN B 1 2  ? -14.154 2.014   9.515   1.00 25.90 ? 2    GLN B O   1 
ATOM   769  C CB  . GLN B 1 2  ? -13.124 2.306   12.334  1.00 27.92 ? 2    GLN B CB  1 
ATOM   770  C CG  . GLN B 1 2  ? -12.192 1.134   12.590  1.00 30.16 ? 2    GLN B CG  1 
ATOM   771  C CD  . GLN B 1 2  ? -12.363 0.553   13.974  1.00 31.24 ? 2    GLN B CD  1 
ATOM   772  O OE1 . GLN B 1 2  ? -13.301 -0.197  14.235  1.00 30.93 ? 2    GLN B OE1 1 
ATOM   773  N NE2 . GLN B 1 2  ? -11.464 0.915   14.877  1.00 31.74 ? 2    GLN B NE2 1 
ATOM   774  N N   . ILE B 1 3  ? -11.942 1.977   9.122   1.00 22.77 ? 3    ILE B N   1 
ATOM   775  C CA  . ILE B 1 3  ? -12.077 1.240   7.879   1.00 20.67 ? 3    ILE B CA  1 
ATOM   776  C C   . ILE B 1 3  ? -11.429 -0.136  7.957   1.00 19.46 ? 3    ILE B C   1 
ATOM   777  O O   . ILE B 1 3  ? -10.235 -0.247  8.200   1.00 17.34 ? 3    ILE B O   1 
ATOM   778  C CB  . ILE B 1 3  ? -11.453 2.051   6.718   1.00 20.56 ? 3    ILE B CB  1 
ATOM   779  C CG1 . ILE B 1 3  ? -12.194 3.387   6.588   1.00 20.14 ? 3    ILE B CG1 1 
ATOM   780  C CG2 . ILE B 1 3  ? -11.536 1.260   5.399   1.00 20.68 ? 3    ILE B CG2 1 
ATOM   781  C CD1 . ILE B 1 3  ? -11.511 4.382   5.689   1.00 20.14 ? 3    ILE B CD1 1 
ATOM   782  N N   . THR B 1 4  ? -12.239 -1.177  7.775   1.00 18.35 ? 4    THR B N   1 
ATOM   783  C CA  . THR B 1 4  ? -11.743 -2.544  7.799   1.00 17.85 ? 4    THR B CA  1 
ATOM   784  C C   . THR B 1 4  ? -11.135 -2.843  6.433   1.00 16.66 ? 4    THR B C   1 
ATOM   785  O O   . THR B 1 4  ? -11.383 -2.121  5.468   1.00 17.75 ? 4    THR B O   1 
ATOM   786  C CB  . THR B 1 4  ? -12.865 -3.547  8.107   1.00 17.39 ? 4    THR B CB  1 
ATOM   787  O OG1 . THR B 1 4  ? -13.925 -3.390  7.158   1.00 19.35 ? 4    THR B OG1 1 
ATOM   788  C CG2 . THR B 1 4  ? -13.403 -3.325  9.520   1.00 17.85 ? 4    THR B CG2 1 
ATOM   789  N N   . LEU B 1 5  ? -10.353 -3.912  6.342   1.00 15.39 ? 5    LEU B N   1 
ATOM   790  C CA  . LEU B 1 5  ? -9.669  -4.234  5.097   1.00 15.22 ? 5    LEU B CA  1 
ATOM   791  C C   . LEU B 1 5  ? -10.157 -5.464  4.336   1.00 14.42 ? 5    LEU B C   1 
ATOM   792  O O   . LEU B 1 5  ? -9.424  -6.016  3.513   1.00 11.37 ? 5    LEU B O   1 
ATOM   793  C CB  . LEU B 1 5  ? -8.167  -4.355  5.389   1.00 14.15 ? 5    LEU B CB  1 
ATOM   794  C CG  . LEU B 1 5  ? -7.617  -3.092  6.064   1.00 13.03 ? 5    LEU B CG  1 
ATOM   795  C CD1 . LEU B 1 5  ? -6.168  -3.313  6.535   1.00 13.38 ? 5    LEU B CD1 1 
ATOM   796  C CD2 . LEU B 1 5  ? -7.701  -1.931  5.063   1.00 14.36 ? 5    LEU B CD2 1 
ATOM   797  N N   . TRP B 1 6  ? -11.383 -5.902  4.595   1.00 14.07 ? 6    TRP B N   1 
ATOM   798  C CA  . TRP B 1 6  ? -11.892 -7.071  3.893   1.00 15.13 ? 6    TRP B CA  1 
ATOM   799  C C   . TRP B 1 6  ? -12.023 -6.737  2.408   1.00 16.28 ? 6    TRP B C   1 
ATOM   800  O O   . TRP B 1 6  ? -11.998 -7.621  1.554   1.00 15.48 ? 6    TRP B O   1 
ATOM   801  C CB  . TRP B 1 6  ? -13.227 -7.509  4.497   1.00 15.00 ? 6    TRP B CB  1 
ATOM   802  C CG  . TRP B 1 6  ? -13.103 -7.785  5.963   1.00 15.07 ? 6    TRP B CG  1 
ATOM   803  C CD1 . TRP B 1 6  ? -13.418 -6.940  6.981   1.00 14.76 ? 6    TRP B CD1 1 
ATOM   804  C CD2 . TRP B 1 6  ? -12.557 -8.967  6.576   1.00 15.49 ? 6    TRP B CD2 1 
ATOM   805  N NE1 . TRP B 1 6  ? -13.106 -7.516  8.194   1.00 15.00 ? 6    TRP B NE1 1 
ATOM   806  C CE2 . TRP B 1 6  ? -12.572 -8.759  7.971   1.00 15.46 ? 6    TRP B CE2 1 
ATOM   807  C CE3 . TRP B 1 6  ? -12.056 -10.180 6.078   1.00 14.90 ? 6    TRP B CE3 1 
ATOM   808  C CZ2 . TRP B 1 6  ? -12.104 -9.718  8.881   1.00 14.57 ? 6    TRP B CZ2 1 
ATOM   809  C CZ3 . TRP B 1 6  ? -11.592 -11.136 6.983   1.00 14.65 ? 6    TRP B CZ3 1 
ATOM   810  C CH2 . TRP B 1 6  ? -11.620 -10.895 8.367   1.00 15.38 ? 6    TRP B CH2 1 
ATOM   811  N N   . GLN B 1 7  ? -12.142 -5.443  2.116   1.00 16.09 ? 7    GLN B N   1 
ATOM   812  C CA  . GLN B 1 7  ? -12.230 -4.955  0.742   1.00 17.43 ? 7    GLN B CA  1 
ATOM   813  C C   . GLN B 1 7  ? -11.200 -3.837  0.589   1.00 15.70 ? 7    GLN B C   1 
ATOM   814  O O   . GLN B 1 7  ? -10.674 -3.346  1.580   1.00 13.98 ? 7    GLN B O   1 
ATOM   815  C CB  . GLN B 1 7  ? -13.616 -4.377  0.463   1.00 20.57 ? 7    GLN B CB  1 
ATOM   816  C CG  . GLN B 1 7  ? -14.750 -5.351  0.621   1.00 25.96 ? 7    GLN B CG  1 
ATOM   817  C CD  . GLN B 1 7  ? -16.076 -4.745  0.189   1.00 28.88 ? 7    GLN B CD  1 
ATOM   818  O OE1 . GLN B 1 7  ? -16.553 -3.775  0.788   1.00 30.09 ? 7    GLN B OE1 1 
ATOM   819  N NE2 . GLN B 1 7  ? -16.675 -5.308  -0.864  1.00 30.59 ? 7    GLN B NE2 1 
ATOM   820  N N   . ARG B 1 8  ? -10.895 -3.441  -0.643  1.00 14.42 ? 8    ARG B N   1 
ATOM   821  C CA  . ARG B 1 8  ? -9.946  -2.345  -0.842  1.00 12.73 ? 8    ARG B CA  1 
ATOM   822  C C   . ARG B 1 8  ? -10.488 -1.072  -0.176  1.00 12.75 ? 8    ARG B C   1 
ATOM   823  O O   . ARG B 1 8  ? -11.678 -0.755  -0.298  1.00 14.63 ? 8    ARG B O   1 
ATOM   824  C CB  . ARG B 1 8  ? -9.735  -2.077  -2.332  1.00 13.82 ? 8    ARG B CB  1 
ATOM   825  C CG  . ARG B 1 8  ? -9.001  -3.187  -3.064  1.00 14.60 ? 8    ARG B CG  1 
ATOM   826  C CD  . ARG B 1 8  ? -8.809  -2.847  -4.531  1.00 16.82 ? 8    ARG B CD  1 
ATOM   827  N NE  . ARG B 1 8  ? -8.192  -3.966  -5.236  1.00 17.36 ? 8    ARG B NE  1 
ATOM   828  C CZ  . ARG B 1 8  ? -8.034  -4.036  -6.552  1.00 18.18 ? 8    ARG B CZ  1 
ATOM   829  N NH1 . ARG B 1 8  ? -7.457  -5.106  -7.084  1.00 18.11 ? 8    ARG B NH1 1 
ATOM   830  N NH2 . ARG B 1 8  ? -8.451  -3.048  -7.336  1.00 17.93 ? 8    ARG B NH2 1 
ATOM   831  N N   . PRO B 1 9  ? -9.625  -0.330  0.537   1.00 11.93 ? 9    PRO B N   1 
ATOM   832  C CA  . PRO B 1 9  ? -10.059 0.901   1.202   1.00 11.60 ? 9    PRO B CA  1 
ATOM   833  C C   . PRO B 1 9  ? -10.154 2.058   0.205   1.00 12.92 ? 9    PRO B C   1 
ATOM   834  O O   . PRO B 1 9  ? -9.322  2.963   0.204   1.00 9.70  ? 9    PRO B O   1 
ATOM   835  C CB  . PRO B 1 9  ? -8.988  1.118   2.261   1.00 11.93 ? 9    PRO B CB  1 
ATOM   836  C CG  . PRO B 1 9  ? -7.730  0.548   1.591   1.00 10.59 ? 9    PRO B CG  1 
ATOM   837  C CD  . PRO B 1 9  ? -8.239  -0.692  0.910   1.00 11.74 ? 9    PRO B CD  1 
ATOM   838  N N   . LEU B 1 10 ? -11.172 2.001   -0.645  1.00 12.66 ? 10   LEU B N   1 
ATOM   839  C CA  . LEU B 1 10 ? -11.390 3.017   -1.662  1.00 15.13 ? 10   LEU B CA  1 
ATOM   840  C C   . LEU B 1 10 ? -12.328 4.086   -1.102  1.00 15.37 ? 10   LEU B C   1 
ATOM   841  O O   . LEU B 1 10 ? -13.366 3.772   -0.506  1.00 14.47 ? 10   LEU B O   1 
ATOM   842  C CB  . LEU B 1 10 ? -11.998 2.375   -2.916  1.00 16.27 ? 10   LEU B CB  1 
ATOM   843  C CG  . LEU B 1 10 ? -11.130 1.335   -3.653  1.00 17.60 ? 10   LEU B CG  1 
ATOM   844  C CD1 . LEU B 1 10 ? -12.000 0.442   -4.518  1.00 18.84 ? 10   LEU B CD1 1 
ATOM   845  C CD2 . LEU B 1 10 ? -10.077 2.038   -4.499  1.00 18.46 ? 10   LEU B CD2 1 
ATOM   846  N N   . VAL B 1 11 ? -11.939 5.346   -1.268  1.00 15.24 ? 11   VAL B N   1 
ATOM   847  C CA  . VAL B 1 11 ? -12.749 6.469   -0.794  1.00 15.30 ? 11   VAL B CA  1 
ATOM   848  C C   . VAL B 1 11 ? -12.838 7.510   -1.898  1.00 15.73 ? 11   VAL B C   1 
ATOM   849  O O   . VAL B 1 11 ? -12.185 7.393   -2.933  1.00 15.14 ? 11   VAL B O   1 
ATOM   850  C CB  . VAL B 1 11 ? -12.134 7.177   0.440   1.00 15.44 ? 11   VAL B CB  1 
ATOM   851  C CG1 . VAL B 1 11 ? -11.873 6.171   1.559   1.00 14.03 ? 11   VAL B CG1 1 
ATOM   852  C CG2 . VAL B 1 11 ? -10.864 7.922   0.037   1.00 14.56 ? 11   VAL B CG2 1 
ATOM   853  N N   . THR B 1 12 ? -13.655 8.528   -1.666  1.00 15.69 ? 12   THR B N   1 
ATOM   854  C CA  . THR B 1 12 ? -13.795 9.588   -2.636  1.00 15.98 ? 12   THR B CA  1 
ATOM   855  C C   . THR B 1 12 ? -12.932 10.765  -2.229  1.00 16.09 ? 12   THR B C   1 
ATOM   856  O O   . THR B 1 12 ? -12.901 11.148  -1.060  1.00 16.85 ? 12   THR B O   1 
ATOM   857  C CB  . THR B 1 12 ? -15.246 10.077  -2.736  1.00 16.32 ? 12   THR B CB  1 
ATOM   858  O OG1 . THR B 1 12 ? -16.079 9.005   -3.182  1.00 17.64 ? 12   THR B OG1 1 
ATOM   859  C CG2 . THR B 1 12 ? -15.343 11.239  -3.729  1.00 17.18 ? 12   THR B CG2 1 
ATOM   860  N N   . ILE B 1 13 ? -12.226 11.330  -3.202  1.00 15.04 ? 13   ILE B N   1 
ATOM   861  C CA  . ILE B 1 13 ? -11.383 12.486  -2.955  1.00 15.15 ? 13   ILE B CA  1 
ATOM   862  C C   . ILE B 1 13 ? -11.855 13.584  -3.903  1.00 15.44 ? 13   ILE B C   1 
ATOM   863  O O   . ILE B 1 13 ? -12.569 13.307  -4.867  1.00 14.92 ? 13   ILE B O   1 
ATOM   864  C CB  . ILE B 1 13 ? -9.893  12.183  -3.255  1.00 14.75 ? 13   ILE B CB  1 
ATOM   865  C CG1 . ILE B 1 13 ? -9.722  11.817  -4.732  1.00 14.61 ? 13   ILE B CG1 1 
ATOM   866  C CG2 . ILE B 1 13 ? -9.398  11.039  -2.358  1.00 13.89 ? 13   ILE B CG2 1 
ATOM   867  C CD1 . ILE B 1 13 ? -8.266  11.769  -5.200  1.00 15.48 ? 13   ILE B CD1 1 
ATOM   868  N N   . LYS B 1 14 ? -11.478 14.823  -3.623  1.00 15.81 ? 14   LYS B N   1 
ATOM   869  C CA  . LYS B 1 14 ? -11.843 15.922  -4.506  1.00 16.99 ? 14   LYS B CA  1 
ATOM   870  C C   . LYS B 1 14 ? -10.598 16.752  -4.751  1.00 16.93 ? 14   LYS B C   1 
ATOM   871  O O   . LYS B 1 14 ? -9.899  17.147  -3.817  1.00 14.38 ? 14   LYS B O   1 
ATOM   872  C CB  . LYS B 1 14 ? -12.937 16.810  -3.908  1.00 17.69 ? 14   LYS B CB  1 
ATOM   873  C CG  . LYS B 1 14 ? -13.452 17.830  -4.914  1.00 20.20 ? 14   LYS B CG  1 
ATOM   874  C CD  . LYS B 1 14 ? -14.675 18.599  -4.430  1.00 21.67 ? 14   LYS B CD  1 
ATOM   875  C CE  . LYS B 1 14 ? -14.316 19.612  -3.359  1.00 22.68 ? 14   LYS B CE  1 
ATOM   876  N NZ  . LYS B 1 14 ? -15.503 20.453  -2.996  1.00 23.97 ? 14   LYS B NZ  1 
ATOM   877  N N   . ILE B 1 15 ? -10.318 16.995  -6.021  1.00 17.81 ? 15   ILE B N   1 
ATOM   878  C CA  . ILE B 1 15 ? -9.151  17.773  -6.398  1.00 19.99 ? 15   ILE B CA  1 
ATOM   879  C C   . ILE B 1 15 ? -9.497  18.517  -7.686  1.00 20.74 ? 15   ILE B C   1 
ATOM   880  O O   . ILE B 1 15 ? -10.114 17.957  -8.585  1.00 19.16 ? 15   ILE B O   1 
ATOM   881  C CB  . ILE B 1 15 ? -7.927  16.840  -6.586  1.00 20.03 ? 15   ILE B CB  1 
ATOM   882  C CG1 . ILE B 1 15 ? -6.679  17.658  -6.936  1.00 20.22 ? 15   ILE B CG1 1 
ATOM   883  C CG2 . ILE B 1 15 ? -8.229  15.798  -7.644  1.00 20.04 ? 15   ILE B CG2 1 
ATOM   884  C CD1 . ILE B 1 15 ? -5.386  16.833  -6.899  1.00 21.28 ? 15   ILE B CD1 1 
ATOM   885  N N   . GLY B 1 16 ? -9.115  19.787  -7.759  1.00 22.15 ? 16   GLY B N   1 
ATOM   886  C CA  . GLY B 1 16 ? -9.431  20.569  -8.937  1.00 24.41 ? 16   GLY B CA  1 
ATOM   887  C C   . GLY B 1 16 ? -10.940 20.652  -9.107  1.00 25.29 ? 16   GLY B C   1 
ATOM   888  O O   . GLY B 1 16 ? -11.443 20.744  -10.223 1.00 25.17 ? 16   GLY B O   1 
ATOM   889  N N   . GLY B 1 17 ? -11.661 20.606  -7.992  1.00 25.52 ? 17   GLY B N   1 
ATOM   890  C CA  . GLY B 1 17 ? -13.112 20.684  -8.031  1.00 27.03 ? 17   GLY B CA  1 
ATOM   891  C C   . GLY B 1 17 ? -13.806 19.440  -8.563  1.00 27.26 ? 17   GLY B C   1 
ATOM   892  O O   . GLY B 1 17 ? -15.008 19.459  -8.820  1.00 28.44 ? 17   GLY B O   1 
ATOM   893  N N   . GLN B 1 18 ? -13.061 18.354  -8.724  1.00 27.16 ? 18   GLN B N   1 
ATOM   894  C CA  . GLN B 1 18 ? -13.638 17.121  -9.243  1.00 27.30 ? 18   GLN B CA  1 
ATOM   895  C C   . GLN B 1 18 ? -13.519 15.961  -8.275  1.00 26.05 ? 18   GLN B C   1 
ATOM   896  O O   . GLN B 1 18 ? -12.548 15.867  -7.521  1.00 23.47 ? 18   GLN B O   1 
ATOM   897  C CB  . GLN B 1 18 ? -12.965 16.734  -10.558 1.00 29.73 ? 18   GLN B CB  1 
ATOM   898  C CG  . GLN B 1 18 ? -13.273 17.673  -11.702 1.00 33.33 ? 18   GLN B CG  1 
ATOM   899  C CD  . GLN B 1 18 ? -12.464 17.346  -12.932 1.00 35.45 ? 18   GLN B CD  1 
ATOM   900  O OE1 . GLN B 1 18 ? -11.240 17.494  -12.939 1.00 36.84 ? 18   GLN B OE1 1 
ATOM   901  N NE2 . GLN B 1 18 ? -13.139 16.889  -13.982 1.00 36.54 ? 18   GLN B NE2 1 
ATOM   902  N N   . LEU B 1 19 ? -14.509 15.073  -8.310  1.00 23.93 ? 19   LEU B N   1 
ATOM   903  C CA  . LEU B 1 19 ? -14.508 13.904  -7.442  1.00 22.63 ? 19   LEU B CA  1 
ATOM   904  C C   . LEU B 1 19 ? -13.846 12.733  -8.147  1.00 22.03 ? 19   LEU B C   1 
ATOM   905  O O   . LEU B 1 19 ? -14.075 12.497  -9.333  1.00 22.67 ? 19   LEU B O   1 
ATOM   906  C CB  . LEU B 1 19 ? -15.935 13.508  -7.055  1.00 21.98 ? 19   LEU B CB  1 
ATOM   907  C CG  . LEU B 1 19 ? -16.763 14.508  -6.247  1.00 21.69 ? 19   LEU B CG  1 
ATOM   908  C CD1 . LEU B 1 19 ? -18.089 13.868  -5.871  1.00 22.38 ? 19   LEU B CD1 1 
ATOM   909  C CD2 . LEU B 1 19 ? -16.007 14.921  -5.002  1.00 21.81 ? 19   LEU B CD2 1 
ATOM   910  N N   . LYS B 1 20 ? -13.019 12.005  -7.405  1.00 21.27 ? 20   LYS B N   1 
ATOM   911  C CA  . LYS B 1 20 ? -12.330 10.843  -7.933  1.00 20.47 ? 20   LYS B CA  1 
ATOM   912  C C   . LYS B 1 20 ? -12.293 9.792   -6.834  1.00 20.75 ? 20   LYS B C   1 
ATOM   913  O O   . LYS B 1 20 ? -12.404 10.114  -5.645  1.00 17.95 ? 20   LYS B O   1 
ATOM   914  C CB  . LYS B 1 20 ? -10.895 11.191  -8.343  1.00 22.17 ? 20   LYS B CB  1 
ATOM   915  C CG  . LYS B 1 20 ? -10.746 12.157  -9.522  1.00 23.22 ? 20   LYS B CG  1 
ATOM   916  C CD  . LYS B 1 20 ? -9.281  12.593  -9.650  1.00 24.99 ? 20   LYS B CD  1 
ATOM   917  C CE  . LYS B 1 20 ? -9.058  13.639  -10.737 1.00 25.30 ? 20   LYS B CE  1 
ATOM   918  N NZ  . LYS B 1 20 ? -9.227  13.059  -12.097 1.00 26.09 ? 20   LYS B NZ  1 
ATOM   919  N N   . GLU B 1 21 ? -12.139 8.538   -7.246  1.00 19.34 ? 21   GLU B N   1 
ATOM   920  C CA  . GLU B 1 21 ? -12.050 7.413   -6.327  1.00 19.40 ? 21   GLU B CA  1 
ATOM   921  C C   . GLU B 1 21 ? -10.563 7.129   -6.126  1.00 17.67 ? 21   GLU B C   1 
ATOM   922  O O   . GLU B 1 21 ? -9.800  7.082   -7.094  1.00 15.54 ? 21   GLU B O   1 
ATOM   923  C CB  . GLU B 1 21 ? -12.728 6.185   -6.936  1.00 22.17 ? 21   GLU B CB  1 
ATOM   924  C CG  . GLU B 1 21 ? -12.619 4.930   -6.097  1.00 28.02 ? 21   GLU B CG  1 
ATOM   925  C CD  . GLU B 1 21 ? -13.388 3.763   -6.697  1.00 30.57 ? 21   GLU B CD  1 
ATOM   926  O OE1 . GLU B 1 21 ? -12.858 3.098   -7.616  1.00 30.84 ? 21   GLU B OE1 1 
ATOM   927  O OE2 . GLU B 1 21 ? -14.530 3.523   -6.250  1.00 35.28 ? 21   GLU B OE2 1 
ATOM   928  N N   . ALA B 1 22 ? -10.147 6.947   -4.876  1.00 15.84 ? 22   ALA B N   1 
ATOM   929  C CA  . ALA B 1 22 ? -8.744  6.676   -4.605  1.00 13.34 ? 22   ALA B CA  1 
ATOM   930  C C   . ALA B 1 22 ? -8.560  5.632   -3.515  1.00 12.94 ? 22   ALA B C   1 
ATOM   931  O O   . ALA B 1 22 ? -9.470  5.356   -2.725  1.00 13.51 ? 22   ALA B O   1 
ATOM   932  C CB  . ALA B 1 22 ? -8.011  7.969   -4.238  1.00 13.93 ? 22   ALA B CB  1 
ATOM   933  N N   . LEU B 1 23 ? -7.358  5.079   -3.475  1.00 12.91 ? 23   LEU B N   1 
ATOM   934  C CA  . LEU B 1 23 ? -6.995  4.025   -2.540  1.00 12.54 ? 23   LEU B CA  1 
ATOM   935  C C   . LEU B 1 23 ? -6.156  4.514   -1.364  1.00 12.20 ? 23   LEU B C   1 
ATOM   936  O O   . LEU B 1 23 ? -5.082  5.088   -1.560  1.00 10.39 ? 23   LEU B O   1 
ATOM   937  C CB  . LEU B 1 23 ? -6.209  2.962   -3.309  1.00 13.63 ? 23   LEU B CB  1 
ATOM   938  C CG  . LEU B 1 23 ? -5.829  1.650   -2.637  1.00 14.12 ? 23   LEU B CG  1 
ATOM   939  C CD1 . LEU B 1 23 ? -7.081  0.859   -2.337  1.00 15.10 ? 23   LEU B CD1 1 
ATOM   940  C CD2 . LEU B 1 23 ? -4.901  0.868   -3.557  1.00 14.33 ? 23   LEU B CD2 1 
ATOM   941  N N   . LEU B 1 24 ? -6.635  4.296   -0.141  1.00 12.34 ? 24   LEU B N   1 
ATOM   942  C CA  . LEU B 1 24 ? -5.849  4.694   1.024   1.00 11.90 ? 24   LEU B CA  1 
ATOM   943  C C   . LEU B 1 24 ? -4.774  3.608   1.103   1.00 11.86 ? 24   LEU B C   1 
ATOM   944  O O   . LEU B 1 24 ? -5.057  2.441   1.386   1.00 14.88 ? 24   LEU B O   1 
ATOM   945  C CB  . LEU B 1 24 ? -6.721  4.736   2.277   1.00 11.51 ? 24   LEU B CB  1 
ATOM   946  C CG  . LEU B 1 24 ? -7.899  5.718   2.196   1.00 12.08 ? 24   LEU B CG  1 
ATOM   947  C CD1 . LEU B 1 24 ? -8.632  5.735   3.540   1.00 13.02 ? 24   LEU B CD1 1 
ATOM   948  C CD2 . LEU B 1 24 ? -7.393  7.126   1.839   1.00 11.51 ? 24   LEU B CD2 1 
ATOM   949  N N   . ASP B 1 25 ? -3.535  4.002   0.851   1.00 11.94 ? 25   ASP B N   1 
ATOM   950  C CA  . ASP B 1 25 ? -2.430  3.055   0.779   1.00 11.70 ? 25   ASP B CA  1 
ATOM   951  C C   . ASP B 1 25 ? -1.245  3.350   1.697   1.00 11.41 ? 25   ASP B C   1 
ATOM   952  O O   . ASP B 1 25 ? -0.401  4.193   1.380   1.00 9.84  ? 25   ASP B O   1 
ATOM   953  C CB  . ASP B 1 25 ? -1.976  3.018   -0.677  1.00 13.41 ? 25   ASP B CB  1 
ATOM   954  C CG  . ASP B 1 25 ? -0.957  1.944   -0.956  1.00 13.39 ? 25   ASP B CG  1 
ATOM   955  O OD1 . ASP B 1 25 ? -0.534  1.251   -0.014  1.00 13.99 ? 25   ASP B OD1 1 
ATOM   956  O OD2 . ASP B 1 25 ? -0.587  1.803   -2.136  1.00 17.96 ? 25   ASP B OD2 1 
ATOM   957  N N   . THR B 1 26 ? -1.174  2.622   2.811   1.00 11.02 ? 26   THR B N   1 
ATOM   958  C CA  . THR B 1 26 ? -0.116  2.787   3.797   1.00 11.25 ? 26   THR B CA  1 
ATOM   959  C C   . THR B 1 26 ? 1.239   2.299   3.270   1.00 10.82 ? 26   THR B C   1 
ATOM   960  O O   . THR B 1 26 ? 2.295   2.659   3.809   1.00 10.10 ? 26   THR B O   1 
ATOM   961  C CB  . THR B 1 26 ? -0.454  2.035   5.104   1.00 10.42 ? 26   THR B CB  1 
ATOM   962  O OG1 . THR B 1 26 ? -0.622  0.630   4.837   1.00 10.78 ? 26   THR B OG1 1 
ATOM   963  C CG2 . THR B 1 26 ? -1.732  2.594   5.716   1.00 10.72 ? 26   THR B CG2 1 
ATOM   964  N N   . GLY B 1 27 ? 1.201   1.496   2.213   1.00 10.93 ? 27   GLY B N   1 
ATOM   965  C CA  . GLY B 1 27 ? 2.425   0.992   1.611   1.00 11.68 ? 27   GLY B CA  1 
ATOM   966  C C   . GLY B 1 27 ? 3.023   1.970   0.603   1.00 11.92 ? 27   GLY B C   1 
ATOM   967  O O   . GLY B 1 27 ? 4.083   1.725   0.046   1.00 13.66 ? 27   GLY B O   1 
ATOM   968  N N   . ALA B 1 28 ? 2.338   3.084   0.364   1.00 12.00 ? 28   ALA B N   1 
ATOM   969  C CA  . ALA B 1 28 ? 2.812   4.090   -0.581  1.00 11.64 ? 28   ALA B CA  1 
ATOM   970  C C   . ALA B 1 28 ? 3.389   5.310   0.151   1.00 12.10 ? 28   ALA B C   1 
ATOM   971  O O   . ALA B 1 28 ? 2.724   5.889   1.007   1.00 10.71 ? 28   ALA B O   1 
ATOM   972  C CB  . ALA B 1 28 ? 1.655   4.518   -1.489  1.00 12.63 ? 28   ALA B CB  1 
ATOM   973  N N   . ASP B 1 29 ? 4.619   5.706   -0.174  1.00 11.43 ? 29   ASP B N   1 
ATOM   974  C CA  . ASP B 1 29 ? 5.206   6.872   0.489   1.00 12.29 ? 29   ASP B CA  1 
ATOM   975  C C   . ASP B 1 29 ? 4.506   8.150   0.034   1.00 12.83 ? 29   ASP B C   1 
ATOM   976  O O   . ASP B 1 29 ? 4.293   9.085   0.823   1.00 11.45 ? 29   ASP B O   1 
ATOM   977  C CB  . ASP B 1 29 ? 6.701   7.038   0.155   1.00 13.97 ? 29   ASP B CB  1 
ATOM   978  C CG  . ASP B 1 29 ? 7.567   5.884   0.638   1.00 14.83 ? 29   ASP B CG  1 
ATOM   979  O OD1 . ASP B 1 29 ? 7.161   5.140   1.551   1.00 13.58 ? 29   ASP B OD1 1 
ATOM   980  O OD2 . ASP B 1 29 ? 8.688   5.744   0.099   1.00 17.64 ? 29   ASP B OD2 1 
ATOM   981  N N   . ASP B 1 30 ? 4.143   8.177   -1.245  1.00 11.93 ? 30   ASP B N   1 
ATOM   982  C CA  . ASP B 1 30 ? 3.540   9.350   -1.852  1.00 11.97 ? 30   ASP B CA  1 
ATOM   983  C C   . ASP B 1 30 ? 2.150   9.132   -2.436  1.00 12.23 ? 30   ASP B C   1 
ATOM   984  O O   . ASP B 1 30 ? 1.693   8.000   -2.627  1.00 16.50 ? 30   ASP B O   1 
ATOM   985  C CB  . ASP B 1 30 ? 4.460   9.846   -2.970  1.00 13.67 ? 30   ASP B CB  1 
ATOM   986  C CG  . ASP B 1 30 ? 5.929   9.723   -2.614  1.00 14.67 ? 30   ASP B CG  1 
ATOM   987  O OD1 . ASP B 1 30 ? 6.424   10.529  -1.805  1.00 18.44 ? 30   ASP B OD1 1 
ATOM   988  O OD2 . ASP B 1 30 ? 6.587   8.802   -3.136  1.00 14.51 ? 30   ASP B OD2 1 
ATOM   989  N N   . THR B 1 31 ? 1.497   10.245  -2.733  1.00 10.98 ? 31   THR B N   1 
ATOM   990  C CA  . THR B 1 31 ? 0.179   10.243  -3.333  1.00 10.17 ? 31   THR B CA  1 
ATOM   991  C C   . THR B 1 31 ? 0.415   10.382  -4.835  1.00 11.76 ? 31   THR B C   1 
ATOM   992  O O   . THR B 1 31 ? 1.110   11.295  -5.277  1.00 13.30 ? 31   THR B O   1 
ATOM   993  C CB  . THR B 1 31 ? -0.648  11.427  -2.810  1.00 9.25  ? 31   THR B CB  1 
ATOM   994  O OG1 . THR B 1 31 ? -1.003  11.180  -1.441  1.00 6.65  ? 31   THR B OG1 1 
ATOM   995  C CG2 . THR B 1 31 ? -1.892  11.618  -3.639  1.00 8.60  ? 31   THR B CG2 1 
ATOM   996  N N   . VAL B 1 32 ? -0.138  9.457   -5.612  1.00 12.59 ? 32   VAL B N   1 
ATOM   997  C CA  . VAL B 1 32 ? 0.038   9.476   -7.062  1.00 12.40 ? 32   VAL B CA  1 
ATOM   998  C C   . VAL B 1 32 ? -1.331  9.285   -7.689  1.00 12.38 ? 32   VAL B C   1 
ATOM   999  O O   . VAL B 1 32 ? -2.050  8.351   -7.340  1.00 11.41 ? 32   VAL B O   1 
ATOM   1000 C CB  . VAL B 1 32 ? 0.941   8.307   -7.521  1.00 13.40 ? 32   VAL B CB  1 
ATOM   1001 C CG1 . VAL B 1 32 ? 1.465   8.572   -8.933  1.00 12.13 ? 32   VAL B CG1 1 
ATOM   1002 C CG2 . VAL B 1 32 ? 2.077   8.101   -6.518  1.00 13.92 ? 32   VAL B CG2 1 
ATOM   1003 N N   . LEU B 1 33 ? -1.679  10.157  -8.621  1.00 12.14 ? 33   LEU B N   1 
ATOM   1004 C CA  . LEU B 1 33 ? -2.970  10.081  -9.275  1.00 13.23 ? 33   LEU B CA  1 
ATOM   1005 C C   . LEU B 1 33 ? -2.807  9.848   -10.766 1.00 14.17 ? 33   LEU B C   1 
ATOM   1006 O O   . LEU B 1 33 ? -1.773  10.160  -11.353 1.00 14.39 ? 33   LEU B O   1 
ATOM   1007 C CB  . LEU B 1 33 ? -3.742  11.384  -9.056  1.00 13.77 ? 33   LEU B CB  1 
ATOM   1008 C CG  . LEU B 1 33 ? -3.947  11.866  -7.616  1.00 13.93 ? 33   LEU B CG  1 
ATOM   1009 C CD1 . LEU B 1 33 ? -4.723  13.177  -7.625  1.00 14.25 ? 33   LEU B CD1 1 
ATOM   1010 C CD2 . LEU B 1 33 ? -4.708  10.821  -6.827  1.00 14.27 ? 33   LEU B CD2 1 
ATOM   1011 N N   . GLU B 1 34 ? -3.842  9.292   -11.371 1.00 15.53 ? 34   GLU B N   1 
ATOM   1012 C CA  . GLU B 1 34 ? -3.851  9.040   -12.797 1.00 17.06 ? 34   GLU B CA  1 
ATOM   1013 C C   . GLU B 1 34 ? -3.787  10.382  -13.522 1.00 18.64 ? 34   GLU B C   1 
ATOM   1014 O O   . GLU B 1 34 ? -4.140  11.425  -12.957 1.00 13.91 ? 34   GLU B O   1 
ATOM   1015 C CB  . GLU B 1 34 ? -5.126  8.279   -13.159 1.00 17.72 ? 34   GLU B CB  1 
ATOM   1016 C CG  . GLU B 1 34 ? -5.140  6.853   -12.630 1.00 19.62 ? 34   GLU B CG  1 
ATOM   1017 C CD  . GLU B 1 34 ? -6.521  6.233   -12.653 1.00 20.97 ? 34   GLU B CD  1 
ATOM   1018 O OE1 . GLU B 1 34 ? -7.301  6.565   -13.562 1.00 19.98 ? 34   GLU B OE1 1 
ATOM   1019 O OE2 . GLU B 1 34 ? -6.822  5.402   -11.770 1.00 25.60 ? 34   GLU B OE2 1 
ATOM   1020 N N   . GLU B 1 35 ? -3.330  10.347  -14.771 1.00 21.44 ? 35   GLU B N   1 
ATOM   1021 C CA  . GLU B 1 35 ? -3.194  11.541  -15.591 1.00 24.33 ? 35   GLU B CA  1 
ATOM   1022 C C   . GLU B 1 35 ? -4.357  12.518  -15.424 1.00 26.14 ? 35   GLU B C   1 
ATOM   1023 O O   . GLU B 1 35 ? -5.534  12.137  -15.465 1.00 27.07 ? 35   GLU B O   1 
ATOM   1024 C CB  . GLU B 1 35 ? -3.053  11.140  -17.061 1.00 25.73 ? 35   GLU B CB  1 
ATOM   1025 C CG  . GLU B 1 35 ? -2.867  12.302  -18.010 1.00 27.63 ? 35   GLU B CG  1 
ATOM   1026 C CD  . GLU B 1 35 ? -1.678  13.162  -17.645 1.00 28.64 ? 35   GLU B CD  1 
ATOM   1027 O OE1 . GLU B 1 35 ? -0.582  12.607  -17.421 1.00 29.15 ? 35   GLU B OE1 1 
ATOM   1028 O OE2 . GLU B 1 35 ? -1.839  14.394  -17.589 1.00 27.91 ? 35   GLU B OE2 1 
ATOM   1029 N N   . MET B 1 36 ? -4.004  13.783  -15.233 1.00 27.07 ? 36   MET B N   1 
ATOM   1030 C CA  . MET B 1 36 ? -4.969  14.856  -15.052 1.00 28.89 ? 36   MET B CA  1 
ATOM   1031 C C   . MET B 1 36 ? -4.195  16.172  -15.151 1.00 30.57 ? 36   MET B C   1 
ATOM   1032 O O   . MET B 1 36 ? -2.978  16.170  -15.322 1.00 29.87 ? 36   MET B O   1 
ATOM   1033 C CB  . MET B 1 36 ? -5.625  14.752  -13.670 1.00 29.40 ? 36   MET B CB  1 
ATOM   1034 C CG  . MET B 1 36 ? -4.656  15.002  -12.511 1.00 30.02 ? 36   MET B CG  1 
ATOM   1035 S SD  . MET B 1 36 ? -5.441  15.010  -10.878 1.00 27.83 ? 36   MET B SD  1 
ATOM   1036 C CE  . MET B 1 36 ? -6.377  16.553  -10.957 1.00 30.24 ? 36   MET B CE  1 
ATOM   1037 N N   . SER B 1 37 ? -4.898  17.291  -15.019 1.00 31.65 ? 37   SER B N   1 
ATOM   1038 C CA  . SER B 1 37 ? -4.254  18.592  -15.094 1.00 33.24 ? 37   SER B CA  1 
ATOM   1039 C C   . SER B 1 37 ? -4.202  19.304  -13.746 1.00 33.08 ? 37   SER B C   1 
ATOM   1040 O O   . SER B 1 37 ? -5.198  19.369  -13.029 1.00 33.85 ? 37   SER B O   1 
ATOM   1041 C CB  . SER B 1 37 ? -4.979  19.475  -16.117 1.00 34.24 ? 37   SER B CB  1 
ATOM   1042 O OG  . SER B 1 37 ? -4.862  18.928  -17.424 1.00 34.73 ? 37   SER B OG  1 
ATOM   1043 N N   . LEU B 1 38 ? -3.028  19.826  -13.407 1.00 32.50 ? 38   LEU B N   1 
ATOM   1044 C CA  . LEU B 1 38 ? -2.831  20.565  -12.165 1.00 31.72 ? 38   LEU B CA  1 
ATOM   1045 C C   . LEU B 1 38 ? -2.106  21.872  -12.488 1.00 31.32 ? 38   LEU B C   1 
ATOM   1046 O O   . LEU B 1 38 ? -1.361  21.954  -13.463 1.00 31.02 ? 38   LEU B O   1 
ATOM   1047 C CB  . LEU B 1 38 ? -2.016  19.739  -11.163 1.00 31.13 ? 38   LEU B CB  1 
ATOM   1048 C CG  . LEU B 1 38 ? -2.675  18.459  -10.636 1.00 31.04 ? 38   LEU B CG  1 
ATOM   1049 C CD1 . LEU B 1 38 ? -1.767  17.803  -9.601  1.00 30.71 ? 38   LEU B CD1 1 
ATOM   1050 C CD2 . LEU B 1 38 ? -4.027  18.785  -10.016 1.00 30.21 ? 38   LEU B CD2 1 
ATOM   1051 N N   . PRO B 1 39 ? -2.324  22.915  -11.675 1.00 30.73 ? 39   PRO B N   1 
ATOM   1052 C CA  . PRO B 1 39 ? -1.697  24.225  -11.877 1.00 30.03 ? 39   PRO B CA  1 
ATOM   1053 C C   . PRO B 1 39 ? -0.236  24.313  -11.435 1.00 28.65 ? 39   PRO B C   1 
ATOM   1054 O O   . PRO B 1 39 ? 0.263   23.434  -10.734 1.00 28.99 ? 39   PRO B O   1 
ATOM   1055 C CB  . PRO B 1 39 ? -2.593  25.150  -11.064 1.00 30.54 ? 39   PRO B CB  1 
ATOM   1056 C CG  . PRO B 1 39 ? -2.932  24.295  -9.890  1.00 31.13 ? 39   PRO B CG  1 
ATOM   1057 C CD  . PRO B 1 39 ? -3.262  22.958  -10.539 1.00 31.19 ? 39   PRO B CD  1 
ATOM   1058 N N   . GLY B 1 40 ? 0.438   25.379  -11.864 1.00 27.07 ? 40   GLY B N   1 
ATOM   1059 C CA  . GLY B 1 40 ? 1.825   25.605  -11.489 1.00 25.31 ? 40   GLY B CA  1 
ATOM   1060 C C   . GLY B 1 40 ? 2.864   24.768  -12.218 1.00 23.64 ? 40   GLY B C   1 
ATOM   1061 O O   . GLY B 1 40 ? 2.550   24.026  -13.146 1.00 21.07 ? 40   GLY B O   1 
ATOM   1062 N N   . ARG B 1 41 ? 4.118   24.907  -11.806 1.00 21.83 ? 41   ARG B N   1 
ATOM   1063 C CA  . ARG B 1 41 ? 5.195   24.145  -12.423 1.00 20.91 ? 41   ARG B CA  1 
ATOM   1064 C C   . ARG B 1 41 ? 5.311   22.813  -11.708 1.00 19.74 ? 41   ARG B C   1 
ATOM   1065 O O   . ARG B 1 41 ? 4.828   22.655  -10.589 1.00 21.61 ? 41   ARG B O   1 
ATOM   1066 C CB  . ARG B 1 41 ? 6.522   24.900  -12.318 1.00 21.26 ? 41   ARG B CB  1 
ATOM   1067 C CG  . ARG B 1 41 ? 6.587   26.155  -13.185 1.00 20.59 ? 41   ARG B CG  1 
ATOM   1068 C CD  . ARG B 1 41 ? 7.877   26.898  -12.946 1.00 20.91 ? 41   ARG B CD  1 
ATOM   1069 N NE  . ARG B 1 41 ? 9.051   26.082  -13.257 1.00 19.50 ? 41   ARG B NE  1 
ATOM   1070 C CZ  . ARG B 1 41 ? 9.501   25.849  -14.486 1.00 19.81 ? 41   ARG B CZ  1 
ATOM   1071 N NH1 . ARG B 1 41 ? 8.876   26.369  -15.539 1.00 18.78 ? 41   ARG B NH1 1 
ATOM   1072 N NH2 . ARG B 1 41 ? 10.590  25.107  -14.660 1.00 18.06 ? 41   ARG B NH2 1 
ATOM   1073 N N   . TRP B 1 42 ? 5.940   21.847  -12.363 1.00 18.68 ? 42   TRP B N   1 
ATOM   1074 C CA  . TRP B 1 42 ? 6.115   20.550  -11.752 1.00 17.60 ? 42   TRP B CA  1 
ATOM   1075 C C   . TRP B 1 42 ? 7.574   20.148  -11.815 1.00 17.89 ? 42   TRP B C   1 
ATOM   1076 O O   . TRP B 1 42 ? 8.336   20.693  -12.612 1.00 17.06 ? 42   TRP B O   1 
ATOM   1077 C CB  . TRP B 1 42 ? 5.244   19.505  -12.443 1.00 16.75 ? 42   TRP B CB  1 
ATOM   1078 C CG  . TRP B 1 42 ? 5.480   19.342  -13.921 1.00 15.19 ? 42   TRP B CG  1 
ATOM   1079 C CD1 . TRP B 1 42 ? 4.914   20.066  -14.936 1.00 15.19 ? 42   TRP B CD1 1 
ATOM   1080 C CD2 . TRP B 1 42 ? 6.296   18.349  -14.546 1.00 14.56 ? 42   TRP B CD2 1 
ATOM   1081 N NE1 . TRP B 1 42 ? 5.318   19.574  -16.154 1.00 14.25 ? 42   TRP B NE1 1 
ATOM   1082 C CE2 . TRP B 1 42 ? 6.172   18.523  -15.944 1.00 15.03 ? 42   TRP B CE2 1 
ATOM   1083 C CE3 . TRP B 1 42 ? 7.123   17.327  -14.061 1.00 14.51 ? 42   TRP B CE3 1 
ATOM   1084 C CZ2 . TRP B 1 42 ? 6.842   17.709  -16.863 1.00 14.36 ? 42   TRP B CZ2 1 
ATOM   1085 C CZ3 . TRP B 1 42 ? 7.786   16.521  -14.970 1.00 14.41 ? 42   TRP B CZ3 1 
ATOM   1086 C CH2 . TRP B 1 42 ? 7.642   16.715  -16.357 1.00 14.56 ? 42   TRP B CH2 1 
ATOM   1087 N N   . LYS B 1 43 ? 7.955   19.209  -10.954 1.00 18.90 ? 43   LYS B N   1 
ATOM   1088 C CA  . LYS B 1 43 ? 9.324   18.714  -10.895 1.00 19.81 ? 43   LYS B CA  1 
ATOM   1089 C C   . LYS B 1 43 ? 9.317   17.232  -11.207 1.00 19.31 ? 43   LYS B C   1 
ATOM   1090 O O   . LYS B 1 43 ? 8.291   16.569  -11.061 1.00 15.58 ? 43   LYS B O   1 
ATOM   1091 C CB  . LYS B 1 43 ? 9.915   18.914  -9.495  1.00 21.85 ? 43   LYS B CB  1 
ATOM   1092 C CG  . LYS B 1 43 ? 10.266  20.347  -9.134  1.00 26.12 ? 43   LYS B CG  1 
ATOM   1093 C CD  . LYS B 1 43 ? 10.816  20.404  -7.709  1.00 29.08 ? 43   LYS B CD  1 
ATOM   1094 C CE  . LYS B 1 43 ? 11.274  21.808  -7.321  1.00 31.55 ? 43   LYS B CE  1 
ATOM   1095 N NZ  . LYS B 1 43 ? 10.152  22.789  -7.302  1.00 32.78 ? 43   LYS B NZ  1 
ATOM   1096 N N   . PRO B 1 44 ? 10.471  16.690  -11.631 1.00 19.12 ? 44   PRO B N   1 
ATOM   1097 C CA  . PRO B 1 44 ? 10.621  15.274  -11.969 1.00 19.40 ? 44   PRO B CA  1 
ATOM   1098 C C   . PRO B 1 44 ? 10.699  14.423  -10.712 1.00 20.21 ? 44   PRO B C   1 
ATOM   1099 O O   . PRO B 1 44 ? 11.243  14.850  -9.694  1.00 20.81 ? 44   PRO B O   1 
ATOM   1100 C CB  . PRO B 1 44 ? 11.918  15.248  -12.762 1.00 19.19 ? 44   PRO B CB  1 
ATOM   1101 C CG  . PRO B 1 44 ? 12.729  16.298  -12.065 1.00 18.49 ? 44   PRO B CG  1 
ATOM   1102 C CD  . PRO B 1 44 ? 11.730  17.419  -11.872 1.00 18.88 ? 44   PRO B CD  1 
ATOM   1103 N N   . LYS B 1 45 ? 10.144  13.219  -10.794 1.00 20.15 ? 45   LYS B N   1 
ATOM   1104 C CA  . LYS B 1 45 ? 10.137  12.303  -9.668  1.00 21.09 ? 45   LYS B CA  1 
ATOM   1105 C C   . LYS B 1 45 ? 9.969   10.881  -10.175 1.00 21.23 ? 45   LYS B C   1 
ATOM   1106 O O   . LYS B 1 45 ? 9.221   10.642  -11.116 1.00 20.52 ? 45   LYS B O   1 
ATOM   1107 C CB  . LYS B 1 45 ? 8.982   12.666  -8.725  1.00 21.29 ? 45   LYS B CB  1 
ATOM   1108 C CG  . LYS B 1 45 ? 8.720   11.676  -7.595  1.00 22.70 ? 45   LYS B CG  1 
ATOM   1109 C CD  . LYS B 1 45 ? 9.792   11.741  -6.522  1.00 22.58 ? 45   LYS B CD  1 
ATOM   1110 C CE  . LYS B 1 45 ? 9.308   11.083  -5.239  1.00 23.03 ? 45   LYS B CE  1 
ATOM   1111 N NZ  . LYS B 1 45 ? 10.251  11.309  -4.115  1.00 23.08 ? 45   LYS B NZ  1 
ATOM   1112 N N   . MET B 1 46 ? 10.681  9.944   -9.559  1.00 21.84 ? 46   MET B N   1 
ATOM   1113 C CA  . MET B 1 46 ? 10.570  8.543   -9.934  1.00 22.75 ? 46   MET B CA  1 
ATOM   1114 C C   . MET B 1 46 ? 10.074  7.772   -8.723  1.00 22.47 ? 46   MET B C   1 
ATOM   1115 O O   . MET B 1 46 ? 10.557  7.982   -7.609  1.00 22.03 ? 46   MET B O   1 
ATOM   1116 C CB  . MET B 1 46 ? 11.920  7.970   -10.357 1.00 26.34 ? 46   MET B CB  1 
ATOM   1117 C CG  . MET B 1 46 ? 12.386  8.406   -11.728 1.00 30.28 ? 46   MET B CG  1 
ATOM   1118 S SD  . MET B 1 46 ? 13.825  7.469   -12.226 1.00 34.88 ? 46   MET B SD  1 
ATOM   1119 C CE  . MET B 1 46 ? 13.040  6.076   -13.087 1.00 34.94 ? 46   MET B CE  1 
ATOM   1120 N N   . ILE B 1 47 ? 9.102   6.893   -8.932  1.00 20.57 ? 47   ILE B N   1 
ATOM   1121 C CA  . ILE B 1 47 ? 8.599   6.099   -7.828  1.00 19.21 ? 47   ILE B CA  1 
ATOM   1122 C C   . ILE B 1 47 ? 8.885   4.636   -8.126  1.00 18.44 ? 47   ILE B C   1 
ATOM   1123 O O   . ILE B 1 47 ? 8.631   4.153   -9.234  1.00 20.66 ? 47   ILE B O   1 
ATOM   1124 C CB  . ILE B 1 47 ? 7.083   6.320   -7.593  1.00 18.77 ? 47   ILE B CB  1 
ATOM   1125 C CG1 . ILE B 1 47 ? 6.263   5.732   -8.733  1.00 19.07 ? 47   ILE B CG1 1 
ATOM   1126 C CG2 . ILE B 1 47 ? 6.785   7.821   -7.497  1.00 19.15 ? 47   ILE B CG2 1 
ATOM   1127 C CD1 . ILE B 1 47 ? 4.772   6.067   -8.614  1.00 19.34 ? 47   ILE B CD1 1 
ATOM   1128 N N   . GLY B 1 48 ? 9.443   3.948   -7.137  1.00 17.62 ? 48   GLY B N   1 
ATOM   1129 C CA  . GLY B 1 48 ? 9.770   2.544   -7.294  1.00 17.11 ? 48   GLY B CA  1 
ATOM   1130 C C   . GLY B 1 48 ? 8.657   1.650   -6.787  1.00 16.90 ? 48   GLY B C   1 
ATOM   1131 O O   . GLY B 1 48 ? 8.235   1.777   -5.642  1.00 13.57 ? 48   GLY B O   1 
ATOM   1132 N N   . GLY B 1 49 ? 8.186   0.743   -7.636  1.00 17.70 ? 49   GLY B N   1 
ATOM   1133 C CA  . GLY B 1 49 ? 7.110   -0.150  -7.248  1.00 19.13 ? 49   GLY B CA  1 
ATOM   1134 C C   . GLY B 1 49 ? 7.439   -1.620  -7.421  1.00 20.29 ? 49   GLY B C   1 
ATOM   1135 O O   . GLY B 1 49 ? 8.577   -1.986  -7.685  1.00 19.03 ? 49   GLY B O   1 
ATOM   1136 N N   . ILE B 1 50 ? 6.422   -2.463  -7.283  1.00 21.53 ? 50   ILE B N   1 
ATOM   1137 C CA  . ILE B 1 50 ? 6.586   -3.907  -7.395  1.00 23.24 ? 50   ILE B CA  1 
ATOM   1138 C C   . ILE B 1 50 ? 7.209   -4.366  -8.712  1.00 23.67 ? 50   ILE B C   1 
ATOM   1139 O O   . ILE B 1 50 ? 8.015   -5.298  -8.731  1.00 24.43 ? 50   ILE B O   1 
ATOM   1140 C CB  . ILE B 1 50 ? 5.218   -4.632  -7.206  1.00 24.34 ? 50   ILE B CB  1 
ATOM   1141 C CG1 . ILE B 1 50 ? 5.446   -6.114  -6.912  1.00 25.56 ? 50   ILE B CG1 1 
ATOM   1142 C CG2 . ILE B 1 50 ? 4.357   -4.499  -8.461  1.00 24.18 ? 50   ILE B CG2 1 
ATOM   1143 C CD1 . ILE B 1 50 ? 6.147   -6.361  -5.619  1.00 25.81 ? 50   ILE B CD1 1 
ATOM   1144 N N   . GLY B 1 51 ? 6.854   -3.712  -9.811  1.00 23.41 ? 51   GLY B N   1 
ATOM   1145 C CA  . GLY B 1 51 ? 7.382   -4.131  -11.098 1.00 24.30 ? 51   GLY B CA  1 
ATOM   1146 C C   . GLY B 1 51 ? 8.548   -3.340  -11.647 1.00 23.94 ? 51   GLY B C   1 
ATOM   1147 O O   . GLY B 1 51 ? 9.098   -3.690  -12.693 1.00 23.89 ? 51   GLY B O   1 
ATOM   1148 N N   . GLY B 1 52 ? 8.933   -2.287  -10.939 1.00 23.36 ? 52   GLY B N   1 
ATOM   1149 C CA  . GLY B 1 52 ? 10.031  -1.450  -11.385 1.00 23.29 ? 52   GLY B CA  1 
ATOM   1150 C C   . GLY B 1 52 ? 9.720   -0.008  -11.047 1.00 22.90 ? 52   GLY B C   1 
ATOM   1151 O O   . GLY B 1 52 ? 9.086   0.258   -10.035 1.00 21.86 ? 52   GLY B O   1 
ATOM   1152 N N   . PHE B 1 53 ? 10.153  0.921   -11.893 1.00 23.33 ? 53   PHE B N   1 
ATOM   1153 C CA  . PHE B 1 53 ? 9.917   2.345   -11.658 1.00 23.41 ? 53   PHE B CA  1 
ATOM   1154 C C   . PHE B 1 53 ? 9.078   3.002   -12.758 1.00 23.56 ? 53   PHE B C   1 
ATOM   1155 O O   . PHE B 1 53 ? 8.873   2.433   -13.833 1.00 24.55 ? 53   PHE B O   1 
ATOM   1156 C CB  . PHE B 1 53 ? 11.261  3.093   -11.563 1.00 24.10 ? 53   PHE B CB  1 
ATOM   1157 C CG  . PHE B 1 53 ? 12.084  2.733   -10.355 1.00 24.94 ? 53   PHE B CG  1 
ATOM   1158 C CD1 . PHE B 1 53 ? 12.570  1.441   -10.179 1.00 25.77 ? 53   PHE B CD1 1 
ATOM   1159 C CD2 . PHE B 1 53 ? 12.364  3.689   -9.382  1.00 25.37 ? 53   PHE B CD2 1 
ATOM   1160 C CE1 . PHE B 1 53 ? 13.324  1.102   -9.052  1.00 25.72 ? 53   PHE B CE1 1 
ATOM   1161 C CE2 . PHE B 1 53 ? 13.115  3.364   -8.252  1.00 25.72 ? 53   PHE B CE2 1 
ATOM   1162 C CZ  . PHE B 1 53 ? 13.596  2.066   -8.087  1.00 26.33 ? 53   PHE B CZ  1 
ATOM   1163 N N   . ILE B 1 54 ? 8.581   4.202   -12.468 1.00 22.37 ? 54   ILE B N   1 
ATOM   1164 C CA  . ILE B 1 54 ? 7.820   4.981   -13.435 1.00 21.75 ? 54   ILE B CA  1 
ATOM   1165 C C   . ILE B 1 54 ? 8.170   6.449   -13.190 1.00 21.62 ? 54   ILE B C   1 
ATOM   1166 O O   . ILE B 1 54 ? 8.572   6.828   -12.087 1.00 21.46 ? 54   ILE B O   1 
ATOM   1167 C CB  . ILE B 1 54 ? 6.291   4.813   -13.297 1.00 21.82 ? 54   ILE B CB  1 
ATOM   1168 C CG1 . ILE B 1 54 ? 5.816   5.384   -11.960 1.00 20.92 ? 54   ILE B CG1 1 
ATOM   1169 C CG2 . ILE B 1 54 ? 5.904   3.341   -13.444 1.00 21.29 ? 54   ILE B CG2 1 
ATOM   1170 C CD1 . ILE B 1 54 ? 4.325   5.577   -11.893 1.00 20.69 ? 54   ILE B CD1 1 
ATOM   1171 N N   . LYS B 1 55 ? 8.045   7.263   -14.227 1.00 20.86 ? 55   LYS B N   1 
ATOM   1172 C CA  . LYS B 1 55 ? 8.348   8.677   -14.109 1.00 20.85 ? 55   LYS B CA  1 
ATOM   1173 C C   . LYS B 1 55 ? 7.026   9.382   -13.884 1.00 19.91 ? 55   LYS B C   1 
ATOM   1174 O O   . LYS B 1 55 ? 6.012   9.010   -14.476 1.00 17.86 ? 55   LYS B O   1 
ATOM   1175 C CB  . LYS B 1 55 ? 9.033   9.175   -15.384 1.00 23.49 ? 55   LYS B CB  1 
ATOM   1176 C CG  . LYS B 1 55 ? 10.375  8.479   -15.619 1.00 27.10 ? 55   LYS B CG  1 
ATOM   1177 C CD  . LYS B 1 55 ? 11.027  8.815   -16.958 1.00 30.17 ? 55   LYS B CD  1 
ATOM   1178 C CE  . LYS B 1 55 ? 11.685  10.187  -16.963 1.00 31.84 ? 55   LYS B CE  1 
ATOM   1179 N NZ  . LYS B 1 55 ? 12.475  10.396  -18.221 1.00 33.47 ? 55   LYS B NZ  1 
ATOM   1180 N N   . VAL B 1 56 ? 7.037   10.382  -13.010 1.00 18.13 ? 56   VAL B N   1 
ATOM   1181 C CA  . VAL B 1 56 ? 5.826   11.118  -12.694 1.00 17.59 ? 56   VAL B CA  1 
ATOM   1182 C C   . VAL B 1 56 ? 6.102   12.611  -12.581 1.00 17.27 ? 56   VAL B C   1 
ATOM   1183 O O   . VAL B 1 56 ? 7.254   13.044  -12.510 1.00 17.62 ? 56   VAL B O   1 
ATOM   1184 C CB  . VAL B 1 56 ? 5.209   10.636  -11.348 1.00 17.21 ? 56   VAL B CB  1 
ATOM   1185 C CG1 . VAL B 1 56 ? 4.921   9.159   -11.402 1.00 15.88 ? 56   VAL B CG1 1 
ATOM   1186 C CG2 . VAL B 1 56 ? 6.156   10.946  -10.197 1.00 16.55 ? 56   VAL B CG2 1 
ATOM   1187 N N   . ARG B 1 57 ? 5.033   13.395  -12.569 1.00 16.57 ? 57   ARG B N   1 
ATOM   1188 C CA  . ARG B 1 57 ? 5.156   14.837  -12.443 1.00 16.03 ? 57   ARG B CA  1 
ATOM   1189 C C   . ARG B 1 57 ? 4.814   15.173  -10.996 1.00 15.56 ? 57   ARG B C   1 
ATOM   1190 O O   . ARG B 1 57 ? 3.790   14.720  -10.476 1.00 12.79 ? 57   ARG B O   1 
ATOM   1191 C CB  . ARG B 1 57 ? 4.194   15.544  -13.406 1.00 16.79 ? 57   ARG B CB  1 
ATOM   1192 C CG  . ARG B 1 57 ? 4.329   15.099  -14.860 1.00 17.62 ? 57   ARG B CG  1 
ATOM   1193 C CD  . ARG B 1 57 ? 3.729   16.116  -15.823 1.00 19.34 ? 57   ARG B CD  1 
ATOM   1194 N NE  . ARG B 1 57 ? 2.336   16.449  -15.516 1.00 20.40 ? 57   ARG B NE  1 
ATOM   1195 C CZ  . ARG B 1 57 ? 1.298   15.658  -15.770 1.00 21.52 ? 57   ARG B CZ  1 
ATOM   1196 N NH1 . ARG B 1 57 ? 1.480   14.475  -16.339 1.00 21.35 ? 57   ARG B NH1 1 
ATOM   1197 N NH2 . ARG B 1 57 ? 0.070   16.052  -15.457 1.00 21.55 ? 57   ARG B NH2 1 
ATOM   1198 N N   . GLN B 1 58 ? 5.690   15.930  -10.336 1.00 15.23 ? 58   GLN B N   1 
ATOM   1199 C CA  . GLN B 1 58 ? 5.473   16.311  -8.943  1.00 15.39 ? 58   GLN B CA  1 
ATOM   1200 C C   . GLN B 1 58 ? 4.994   17.752  -8.779  1.00 15.11 ? 58   GLN B C   1 
ATOM   1201 O O   . GLN B 1 58 ? 5.673   18.696  -9.184  1.00 14.78 ? 58   GLN B O   1 
ATOM   1202 C CB  . GLN B 1 58 ? 6.756   16.117  -8.126  1.00 16.04 ? 58   GLN B CB  1 
ATOM   1203 C CG  . GLN B 1 58 ? 6.607   16.525  -6.658  1.00 17.87 ? 58   GLN B CG  1 
ATOM   1204 C CD  . GLN B 1 58 ? 7.848   16.234  -5.837  1.00 19.66 ? 58   GLN B CD  1 
ATOM   1205 O OE1 . GLN B 1 58 ? 8.493   15.200  -6.016  1.00 21.65 ? 58   GLN B OE1 1 
ATOM   1206 N NE2 . GLN B 1 58 ? 8.175   17.134  -4.915  1.00 20.69 ? 58   GLN B NE2 1 
ATOM   1207 N N   . TYR B 1 59 ? 3.820   17.910  -8.182  1.00 15.20 ? 59   TYR B N   1 
ATOM   1208 C CA  . TYR B 1 59 ? 3.244   19.225  -7.926  1.00 15.40 ? 59   TYR B CA  1 
ATOM   1209 C C   . TYR B 1 59 ? 3.149   19.414  -6.414  1.00 16.48 ? 59   TYR B C   1 
ATOM   1210 O O   . TYR B 1 59 ? 2.673   18.521  -5.709  1.00 14.73 ? 59   TYR B O   1 
ATOM   1211 C CB  . TYR B 1 59 ? 1.834   19.329  -8.509  1.00 15.32 ? 59   TYR B CB  1 
ATOM   1212 C CG  . TYR B 1 59 ? 1.754   19.184  -10.006 1.00 14.54 ? 59   TYR B CG  1 
ATOM   1213 C CD1 . TYR B 1 59 ? 1.804   17.933  -10.609 1.00 14.40 ? 59   TYR B CD1 1 
ATOM   1214 C CD2 . TYR B 1 59 ? 1.618   20.306  -10.823 1.00 14.11 ? 59   TYR B CD2 1 
ATOM   1215 C CE1 . TYR B 1 59 ? 1.717   17.801  -11.994 1.00 15.43 ? 59   TYR B CE1 1 
ATOM   1216 C CE2 . TYR B 1 59 ? 1.531   20.184  -12.203 1.00 14.93 ? 59   TYR B CE2 1 
ATOM   1217 C CZ  . TYR B 1 59 ? 1.581   18.937  -12.782 1.00 14.56 ? 59   TYR B CZ  1 
ATOM   1218 O OH  . TYR B 1 59 ? 1.506   18.819  -14.152 1.00 15.86 ? 59   TYR B OH  1 
ATOM   1219 N N   . ASP B 1 60 ? 3.573   20.570  -5.912  1.00 16.69 ? 60   ASP B N   1 
ATOM   1220 C CA  . ASP B 1 60 ? 3.503   20.814  -4.474  1.00 18.60 ? 60   ASP B CA  1 
ATOM   1221 C C   . ASP B 1 60 ? 2.414   21.791  -4.049  1.00 18.57 ? 60   ASP B C   1 
ATOM   1222 O O   . ASP B 1 60 ? 1.894   22.557  -4.859  1.00 16.98 ? 60   ASP B O   1 
ATOM   1223 C CB  . ASP B 1 60 ? 4.844   21.321  -3.961  1.00 20.28 ? 60   ASP B CB  1 
ATOM   1224 C CG  . ASP B 1 60 ? 5.971   20.385  -4.292  1.00 21.24 ? 60   ASP B CG  1 
ATOM   1225 O OD1 . ASP B 1 60 ? 5.827   19.174  -4.027  1.00 21.05 ? 60   ASP B OD1 1 
ATOM   1226 O OD2 . ASP B 1 60 ? 6.997   20.863  -4.811  1.00 23.91 ? 60   ASP B OD2 1 
ATOM   1227 N N   . GLN B 1 61 ? 2.081   21.746  -2.761  1.00 18.98 ? 61   GLN B N   1 
ATOM   1228 C CA  . GLN B 1 61 ? 1.083   22.627  -2.179  1.00 19.67 ? 61   GLN B CA  1 
ATOM   1229 C C   . GLN B 1 61 ? -0.236  22.596  -2.944  1.00 19.13 ? 61   GLN B C   1 
ATOM   1230 O O   . GLN B 1 61 ? -0.822  23.633  -3.244  1.00 21.12 ? 61   GLN B O   1 
ATOM   1231 C CB  . GLN B 1 61 ? 1.639   24.052  -2.133  1.00 21.73 ? 61   GLN B CB  1 
ATOM   1232 C CG  . GLN B 1 61 ? 1.393   24.760  -0.828  1.00 25.44 ? 61   GLN B CG  1 
ATOM   1233 C CD  . GLN B 1 61 ? 2.409   25.856  -0.579  1.00 26.65 ? 61   GLN B CD  1 
ATOM   1234 O OE1 . GLN B 1 61 ? 3.617   25.604  -0.572  1.00 26.74 ? 61   GLN B OE1 1 
ATOM   1235 N NE2 . GLN B 1 61 ? 1.930   27.076  -0.374  1.00 27.61 ? 61   GLN B NE2 1 
ATOM   1236 N N   . ILE B 1 62 ? -0.690  21.387  -3.254  1.00 17.81 ? 62   ILE B N   1 
ATOM   1237 C CA  . ILE B 1 62 ? -1.939  21.174  -3.979  1.00 16.94 ? 62   ILE B CA  1 
ATOM   1238 C C   . ILE B 1 62 ? -3.067  20.910  -2.995  1.00 16.54 ? 62   ILE B C   1 
ATOM   1239 O O   . ILE B 1 62 ? -2.924  20.096  -2.090  1.00 14.02 ? 62   ILE B O   1 
ATOM   1240 C CB  . ILE B 1 62 ? -1.823  19.941  -4.916  1.00 15.55 ? 62   ILE B CB  1 
ATOM   1241 C CG1 . ILE B 1 62 ? -0.769  20.199  -5.993  1.00 15.19 ? 62   ILE B CG1 1 
ATOM   1242 C CG2 . ILE B 1 62 ? -3.189  19.589  -5.498  1.00 15.29 ? 62   ILE B CG2 1 
ATOM   1243 C CD1 . ILE B 1 62 ? -1.084  21.341  -6.942  1.00 14.94 ? 62   ILE B CD1 1 
ATOM   1244 N N   . LEU B 1 63 ? -4.189  21.600  -3.159  1.00 17.26 ? 63   LEU B N   1 
ATOM   1245 C CA  . LEU B 1 63 ? -5.316  21.372  -2.276  1.00 18.83 ? 63   LEU B CA  1 
ATOM   1246 C C   . LEU B 1 63 ? -6.030  20.095  -2.713  1.00 20.03 ? 63   LEU B C   1 
ATOM   1247 O O   . LEU B 1 63 ? -6.282  19.873  -3.901  1.00 19.39 ? 63   LEU B O   1 
ATOM   1248 C CB  . LEU B 1 63 ? -6.295  22.547  -2.323  1.00 20.25 ? 63   LEU B CB  1 
ATOM   1249 C CG  . LEU B 1 63 ? -7.642  22.327  -1.619  1.00 22.58 ? 63   LEU B CG  1 
ATOM   1250 C CD1 . LEU B 1 63 ? -7.449  21.932  -0.147  1.00 22.98 ? 63   LEU B CD1 1 
ATOM   1251 C CD2 . LEU B 1 63 ? -8.457  23.614  -1.735  1.00 23.53 ? 63   LEU B CD2 1 
ATOM   1252 N N   . ILE B 1 64 ? -6.346  19.255  -1.741  1.00 20.36 ? 64   ILE B N   1 
ATOM   1253 C CA  . ILE B 1 64 ? -7.030  18.008  -2.021  1.00 21.70 ? 64   ILE B CA  1 
ATOM   1254 C C   . ILE B 1 64 ? -7.834  17.605  -0.797  1.00 22.63 ? 64   ILE B C   1 
ATOM   1255 O O   . ILE B 1 64 ? -7.369  17.736  0.335   1.00 20.74 ? 64   ILE B O   1 
ATOM   1256 C CB  . ILE B 1 64 ? -6.023  16.898  -2.366  1.00 22.20 ? 64   ILE B CB  1 
ATOM   1257 C CG1 . ILE B 1 64 ? -6.756  15.600  -2.711  1.00 22.11 ? 64   ILE B CG1 1 
ATOM   1258 C CG2 . ILE B 1 64 ? -5.057  16.708  -1.215  1.00 21.59 ? 64   ILE B CG2 1 
ATOM   1259 C CD1 . ILE B 1 64 ? -5.827  14.499  -3.185  1.00 22.89 ? 64   ILE B CD1 1 
ATOM   1260 N N   . GLU B 1 65 ? -9.052  17.133  -1.035  1.00 24.03 ? 65   GLU B N   1 
ATOM   1261 C CA  . GLU B 1 65 ? -9.928  16.700  0.039   1.00 25.43 ? 65   GLU B CA  1 
ATOM   1262 C C   . GLU B 1 65 ? -9.954  15.179  0.003   1.00 25.81 ? 65   GLU B C   1 
ATOM   1263 O O   . GLU B 1 65 ? -10.108 14.578  -1.060  1.00 23.56 ? 65   GLU B O   1 
ATOM   1264 C CB  . GLU B 1 65 ? -11.325 17.281  -0.184  1.00 27.47 ? 65   GLU B CB  1 
ATOM   1265 C CG  . GLU B 1 65 ? -12.321 17.012  0.917   1.00 31.05 ? 65   GLU B CG  1 
ATOM   1266 C CD  . GLU B 1 65 ? -13.578 17.860  0.762   1.00 32.58 ? 65   GLU B CD  1 
ATOM   1267 O OE1 . GLU B 1 65 ? -13.493 19.090  0.966   1.00 33.73 ? 65   GLU B OE1 1 
ATOM   1268 O OE2 . GLU B 1 65 ? -14.643 17.298  0.426   1.00 34.38 ? 65   GLU B OE2 1 
ATOM   1269 N N   . ILE B 1 66 ? -9.782  14.557  1.159   1.00 26.54 ? 66   ILE B N   1 
ATOM   1270 C CA  . ILE B 1 66 ? -9.773  13.105  1.233   1.00 27.34 ? 66   ILE B CA  1 
ATOM   1271 C C   . ILE B 1 66 ? -10.829 12.630  2.211   1.00 28.43 ? 66   ILE B C   1 
ATOM   1272 O O   . ILE B 1 66 ? -10.703 12.820  3.419   1.00 27.71 ? 66   ILE B O   1 
ATOM   1273 C CB  . ILE B 1 66 ? -8.395  12.593  1.670   1.00 26.99 ? 66   ILE B CB  1 
ATOM   1274 C CG1 . ILE B 1 66 ? -7.337  13.097  0.683   1.00 26.43 ? 66   ILE B CG1 1 
ATOM   1275 C CG2 . ILE B 1 66 ? -8.401  11.071  1.746   1.00 26.51 ? 66   ILE B CG2 1 
ATOM   1276 C CD1 . ILE B 1 66 ? -5.923  12.761  1.066   1.00 26.98 ? 66   ILE B CD1 1 
ATOM   1277 N N   . CYS B 1 67 ? -11.877 12.023  1.671   1.00 29.84 ? 67   CYS B N   1 
ATOM   1278 C CA  . CYS B 1 67 ? -12.966 11.532  2.491   1.00 31.67 ? 67   CYS B CA  1 
ATOM   1279 C C   . CYS B 1 67 ? -13.502 12.685  3.350   1.00 31.81 ? 67   CYS B C   1 
ATOM   1280 O O   . CYS B 1 67 ? -13.836 12.503  4.518   1.00 31.55 ? 67   CYS B O   1 
ATOM   1281 C CB  . CYS B 1 67 ? -12.466 10.391  3.378   1.00 33.22 ? 67   CYS B CB  1 
ATOM   1282 S SG  . CYS B 1 67 ? -13.752 9.265   3.919   1.00 38.38 ? 67   CYS B SG  1 
ATOM   1283 N N   . GLY B 1 68 ? -13.560 13.879  2.767   1.00 31.10 ? 68   GLY B N   1 
ATOM   1284 C CA  . GLY B 1 68 ? -14.063 15.029  3.501   1.00 31.29 ? 68   GLY B CA  1 
ATOM   1285 C C   . GLY B 1 68 ? -13.025 15.819  4.282   1.00 30.78 ? 68   GLY B C   1 
ATOM   1286 O O   . GLY B 1 68 ? -13.277 16.959  4.675   1.00 31.55 ? 68   GLY B O   1 
ATOM   1287 N N   . HIS B 1 69 ? -11.866 15.217  4.524   1.00 29.49 ? 69   HIS B N   1 
ATOM   1288 C CA  . HIS B 1 69 ? -10.796 15.891  5.255   1.00 28.67 ? 69   HIS B CA  1 
ATOM   1289 C C   . HIS B 1 69 ? -9.927  16.688  4.289   1.00 27.49 ? 69   HIS B C   1 
ATOM   1290 O O   . HIS B 1 69 ? -9.336  16.123  3.368   1.00 25.19 ? 69   HIS B O   1 
ATOM   1291 C CB  . HIS B 1 69 ? -9.919  14.874  5.994   1.00 29.70 ? 69   HIS B CB  1 
ATOM   1292 C CG  . HIS B 1 69 ? -10.552 14.303  7.226   1.00 30.87 ? 69   HIS B CG  1 
ATOM   1293 N ND1 . HIS B 1 69 ? -11.733 13.594  7.200   1.00 31.58 ? 69   HIS B ND1 1 
ATOM   1294 C CD2 . HIS B 1 69 ? -10.161 14.336  8.523   1.00 31.11 ? 69   HIS B CD2 1 
ATOM   1295 C CE1 . HIS B 1 69 ? -12.044 13.215  8.427   1.00 31.71 ? 69   HIS B CE1 1 
ATOM   1296 N NE2 . HIS B 1 69 ? -11.106 13.653  9.248   1.00 31.75 ? 69   HIS B NE2 1 
ATOM   1297 N N   . LYS B 1 70 ? -9.841  17.997  4.506   1.00 26.53 ? 70   LYS B N   1 
ATOM   1298 C CA  . LYS B 1 70 ? -9.039  18.856  3.642   1.00 25.68 ? 70   LYS B CA  1 
ATOM   1299 C C   . LYS B 1 70 ? -7.543  18.754  3.914   1.00 23.90 ? 70   LYS B C   1 
ATOM   1300 O O   . LYS B 1 70 ? -7.106  18.717  5.064   1.00 23.67 ? 70   LYS B O   1 
ATOM   1301 C CB  . LYS B 1 70 ? -9.493  20.317  3.772   1.00 27.51 ? 70   LYS B CB  1 
ATOM   1302 C CG  . LYS B 1 70 ? -10.863 20.586  3.165   1.00 29.30 ? 70   LYS B CG  1 
ATOM   1303 C CD  . LYS B 1 70 ? -11.213 22.067  3.167   1.00 31.06 ? 70   LYS B CD  1 
ATOM   1304 C CE  . LYS B 1 70 ? -12.479 22.323  2.369   1.00 32.06 ? 70   LYS B CE  1 
ATOM   1305 N NZ  . LYS B 1 70 ? -12.838 23.771  2.326   1.00 33.36 ? 70   LYS B NZ  1 
ATOM   1306 N N   . ALA B 1 71 ? -6.765  18.708  2.840   1.00 22.03 ? 71   ALA B N   1 
ATOM   1307 C CA  . ALA B 1 71 ? -5.314  18.618  2.933   1.00 20.68 ? 71   ALA B CA  1 
ATOM   1308 C C   . ALA B 1 71 ? -4.668  19.465  1.841   1.00 19.25 ? 71   ALA B C   1 
ATOM   1309 O O   . ALA B 1 71 ? -5.315  19.823  0.860   1.00 19.70 ? 71   ALA B O   1 
ATOM   1310 C CB  . ALA B 1 71 ? -4.875  17.172  2.786   1.00 19.38 ? 71   ALA B CB  1 
ATOM   1311 N N   . ILE B 1 72 ? -3.392  19.794  2.028   1.00 18.34 ? 72   ILE B N   1 
ATOM   1312 C CA  . ILE B 1 72 ? -2.638  20.572  1.047   1.00 16.76 ? 72   ILE B CA  1 
ATOM   1313 C C   . ILE B 1 72 ? -1.220  20.038  1.045   1.00 16.84 ? 72   ILE B C   1 
ATOM   1314 O O   . ILE B 1 72 ? -0.467  20.263  1.989   1.00 15.41 ? 72   ILE B O   1 
ATOM   1315 C CB  . ILE B 1 72 ? -2.568  22.069  1.398   1.00 16.97 ? 72   ILE B CB  1 
ATOM   1316 C CG1 . ILE B 1 72 ? -3.972  22.618  1.640   1.00 16.87 ? 72   ILE B CG1 1 
ATOM   1317 C CG2 . ILE B 1 72 ? -1.907  22.828  0.239   1.00 16.61 ? 72   ILE B CG2 1 
ATOM   1318 C CD1 . ILE B 1 72 ? -3.988  24.094  2.022   1.00 18.14 ? 72   ILE B CD1 1 
ATOM   1319 N N   . GLY B 1 73 ? -0.855  19.322  -0.007  1.00 16.24 ? 73   GLY B N   1 
ATOM   1320 C CA  . GLY B 1 73 ? 0.482   18.767  -0.053  1.00 15.38 ? 73   GLY B CA  1 
ATOM   1321 C C   . GLY B 1 73 ? 0.925   18.373  -1.440  1.00 14.78 ? 73   GLY B C   1 
ATOM   1322 O O   . GLY B 1 73 ? 0.340   18.787  -2.444  1.00 16.06 ? 73   GLY B O   1 
ATOM   1323 N N   . THR B 1 74 ? 1.972   17.563  -1.498  1.00 14.39 ? 74   THR B N   1 
ATOM   1324 C CA  . THR B 1 74 ? 2.500   17.134  -2.778  1.00 14.85 ? 74   THR B CA  1 
ATOM   1325 C C   . THR B 1 74 ? 1.677   16.034  -3.427  1.00 13.84 ? 74   THR B C   1 
ATOM   1326 O O   . THR B 1 74 ? 1.381   15.009  -2.816  1.00 12.66 ? 74   THR B O   1 
ATOM   1327 C CB  . THR B 1 74 ? 3.948   16.669  -2.633  1.00 14.11 ? 74   THR B CB  1 
ATOM   1328 O OG1 . THR B 1 74 ? 4.720   17.742  -2.085  1.00 14.35 ? 74   THR B OG1 1 
ATOM   1329 C CG2 . THR B 1 74 ? 4.526   16.282  -3.984  1.00 14.87 ? 74   THR B CG2 1 
ATOM   1330 N N   . VAL B 1 75 ? 1.314   16.267  -4.681  1.00 13.43 ? 75   VAL B N   1 
ATOM   1331 C CA  . VAL B 1 75 ? 0.544   15.307  -5.458  1.00 12.78 ? 75   VAL B CA  1 
ATOM   1332 C C   . VAL B 1 75 ? 1.351   14.939  -6.699  1.00 12.41 ? 75   VAL B C   1 
ATOM   1333 O O   . VAL B 1 75 ? 1.799   15.815  -7.429  1.00 13.91 ? 75   VAL B O   1 
ATOM   1334 C CB  . VAL B 1 75 ? -0.793  15.899  -5.928  1.00 12.94 ? 75   VAL B CB  1 
ATOM   1335 C CG1 . VAL B 1 75 ? -1.489  14.922  -6.862  1.00 13.14 ? 75   VAL B CG1 1 
ATOM   1336 C CG2 . VAL B 1 75 ? -1.683  16.218  -4.730  1.00 13.41 ? 75   VAL B CG2 1 
ATOM   1337 N N   . LEU B 1 76 ? 1.530   13.643  -6.930  1.00 13.35 ? 76   LEU B N   1 
ATOM   1338 C CA  . LEU B 1 76 ? 2.270   13.162  -8.094  1.00 12.43 ? 76   LEU B CA  1 
ATOM   1339 C C   . LEU B 1 76 ? 1.273   12.695  -9.152  1.00 12.62 ? 76   LEU B C   1 
ATOM   1340 O O   . LEU B 1 76 ? 0.238   12.101  -8.831  1.00 15.43 ? 76   LEU B O   1 
ATOM   1341 C CB  . LEU B 1 76 ? 3.183   11.991  -7.709  1.00 12.58 ? 76   LEU B CB  1 
ATOM   1342 C CG  . LEU B 1 76 ? 4.089   12.172  -6.490  1.00 11.59 ? 76   LEU B CG  1 
ATOM   1343 C CD1 . LEU B 1 76 ? 4.930   10.900  -6.316  1.00 11.74 ? 76   LEU B CD1 1 
ATOM   1344 C CD2 . LEU B 1 76 ? 4.981   13.395  -6.661  1.00 12.35 ? 76   LEU B CD2 1 
ATOM   1345 N N   . VAL B 1 77 ? 1.584   12.967  -10.412 1.00 12.49 ? 77   VAL B N   1 
ATOM   1346 C CA  . VAL B 1 77 ? 0.710   12.573  -11.509 1.00 12.19 ? 77   VAL B CA  1 
ATOM   1347 C C   . VAL B 1 77 ? 1.492   11.781  -12.537 1.00 13.25 ? 77   VAL B C   1 
ATOM   1348 O O   . VAL B 1 77 ? 2.526   12.251  -13.045 1.00 11.92 ? 77   VAL B O   1 
ATOM   1349 C CB  . VAL B 1 77 ? 0.092   13.804  -12.214 1.00 12.21 ? 77   VAL B CB  1 
ATOM   1350 C CG1 . VAL B 1 77 ? -0.864  13.345  -13.331 1.00 12.66 ? 77   VAL B CG1 1 
ATOM   1351 C CG2 . VAL B 1 77 ? -0.653  14.662  -11.202 1.00 12.57 ? 77   VAL B CG2 1 
ATOM   1352 N N   . GLY B 1 78 ? 0.991   10.583  -12.849 1.00 13.79 ? 78   GLY B N   1 
ATOM   1353 C CA  . GLY B 1 78 ? 1.649   9.738   -13.836 1.00 13.99 ? 78   GLY B CA  1 
ATOM   1354 C C   . GLY B 1 78 ? 0.843   8.500   -14.188 1.00 14.00 ? 78   GLY B C   1 
ATOM   1355 O O   . GLY B 1 78 ? -0.359  8.431   -13.893 1.00 12.39 ? 78   GLY B O   1 
ATOM   1356 N N   . PRO B 1 79 ? 1.478   7.491   -14.808 1.00 14.89 ? 79   PRO B N   1 
ATOM   1357 C CA  . PRO B 1 79 ? 0.804   6.249   -15.199 1.00 14.82 ? 79   PRO B CA  1 
ATOM   1358 C C   . PRO B 1 79 ? 0.644   5.205   -14.091 1.00 14.70 ? 79   PRO B C   1 
ATOM   1359 O O   . PRO B 1 79 ? 1.216   4.120   -14.168 1.00 15.51 ? 79   PRO B O   1 
ATOM   1360 C CB  . PRO B 1 79 ? 1.676   5.750   -16.343 1.00 14.74 ? 79   PRO B CB  1 
ATOM   1361 C CG  . PRO B 1 79 ? 3.044   6.143   -15.881 1.00 14.94 ? 79   PRO B CG  1 
ATOM   1362 C CD  . PRO B 1 79 ? 2.836   7.551   -15.394 1.00 14.97 ? 79   PRO B CD  1 
ATOM   1363 N N   . THR B 1 80 ? -0.134  5.535   -13.065 1.00 14.18 ? 80   THR B N   1 
ATOM   1364 C CA  . THR B 1 80 ? -0.371  4.619   -11.952 1.00 13.79 ? 80   THR B CA  1 
ATOM   1365 C C   . THR B 1 80 ? -1.612  3.767   -12.236 1.00 14.12 ? 80   THR B C   1 
ATOM   1366 O O   . THR B 1 80 ? -2.534  4.223   -12.895 1.00 15.16 ? 80   THR B O   1 
ATOM   1367 C CB  . THR B 1 80 ? -0.574  5.393   -10.622 1.00 13.14 ? 80   THR B CB  1 
ATOM   1368 O OG1 . THR B 1 80 ? -0.974  4.474   -9.596  1.00 15.16 ? 80   THR B OG1 1 
ATOM   1369 C CG2 . THR B 1 80 ? -1.652  6.468   -10.766 1.00 14.22 ? 80   THR B CG2 1 
ATOM   1370 N N   . PRO B 1 81 ? -1.648  2.517   -11.744 1.00 14.44 ? 81   PRO B N   1 
ATOM   1371 C CA  . PRO B 1 81 ? -2.806  1.637   -11.976 1.00 14.22 ? 81   PRO B CA  1 
ATOM   1372 C C   . PRO B 1 81 ? -4.115  2.196   -11.412 1.00 13.73 ? 81   PRO B C   1 
ATOM   1373 O O   . PRO B 1 81 ? -5.181  2.061   -12.030 1.00 13.06 ? 81   PRO B O   1 
ATOM   1374 C CB  . PRO B 1 81 ? -2.397  0.332   -11.292 1.00 14.32 ? 81   PRO B CB  1 
ATOM   1375 C CG  . PRO B 1 81 ? -0.895  0.363   -11.360 1.00 15.31 ? 81   PRO B CG  1 
ATOM   1376 C CD  . PRO B 1 81 ? -0.584  1.803   -11.019 1.00 14.10 ? 81   PRO B CD  1 
ATOM   1377 N N   . VAL B 1 82 ? -4.035  2.816   -10.236 1.00 13.20 ? 82   VAL B N   1 
ATOM   1378 C CA  . VAL B 1 82 ? -5.207  3.418   -9.587  1.00 12.96 ? 82   VAL B CA  1 
ATOM   1379 C C   . VAL B 1 82 ? -4.782  4.702   -8.882  1.00 12.66 ? 82   VAL B C   1 
ATOM   1380 O O   . VAL B 1 82 ? -3.589  4.920   -8.671  1.00 12.28 ? 82   VAL B O   1 
ATOM   1381 C CB  . VAL B 1 82 ? -5.808  2.491   -8.505  1.00 13.41 ? 82   VAL B CB  1 
ATOM   1382 C CG1 . VAL B 1 82 ? -6.266  1.176   -9.122  1.00 14.45 ? 82   VAL B CG1 1 
ATOM   1383 C CG2 . VAL B 1 82 ? -4.771  2.240   -7.416  1.00 13.36 ? 82   VAL B CG2 1 
ATOM   1384 N N   . ASN B 1 83 ? -5.742  5.559   -8.529  1.00 12.19 ? 83   ASN B N   1 
ATOM   1385 C CA  . ASN B 1 83 ? -5.379  6.768   -7.800  1.00 12.29 ? 83   ASN B CA  1 
ATOM   1386 C C   . ASN B 1 83 ? -4.979  6.283   -6.414  1.00 11.24 ? 83   ASN B C   1 
ATOM   1387 O O   . ASN B 1 83 ? -5.710  5.513   -5.786  1.00 11.52 ? 83   ASN B O   1 
ATOM   1388 C CB  . ASN B 1 83 ? -6.551  7.745   -7.700  1.00 12.37 ? 83   ASN B CB  1 
ATOM   1389 C CG  . ASN B 1 83 ? -6.921  8.342   -9.037  1.00 12.55 ? 83   ASN B CG  1 
ATOM   1390 O OD1 . ASN B 1 83 ? -6.049  8.701   -9.838  1.00 12.86 ? 83   ASN B OD1 1 
ATOM   1391 N ND2 . ASN B 1 83 ? -8.216  8.465   -9.287  1.00 13.55 ? 83   ASN B ND2 1 
ATOM   1392 N N   . ILE B 1 84 ? -3.812  6.725   -5.959  1.00 10.67 ? 84   ILE B N   1 
ATOM   1393 C CA  . ILE B 1 84 ? -3.268  6.318   -4.672  1.00 11.10 ? 84   ILE B CA  1 
ATOM   1394 C C   . ILE B 1 84 ? -3.044  7.471   -3.704  1.00 10.92 ? 84   ILE B C   1 
ATOM   1395 O O   . ILE B 1 84 ? -2.402  8.460   -4.048  1.00 9.06  ? 84   ILE B O   1 
ATOM   1396 C CB  . ILE B 1 84 ? -1.903  5.619   -4.850  1.00 11.40 ? 84   ILE B CB  1 
ATOM   1397 C CG1 . ILE B 1 84 ? -2.069  4.349   -5.676  1.00 11.72 ? 84   ILE B CG1 1 
ATOM   1398 C CG2 . ILE B 1 84 ? -1.295  5.284   -3.485  1.00 11.20 ? 84   ILE B CG2 1 
ATOM   1399 C CD1 . ILE B 1 84 ? -0.754  3.683   -5.969  1.00 12.71 ? 84   ILE B CD1 1 
ATOM   1400 N N   . ILE B 1 85 ? -3.570  7.324   -2.491  1.00 10.53 ? 85   ILE B N   1 
ATOM   1401 C CA  . ILE B 1 85 ? -3.394  8.321   -1.448  1.00 10.11 ? 85   ILE B CA  1 
ATOM   1402 C C   . ILE B 1 85 ? -2.342  7.695   -0.537  1.00 10.48 ? 85   ILE B C   1 
ATOM   1403 O O   . ILE B 1 85 ? -2.609  6.703   0.148   1.00 15.19 ? 85   ILE B O   1 
ATOM   1404 C CB  . ILE B 1 85 ? -4.708  8.571   -0.662  1.00 10.85 ? 85   ILE B CB  1 
ATOM   1405 C CG1 . ILE B 1 85 ? -5.816  9.033   -1.617  1.00 10.32 ? 85   ILE B CG1 1 
ATOM   1406 C CG2 . ILE B 1 85 ? -4.493  9.654   0.388   1.00 10.14 ? 85   ILE B CG2 1 
ATOM   1407 C CD1 . ILE B 1 85 ? -5.429  10.179  -2.529  1.00 10.29 ? 85   ILE B CD1 1 
ATOM   1408 N N   . GLY B 1 86 ? -1.139  8.262   -0.560  1.00 10.55 ? 86   GLY B N   1 
ATOM   1409 C CA  . GLY B 1 86 ? -0.035  7.734   0.227   1.00 9.64  ? 86   GLY B CA  1 
ATOM   1410 C C   . GLY B 1 86 ? 0.182   8.373   1.583   1.00 9.72  ? 86   GLY B C   1 
ATOM   1411 O O   . GLY B 1 86 ? -0.560  9.262   1.981   1.00 8.73  ? 86   GLY B O   1 
ATOM   1412 N N   . ARG B 1 87 ? 1.219   7.924   2.285   1.00 9.90  ? 87   ARG B N   1 
ATOM   1413 C CA  . ARG B 1 87 ? 1.513   8.422   3.623   1.00 9.69  ? 87   ARG B CA  1 
ATOM   1414 C C   . ARG B 1 87 ? 1.651   9.935   3.771   1.00 10.14 ? 87   ARG B C   1 
ATOM   1415 O O   . ARG B 1 87 ? 1.265   10.476  4.797   1.00 8.58  ? 87   ARG B O   1 
ATOM   1416 C CB  . ARG B 1 87 ? 2.767   7.733   4.190   1.00 9.71  ? 87   ARG B CB  1 
ATOM   1417 C CG  . ARG B 1 87 ? 2.567   6.241   4.535   1.00 10.81 ? 87   ARG B CG  1 
ATOM   1418 C CD  . ARG B 1 87 ? 3.780   5.634   5.277   1.00 11.27 ? 87   ARG B CD  1 
ATOM   1419 N NE  . ARG B 1 87 ? 5.018   5.765   4.511   1.00 10.97 ? 87   ARG B NE  1 
ATOM   1420 C CZ  . ARG B 1 87 ? 5.964   6.670   4.750   1.00 12.01 ? 87   ARG B CZ  1 
ATOM   1421 N NH1 . ARG B 1 87 ? 7.048   6.713   3.978   1.00 11.54 ? 87   ARG B NH1 1 
ATOM   1422 N NH2 . ARG B 1 87 ? 5.846   7.513   5.769   1.00 10.70 ? 87   ARG B NH2 1 
ATOM   1423 N N   . ASN B 1 88 ? 2.197   10.620  2.772   1.00 10.56 ? 88   ASN B N   1 
ATOM   1424 C CA  . ASN B 1 88 ? 2.366   12.063  2.900   1.00 11.14 ? 88   ASN B CA  1 
ATOM   1425 C C   . ASN B 1 88 ? 1.035   12.749  3.216   1.00 11.18 ? 88   ASN B C   1 
ATOM   1426 O O   . ASN B 1 88 ? 0.993   13.741  3.951   1.00 11.39 ? 88   ASN B O   1 
ATOM   1427 C CB  . ASN B 1 88 ? 2.990   12.661  1.624   1.00 11.44 ? 88   ASN B CB  1 
ATOM   1428 C CG  . ASN B 1 88 ? 2.014   12.721  0.465   1.00 11.78 ? 88   ASN B CG  1 
ATOM   1429 O OD1 . ASN B 1 88 ? 1.487   11.702  0.020   1.00 13.60 ? 88   ASN B OD1 1 
ATOM   1430 N ND2 . ASN B 1 88 ? 1.768   13.928  -0.029  1.00 10.97 ? 88   ASN B ND2 1 
ATOM   1431 N N   . LEU B 1 89 ? -0.062  12.231  2.684   1.00 10.99 ? 89   LEU B N   1 
ATOM   1432 C CA  . LEU B 1 89 ? -1.349  12.856  2.970   1.00 11.27 ? 89   LEU B CA  1 
ATOM   1433 C C   . LEU B 1 89 ? -2.125  12.123  4.054   1.00 11.67 ? 89   LEU B C   1 
ATOM   1434 O O   . LEU B 1 89 ? -2.944  12.727  4.739   1.00 11.48 ? 89   LEU B O   1 
ATOM   1435 C CB  . LEU B 1 89 ? -2.186  12.969  1.695   1.00 10.28 ? 89   LEU B CB  1 
ATOM   1436 C CG  . LEU B 1 89 ? -1.564  13.906  0.663   1.00 11.21 ? 89   LEU B CG  1 
ATOM   1437 C CD1 . LEU B 1 89 ? -2.527  14.047  -0.511  1.00 11.27 ? 89   LEU B CD1 1 
ATOM   1438 C CD2 . LEU B 1 89 ? -1.267  15.276  1.300   1.00 10.87 ? 89   LEU B CD2 1 
ATOM   1439 N N   . LEU B 1 90 ? -1.888  10.823  4.207   1.00 11.85 ? 90   LEU B N   1 
ATOM   1440 C CA  . LEU B 1 90 ? -2.575  10.072  5.261   1.00 12.26 ? 90   LEU B CA  1 
ATOM   1441 C C   . LEU B 1 90 ? -2.185  10.689  6.614   1.00 12.85 ? 90   LEU B C   1 
ATOM   1442 O O   . LEU B 1 90 ? -3.009  10.791  7.532   1.00 17.23 ? 90   LEU B O   1 
ATOM   1443 C CB  . LEU B 1 90 ? -2.178  8.584   5.213   1.00 11.16 ? 90   LEU B CB  1 
ATOM   1444 C CG  . LEU B 1 90 ? -2.640  7.845   3.951   1.00 11.59 ? 90   LEU B CG  1 
ATOM   1445 C CD1 . LEU B 1 90 ? -2.092  6.427   3.931   1.00 11.90 ? 90   LEU B CD1 1 
ATOM   1446 C CD2 . LEU B 1 90 ? -4.168  7.831   3.900   1.00 10.73 ? 90   LEU B CD2 1 
ATOM   1447 N N   . THR B 1 91 ? -0.930  11.111  6.727   1.00 13.67 ? 91   THR B N   1 
ATOM   1448 C CA  . THR B 1 91 ? -0.450  11.720  7.963   1.00 13.81 ? 91   THR B CA  1 
ATOM   1449 C C   . THR B 1 91 ? -1.155  13.053  8.186   1.00 14.21 ? 91   THR B C   1 
ATOM   1450 O O   . THR B 1 91 ? -1.454  13.428  9.321   1.00 12.76 ? 91   THR B O   1 
ATOM   1451 C CB  . THR B 1 91 ? 1.073   11.966  7.927   1.00 13.98 ? 91   THR B CB  1 
ATOM   1452 O OG1 . THR B 1 91 ? 1.389   12.823  6.825   1.00 12.14 ? 91   THR B OG1 1 
ATOM   1453 C CG2 . THR B 1 91 ? 1.830   10.644  7.772   1.00 12.85 ? 91   THR B CG2 1 
ATOM   1454 N N   . GLN B 1 92 ? -1.422  13.771  7.102   1.00 14.79 ? 92   GLN B N   1 
ATOM   1455 C CA  . GLN B 1 92 ? -2.109  15.058  7.217   1.00 15.78 ? 92   GLN B CA  1 
ATOM   1456 C C   . GLN B 1 92 ? -3.546  14.956  7.712   1.00 15.98 ? 92   GLN B C   1 
ATOM   1457 O O   . GLN B 1 92 ? -4.037  15.849  8.405   1.00 16.18 ? 92   GLN B O   1 
ATOM   1458 C CB  . GLN B 1 92 ? -2.114  15.792  5.883   1.00 15.83 ? 92   GLN B CB  1 
ATOM   1459 C CG  . GLN B 1 92 ? -0.966  16.735  5.735   1.00 15.74 ? 92   GLN B CG  1 
ATOM   1460 C CD  . GLN B 1 92 ? -1.191  17.726  4.634   1.00 16.35 ? 92   GLN B CD  1 
ATOM   1461 O OE1 . GLN B 1 92 ? -2.243  18.382  4.561   1.00 16.36 ? 92   GLN B OE1 1 
ATOM   1462 N NE2 . GLN B 1 92 ? -0.201  17.860  3.769   1.00 16.78 ? 92   GLN B NE2 1 
ATOM   1463 N N   . ILE B 1 93 ? -4.237  13.886  7.347   1.00 15.68 ? 93   ILE B N   1 
ATOM   1464 C CA  . ILE B 1 93 ? -5.612  13.744  7.789   1.00 15.87 ? 93   ILE B CA  1 
ATOM   1465 C C   . ILE B 1 93 ? -5.703  12.992  9.114   1.00 15.91 ? 93   ILE B C   1 
ATOM   1466 O O   . ILE B 1 93 ? -6.795  12.716  9.596   1.00 15.89 ? 93   ILE B O   1 
ATOM   1467 C CB  . ILE B 1 93 ? -6.482  13.057  6.709   1.00 15.80 ? 93   ILE B CB  1 
ATOM   1468 C CG1 . ILE B 1 93 ? -5.992  11.636  6.438   1.00 15.51 ? 93   ILE B CG1 1 
ATOM   1469 C CG2 . ILE B 1 93 ? -6.426  13.881  5.421   1.00 15.60 ? 93   ILE B CG2 1 
ATOM   1470 C CD1 . ILE B 1 93 ? -6.867  10.870  5.449   1.00 16.21 ? 93   ILE B CD1 1 
ATOM   1471 N N   . GLY B 1 94 ? -4.544  12.681  9.696   1.00 15.57 ? 94   GLY B N   1 
ATOM   1472 C CA  . GLY B 1 94 ? -4.491  11.997  10.981  1.00 16.21 ? 94   GLY B CA  1 
ATOM   1473 C C   . GLY B 1 94 ? -4.811  10.515  10.960  1.00 16.80 ? 94   GLY B C   1 
ATOM   1474 O O   . GLY B 1 94 ? -5.308  9.960   11.942  1.00 17.23 ? 94   GLY B O   1 
ATOM   1475 N N   . CYS B 1 95 ? -4.501  9.862   9.847   1.00 16.70 ? 95   CYS B N   1 
ATOM   1476 C CA  . CYS B 1 95 ? -4.780  8.441   9.696   1.00 16.85 ? 95   CYS B CA  1 
ATOM   1477 C C   . CYS B 1 95 ? -3.688  7.552   10.282  1.00 16.09 ? 95   CYS B C   1 
ATOM   1478 O O   . CYS B 1 95 ? -2.493  7.803   10.107  1.00 15.70 ? 95   CYS B O   1 
ATOM   1479 C CB  . CYS B 1 95 ? -4.979  8.125   8.211   1.00 17.46 ? 95   CYS B CB  1 
ATOM   1480 S SG  . CYS B 1 95 ? -5.420  6.431   7.822   1.00 20.66 ? 95   CYS B SG  1 
ATOM   1481 N N   . THR B 1 96 ? -4.109  6.513   10.994  1.00 16.10 ? 96   THR B N   1 
ATOM   1482 C CA  . THR B 1 96 ? -3.176  5.576   11.596  1.00 16.51 ? 96   THR B CA  1 
ATOM   1483 C C   . THR B 1 96 ? -3.674  4.143   11.408  1.00 17.02 ? 96   THR B C   1 
ATOM   1484 O O   . THR B 1 96 ? -4.837  3.924   11.061  1.00 17.39 ? 96   THR B O   1 
ATOM   1485 C CB  . THR B 1 96 ? -2.985  5.854   13.113  1.00 16.18 ? 96   THR B CB  1 
ATOM   1486 O OG1 . THR B 1 96 ? -4.245  5.746   13.800  1.00 16.97 ? 96   THR B OG1 1 
ATOM   1487 C CG2 . THR B 1 96 ? -2.429  7.245   13.320  1.00 17.09 ? 96   THR B CG2 1 
ATOM   1488 N N   . LEU B 1 97 ? -2.778  3.179   11.615  1.00 17.08 ? 97   LEU B N   1 
ATOM   1489 C CA  . LEU B 1 97 ? -3.113  1.762   11.510  1.00 17.43 ? 97   LEU B CA  1 
ATOM   1490 C C   . LEU B 1 97 ? -3.335  1.299   12.944  1.00 17.72 ? 97   LEU B C   1 
ATOM   1491 O O   . LEU B 1 97 ? -2.594  1.691   13.845  1.00 16.87 ? 97   LEU B O   1 
ATOM   1492 C CB  . LEU B 1 97 ? -1.954  0.977   10.892  1.00 17.60 ? 97   LEU B CB  1 
ATOM   1493 C CG  . LEU B 1 97 ? -1.750  1.031   9.378   1.00 17.98 ? 97   LEU B CG  1 
ATOM   1494 C CD1 . LEU B 1 97 ? -0.415  0.388   9.013   1.00 17.82 ? 97   LEU B CD1 1 
ATOM   1495 C CD2 . LEU B 1 97 ? -2.900  0.313   8.692   1.00 17.90 ? 97   LEU B CD2 1 
ATOM   1496 N N   . ASN B 1 98 ? -4.353  0.478   13.163  1.00 18.78 ? 98   ASN B N   1 
ATOM   1497 C CA  . ASN B 1 98 ? -4.653  0.014   14.506  1.00 20.34 ? 98   ASN B CA  1 
ATOM   1498 C C   . ASN B 1 98 ? -5.092  -1.445  14.553  1.00 21.25 ? 98   ASN B C   1 
ATOM   1499 O O   . ASN B 1 98 ? -5.870  -1.900  13.716  1.00 19.92 ? 98   ASN B O   1 
ATOM   1500 C CB  . ASN B 1 98 ? -5.759  0.879   15.107  1.00 20.18 ? 98   ASN B CB  1 
ATOM   1501 C CG  . ASN B 1 98 ? -5.394  2.349   15.137  1.00 20.39 ? 98   ASN B CG  1 
ATOM   1502 O OD1 . ASN B 1 98 ? -4.928  2.866   16.152  1.00 19.85 ? 98   ASN B OD1 1 
ATOM   1503 N ND2 . ASN B 1 98 ? -5.594  3.023   14.020  1.00 19.58 ? 98   ASN B ND2 1 
ATOM   1504 N N   . PHE B 1 99 ? -4.580  -2.171  15.539  1.00 22.07 ? 99   PHE B N   1 
ATOM   1505 C CA  . PHE B 1 99 ? -4.949  -3.569  15.739  1.00 23.59 ? 99   PHE B CA  1 
ATOM   1506 C C   . PHE B 1 99 ? -4.516  -4.046  17.119  1.00 23.86 ? 99   PHE B C   1 
ATOM   1507 O O   . PHE B 1 99 ? -4.927  -5.169  17.469  1.00 25.32 ? 99   PHE B O   1 
ATOM   1508 C CB  . PHE B 1 99 ? -4.341  -4.475  14.654  1.00 23.70 ? 99   PHE B CB  1 
ATOM   1509 C CG  . PHE B 1 99 ? -2.838  -4.478  14.622  1.00 24.27 ? 99   PHE B CG  1 
ATOM   1510 C CD1 . PHE B 1 99 ? -2.137  -3.473  13.963  1.00 24.02 ? 99   PHE B CD1 1 
ATOM   1511 C CD2 . PHE B 1 99 ? -2.119  -5.497  15.247  1.00 24.34 ? 99   PHE B CD2 1 
ATOM   1512 C CE1 . PHE B 1 99 ? -0.743  -3.482  13.924  1.00 23.81 ? 99   PHE B CE1 1 
ATOM   1513 C CE2 . PHE B 1 99 ? -0.722  -5.513  15.213  1.00 24.22 ? 99   PHE B CE2 1 
ATOM   1514 C CZ  . PHE B 1 99 ? -0.038  -4.502  14.549  1.00 24.71 ? 99   PHE B CZ  1 
HETATM 1515 C C1  . AAU C 2 .  ? 7.521   3.964   -2.547  1.00 17.45 ? 1000 AAU B C1  1 
HETATM 1516 O O2  . AAU C 2 .  ? 6.296   4.695   -2.630  1.00 17.68 ? 1000 AAU B O2  1 
HETATM 1517 C C3  . AAU C 2 .  ? 5.265   4.190   -3.465  1.00 14.19 ? 1000 AAU B C3  1 
HETATM 1518 C C4  . AAU C 2 .  ? 5.234   2.845   -3.987  1.00 13.92 ? 1000 AAU B C4  1 
HETATM 1519 C C5  . AAU C 2 .  ? 4.168   2.415   -4.815  1.00 14.50 ? 1000 AAU B C5  1 
HETATM 1520 C C6  . AAU C 2 .  ? 4.188   1.007   -5.350  1.00 15.63 ? 1000 AAU B C6  1 
HETATM 1521 N N7  . AAU C 2 .  ? 3.389   -0.095  -4.721  1.00 17.73 ? 1000 AAU B N7  1 
HETATM 1522 C C8  . AAU C 2 .  ? 3.114   -0.110  -3.235  1.00 19.83 ? 1000 AAU B C8  1 
HETATM 1523 C C9  . AAU C 2 .  ? 3.866   -1.272  -2.508  1.00 20.35 ? 1000 AAU B C9  1 
HETATM 1524 C C10 . AAU C 2 .  ? 5.351   -1.299  -2.792  1.00 21.93 ? 1000 AAU B C10 1 
HETATM 1525 C C11 . AAU C 2 .  ? 5.878   -2.116  -3.826  1.00 21.95 ? 1000 AAU B C11 1 
HETATM 1526 C C12 . AAU C 2 .  ? 7.271   -2.130  -4.097  1.00 22.47 ? 1000 AAU B C12 1 
HETATM 1527 C C13 . AAU C 2 .  ? 8.153   -1.326  -3.338  1.00 22.55 ? 1000 AAU B C13 1 
HETATM 1528 C C14 . AAU C 2 .  ? 7.648   -0.506  -2.303  1.00 22.67 ? 1000 AAU B C14 1 
HETATM 1529 C C15 . AAU C 2 .  ? 6.253   -0.495  -2.035  1.00 22.42 ? 1000 AAU B C15 1 
HETATM 1530 C C16 . AAU C 2 .  ? 1.577   -0.106  -2.890  1.00 19.91 ? 1000 AAU B C16 1 
HETATM 1531 O O17 . AAU C 2 .  ? 1.461   -0.133  -1.500  1.00 21.54 ? 1000 AAU B O17 1 
HETATM 1532 C C18 . AAU C 2 .  ? 0.728   -1.277  -3.428  1.00 19.92 ? 1000 AAU B C18 1 
HETATM 1533 N N19 . AAU C 2 .  ? 0.793   -1.253  -4.884  1.00 20.35 ? 1000 AAU B N19 1 
HETATM 1534 N N20 . AAU C 2 .  ? 1.809   -1.778  -5.465  1.00 19.15 ? 1000 AAU B N20 1 
HETATM 1535 C C21 . AAU C 2 .  ? 1.730   -3.121  -6.107  1.00 15.87 ? 1000 AAU B C21 1 
HETATM 1536 C C22 . AAU C 2 .  ? 1.081   -4.230  -5.355  1.00 13.68 ? 1000 AAU B C22 1 
HETATM 1537 C C23 . AAU C 2 .  ? 1.832   -4.980  -4.423  1.00 12.23 ? 1000 AAU B C23 1 
HETATM 1538 C C24 . AAU C 2 .  ? 1.225   -6.040  -3.710  1.00 12.16 ? 1000 AAU B C24 1 
HETATM 1539 C C25 . AAU C 2 .  ? -0.133  -6.344  -3.928  1.00 11.79 ? 1000 AAU B C25 1 
HETATM 1540 O O26 . AAU C 2 .  ? -0.700  -7.387  -3.223  1.00 7.29  ? 1000 AAU B O26 1 
HETATM 1541 C C27 . AAU C 2 .  ? -0.918  -5.596  -4.859  1.00 13.21 ? 1000 AAU B C27 1 
HETATM 1542 O O28 . AAU C 2 .  ? -2.263  -5.968  -5.009  1.00 14.36 ? 1000 AAU B O28 1 
HETATM 1543 C C29 . AAU C 2 .  ? -3.159  -5.021  -5.578  1.00 17.38 ? 1000 AAU B C29 1 
HETATM 1544 C C30 . AAU C 2 .  ? -0.282  -4.529  -5.573  1.00 13.71 ? 1000 AAU B C30 1 
HETATM 1545 C C31 . AAU C 2 .  ? 3.012   -1.101  -5.605  1.00 18.18 ? 1000 AAU B C31 1 
HETATM 1546 O O32 . AAU C 2 .  ? 3.770   -1.389  -6.542  1.00 20.46 ? 1000 AAU B O32 1 
HETATM 1547 C C33 . AAU C 2 .  ? -0.124  -0.651  -5.765  1.00 24.03 ? 1000 AAU B C33 1 
HETATM 1548 O O34 . AAU C 2 .  ? 0.282   -0.317  -6.882  1.00 24.45 ? 1000 AAU B O34 1 
HETATM 1549 C C35 . AAU C 2 .  ? -1.642  -0.352  -5.450  1.00 26.41 ? 1000 AAU B C35 1 
HETATM 1550 C C36 . AAU C 2 .  ? -2.423  -0.244  -6.821  1.00 30.45 ? 1000 AAU B C36 1 
HETATM 1551 C C37 . AAU C 2 .  ? -3.170  -1.357  -7.552  1.00 33.28 ? 1000 AAU B C37 1 
HETATM 1552 C C38 . AAU C 2 .  ? -2.400  -2.151  -8.461  1.00 34.34 ? 1000 AAU B C38 1 
HETATM 1553 C C39 . AAU C 2 .  ? -2.985  -3.210  -9.200  1.00 35.52 ? 1000 AAU B C39 1 
HETATM 1554 C C40 . AAU C 2 .  ? -4.351  -3.499  -9.046  1.00 35.13 ? 1000 AAU B C40 1 
HETATM 1555 O O41 . AAU C 2 .  ? -4.899  -4.537  -9.778  1.00 31.07 ? 1000 AAU B O41 1 
HETATM 1556 C C42 . AAU C 2 .  ? -5.139  -2.734  -8.156  1.00 35.16 ? 1000 AAU B C42 1 
HETATM 1557 C C43 . AAU C 2 .  ? -4.549  -1.664  -7.410  1.00 34.19 ? 1000 AAU B C43 1 
HETATM 1558 C C44 . AAU C 2 .  ? 3.131   3.299   -5.132  1.00 14.00 ? 1000 AAU B C44 1 
HETATM 1559 C C45 . AAU C 2 .  ? 3.143   4.630   -4.627  1.00 12.34 ? 1000 AAU B C45 1 
HETATM 1560 C C46 . AAU C 2 .  ? 4.209   5.056   -3.803  1.00 13.20 ? 1000 AAU B C46 1 
HETATM 1561 O O47 . AAU C 2 .  ? 4.198   6.356   -3.325  1.00 9.63  ? 1000 AAU B O47 1 
HETATM 1562 O O   . HOH D 3 .  ? -5.487  -2.847  -3.847  1.00 20.67 ? 100  HOH A O   1 
HETATM 1563 O O   . HOH D 3 .  ? -6.060  -2.633  -1.189  1.00 20.67 ? 101  HOH A O   1 
HETATM 1564 O O   . HOH D 3 .  ? 6.973   8.133   14.669  1.00 20.67 ? 102  HOH A O   1 
HETATM 1565 O O   . HOH D 3 .  ? 13.619  -12.101 -3.941  1.00 20.67 ? 103  HOH A O   1 
HETATM 1566 O O   . HOH D 3 .  ? -10.388 -7.274  10.454  1.00 20.67 ? 104  HOH A O   1 
HETATM 1567 O O   . HOH D 3 .  ? 10.218  5.673   6.555   1.00 20.67 ? 105  HOH A O   1 
HETATM 1568 O O   . HOH D 3 .  ? 5.142   3.743   10.739  1.00 20.67 ? 106  HOH A O   1 
HETATM 1569 O O   . HOH D 3 .  ? 9.045   -11.669 -12.620 1.00 20.67 ? 107  HOH A O   1 
HETATM 1570 O O   . HOH D 3 .  ? 14.046  -19.961 2.881   1.00 20.67 ? 108  HOH A O   1 
HETATM 1571 O O   . HOH D 3 .  ? 2.711   -22.913 7.267   1.00 20.67 ? 109  HOH A O   1 
HETATM 1572 O O   . HOH D 3 .  ? -8.689  -2.417  14.548  1.00 20.67 ? 110  HOH A O   1 
HETATM 1573 O O   . HOH D 3 .  ? -1.256  -13.390 -0.632  1.00 20.67 ? 111  HOH A O   1 
HETATM 1574 O O   . HOH D 3 .  ? 5.176   -20.606 8.765   1.00 20.67 ? 112  HOH A O   1 
HETATM 1575 O O   . HOH D 3 .  ? 0.039   -25.224 3.724   1.00 20.67 ? 113  HOH A O   1 
HETATM 1576 O O   . HOH D 3 .  ? -6.129  -16.322 10.464  1.00 20.67 ? 114  HOH A O   1 
HETATM 1577 O O   . HOH D 3 .  ? 11.651  -5.606  2.816   1.00 20.67 ? 115  HOH A O   1 
HETATM 1578 O O   . HOH D 3 .  ? 1.636   -24.589 0.150   1.00 20.67 ? 116  HOH A O   1 
HETATM 1579 O O   . HOH D 3 .  ? 13.668  -9.399  -4.214  1.00 20.67 ? 117  HOH A O   1 
HETATM 1580 O O   . HOH D 3 .  ? -3.802  -12.966 -10.672 1.00 20.67 ? 118  HOH A O   1 
HETATM 1581 O O   . HOH D 3 .  ? -11.983 5.162   14.594  1.00 20.67 ? 119  HOH A O   1 
HETATM 1582 O O   . HOH D 3 .  ? 3.223   -27.604 -6.229  1.00 20.67 ? 120  HOH A O   1 
HETATM 1583 O O   . HOH D 3 .  ? -1.563  -22.449 -4.333  1.00 20.67 ? 121  HOH A O   1 
HETATM 1584 O O   . HOH D 3 .  ? -2.082  -7.658  -9.675  1.00 20.67 ? 122  HOH A O   1 
HETATM 1585 O O   . HOH D 3 .  ? 7.343   -5.687  14.889  1.00 20.67 ? 123  HOH A O   1 
HETATM 1586 O O   . HOH D 3 .  ? 11.469  -13.081 2.019   1.00 20.67 ? 124  HOH A O   1 
HETATM 1587 O O   . HOH D 3 .  ? 1.922   5.603   17.743  1.00 20.67 ? 125  HOH A O   1 
HETATM 1588 O O   . HOH D 3 .  ? -8.957  -10.945 4.039   1.00 20.67 ? 126  HOH A O   1 
HETATM 1589 O O   . HOH D 3 .  ? -1.771  -20.620 -12.083 1.00 20.67 ? 127  HOH A O   1 
HETATM 1590 O O   . HOH D 3 .  ? -0.780  -25.244 1.134   1.00 20.67 ? 128  HOH A O   1 
HETATM 1591 O O   . HOH D 3 .  ? 9.668   -23.530 -1.626  1.00 20.67 ? 129  HOH A O   1 
HETATM 1592 O O   . HOH D 3 .  ? 11.018  1.393   -1.132  1.00 20.67 ? 130  HOH A O   1 
HETATM 1593 O O   . HOH D 3 .  ? 5.667   -6.190  -16.521 1.00 20.67 ? 131  HOH A O   1 
HETATM 1594 O O   . HOH D 3 .  ? -3.908  -13.137 -1.337  1.00 20.67 ? 132  HOH A O   1 
HETATM 1595 O O   . HOH D 3 .  ? 7.406   -20.053 11.830  1.00 20.67 ? 133  HOH A O   1 
HETATM 1596 O O   . HOH E 3 .  ? 3.146   16.488  1.203   1.00 20.67 ? 1001 HOH B O   1 
HETATM 1597 O O   . HOH E 3 .  ? -11.144 21.224  -5.266  1.00 20.67 ? 1002 HOH B O   1 
HETATM 1598 O O   . HOH E 3 .  ? -13.771 -3.915  4.476   1.00 20.67 ? 1003 HOH B O   1 
HETATM 1599 O O   . HOH E 3 .  ? -7.473  21.218  -5.945  1.00 20.67 ? 1004 HOH B O   1 
HETATM 1600 O O   . HOH E 3 .  ? -12.027 8.121   -10.262 1.00 20.67 ? 1005 HOH B O   1 
HETATM 1601 O O   . HOH E 3 .  ? 11.101  -0.984  -7.668  1.00 20.67 ? 1006 HOH B O   1 
HETATM 1602 O O   . HOH E 3 .  ? -2.580  8.120   -16.245 1.00 20.67 ? 1007 HOH B O   1 
HETATM 1603 O O   . HOH E 3 .  ? 3.021   12.687  -3.094  1.00 20.67 ? 1008 HOH B O   1 
HETATM 1604 O O   . HOH E 3 .  ? -5.753  8.105   13.989  1.00 20.67 ? 1009 HOH B O   1 
HETATM 1605 O O   . HOH E 3 .  ? 6.588   2.480   1.160   1.00 20.67 ? 1010 HOH B O   1 
HETATM 1606 O O   . HOH E 3 .  ? -0.207  8.968   11.154  1.00 20.67 ? 1011 HOH B O   1 
HETATM 1607 O O   . HOH E 3 .  ? 1.087   22.521  2.016   1.00 20.67 ? 1012 HOH B O   1 
HETATM 1608 O O   . HOH E 3 .  ? -9.655  -0.457  -7.158  1.00 20.67 ? 1013 HOH B O   1 
HETATM 1609 O O   . HOH E 3 .  ? 5.012   3.035   3.392   1.00 20.67 ? 1014 HOH B O   1 
HETATM 1610 O O   . HOH E 3 .  ? 3.481   19.996  -0.974  1.00 20.67 ? 1015 HOH B O   1 
HETATM 1611 O O   . HOH E 3 .  ? -16.912 21.420  -8.982  1.00 20.67 ? 1016 HOH B O   1 
HETATM 1612 O O   . HOH E 3 .  ? -12.153 -4.944  -2.925  1.00 20.67 ? 1017 HOH B O   1 
HETATM 1613 O O   . HOH E 3 .  ? 9.550   12.770  -14.275 1.00 20.67 ? 1018 HOH B O   1 
HETATM 1614 O O   . HOH E 3 .  ? -9.632  -5.200  8.685   1.00 20.67 ? 1019 HOH B O   1 
HETATM 1615 O O   . HOH E 3 .  ? -11.143 19.210  6.849   1.00 20.67 ? 1020 HOH B O   1 
HETATM 1616 O O   . HOH E 3 .  ? -7.665  17.100  -15.232 1.00 20.67 ? 1021 HOH B O   1 
HETATM 1617 O O   . HOH E 3 .  ? -17.086 15.718  -9.761  1.00 20.67 ? 1022 HOH B O   1 
HETATM 1618 O O   . HOH E 3 .  ? -4.526  23.234  -5.608  1.00 20.67 ? 1023 HOH B O   1 
HETATM 1619 O O   . HOH E 3 .  ? -9.654  9.345   -11.590 1.00 20.67 ? 1024 HOH B O   1 
HETATM 1620 O O   . HOH E 3 .  ? -11.813 -1.255  2.902   1.00 20.67 ? 1025 HOH B O   1 
HETATM 1621 O O   . HOH E 3 .  ? -15.417 8.372   0.629   1.00 20.67 ? 1026 HOH B O   1 
HETATM 1622 O O   . HOH E 3 .  ? -17.022 18.338  -0.034  1.00 20.67 ? 1027 HOH B O   1 
HETATM 1623 O O   . HOH E 3 .  ? 9.838   23.054  -11.652 1.00 20.67 ? 1028 HOH B O   1 
HETATM 1624 O O   . HOH E 3 .  ? -15.385 22.331  -5.054  1.00 20.67 ? 1029 HOH B O   1 
HETATM 1625 O O   . HOH E 3 .  ? 2.302   16.327  3.909   1.00 20.67 ? 1030 HOH B O   1 
HETATM 1626 O O   . HOH E 3 .  ? -6.583  11.308  -11.490 1.00 20.67 ? 1031 HOH B O   1 
HETATM 1627 O O   . HOH E 3 .  ? -14.906 -0.408  6.886   1.00 20.67 ? 1032 HOH B O   1 
HETATM 1628 O O   . HOH E 3 .  ? 6.764   20.827  -7.711  1.00 20.67 ? 1033 HOH B O   1 
HETATM 1629 O O   . HOH E 3 .  ? 1.325   20.989  -15.802 1.00 20.67 ? 1034 HOH B O   1 
HETATM 1630 O O   . HOH E 3 .  ? -8.844  4.839   -8.678  1.00 20.67 ? 1035 HOH B O   1 
HETATM 1631 O O   . HOH E 3 .  ? -9.178  15.637  -13.312 1.00 20.67 ? 1036 HOH B O   1 
HETATM 1632 O O   . HOH E 3 .  ? 10.386  1.629   -3.766  1.00 20.67 ? 1037 HOH B O   1 
HETATM 1633 O O   . HOH E 3 .  ? 2.403   2.541   -16.068 1.00 20.67 ? 1038 HOH B O   1 
HETATM 1634 O O   . HOH E 3 .  ? -13.644 14.062  -0.352  1.00 20.67 ? 1039 HOH B O   1 
HETATM 1635 O O   . HOH E 3 .  ? -10.188 19.873  -3.097  1.00 20.67 ? 1040 HOH B O   1 
HETATM 1636 O O   . HOH E 3 .  ? -11.591 12.010  -12.940 1.00 20.67 ? 1041 HOH B O   1 
HETATM 1637 O O   . HOH E 3 .  ? -0.887  11.549  11.664  1.00 20.67 ? 1042 HOH B O   1 
HETATM 1638 O O   . HOH E 3 .  ? -8.403  12.861  11.746  1.00 20.67 ? 1043 HOH B O   1 
HETATM 1639 O O   . HOH E 3 .  ? -4.670  18.275  9.385   1.00 20.67 ? 1044 HOH B O   1 
HETATM 1640 O O   . HOH E 3 .  ? 9.945   5.189   -4.670  1.00 20.67 ? 1045 HOH B O   1 
HETATM 1641 O O   . HOH E 3 .  ? -9.831  2.284   -7.971  1.00 20.67 ? 1046 HOH B O   1 
HETATM 1642 O O   . HOH E 3 .  ? -15.257 21.516  -0.211  1.00 20.67 ? 1047 HOH B O   1 
HETATM 1643 O O   . HOH E 3 .  ? -5.135  1.336   18.793  1.00 20.67 ? 1048 HOH B O   1 
HETATM 1644 O O   . HOH E 3 .  ? -8.116  -2.880  -10.340 1.00 20.67 ? 1049 HOH B O   1 
HETATM 1645 O O   . HOH E 3 .  ? -16.284 -4.619  8.303   1.00 20.67 ? 1050 HOH B O   1 
# 
